data_8BGF
#
_entry.id   8BGF
#
_cell.length_a   1.000
_cell.length_b   1.000
_cell.length_c   1.000
_cell.angle_alpha   90.00
_cell.angle_beta   90.00
_cell.angle_gamma   90.00
#
_symmetry.space_group_name_H-M   'P 1'
#
_entity_poly.entity_id   1
_entity_poly.type   'polypeptide(L)'
_entity_poly.pdbx_seq_one_letter_code
;GNDSKKFKGDSRSAGVPSRVIHIRKLPIDVTEGEVISLGLPFGKVTNLLMLKGKNQAFIEMNTEEAANTMVNYYTSVTPV
LRGQPIYIQFSNHKELKTDSSPNQARAQAALQAVNSVQSGNLA
;
_entity_poly.pdbx_strand_id   A
#
# COMPACT_ATOMS: atom_id res chain seq x y z
N GLY A 1 3.49 -15.08 -9.42
CA GLY A 1 3.75 -14.61 -8.07
C GLY A 1 2.60 -14.88 -7.13
N ASN A 2 2.85 -15.72 -6.11
CA ASN A 2 1.81 -16.06 -5.14
C ASN A 2 2.26 -15.69 -3.73
N ASP A 3 3.54 -15.91 -3.45
CA ASP A 3 4.08 -15.61 -2.13
C ASP A 3 5.61 -15.75 -2.12
N SER A 4 6.29 -14.82 -1.46
CA SER A 4 7.74 -14.85 -1.39
C SER A 4 8.21 -15.08 0.04
N LYS A 5 7.54 -15.98 0.75
CA LYS A 5 7.88 -16.28 2.13
C LYS A 5 7.86 -15.02 2.99
N LYS A 6 6.68 -14.70 3.53
CA LYS A 6 6.52 -13.52 4.37
C LYS A 6 6.25 -13.91 5.81
N PHE A 7 7.25 -13.76 6.67
CA PHE A 7 7.12 -14.10 8.08
C PHE A 7 6.84 -15.59 8.25
N LYS A 8 7.89 -16.38 8.40
CA LYS A 8 7.76 -17.81 8.58
C LYS A 8 7.34 -18.16 10.01
N GLY A 9 6.96 -19.41 10.23
CA GLY A 9 6.55 -19.84 11.55
C GLY A 9 5.75 -21.12 11.52
N ASP A 10 4.44 -21.01 11.76
CA ASP A 10 3.56 -22.17 11.75
C ASP A 10 2.36 -21.94 10.85
N SER A 11 1.66 -20.82 11.08
CA SER A 11 0.48 -20.48 10.30
C SER A 11 0.74 -19.26 9.42
N ARG A 12 -0.31 -18.77 8.78
CA ARG A 12 -0.19 -17.60 7.91
C ARG A 12 -1.13 -16.50 8.36
N SER A 13 -0.94 -16.03 9.59
CA SER A 13 -1.78 -14.97 10.15
C SER A 13 -1.38 -13.61 9.58
N ALA A 14 -2.08 -12.57 10.01
CA ALA A 14 -1.80 -11.22 9.55
C ALA A 14 -1.54 -10.28 10.73
N GLY A 15 -0.31 -10.28 11.22
CA GLY A 15 0.05 -9.42 12.34
C GLY A 15 1.54 -9.18 12.44
N VAL A 16 1.95 -7.95 12.22
CA VAL A 16 3.37 -7.58 12.29
C VAL A 16 3.54 -6.15 12.74
N PRO A 17 4.47 -5.94 13.70
CA PRO A 17 4.76 -4.61 14.25
C PRO A 17 5.46 -3.71 13.23
N SER A 18 4.70 -3.18 12.28
CA SER A 18 5.26 -2.30 11.25
C SER A 18 4.22 -1.28 10.80
N ARG A 19 4.54 -0.58 9.71
CA ARG A 19 3.63 0.42 9.17
C ARG A 19 3.40 0.20 7.68
N VAL A 20 4.45 -0.25 6.98
CA VAL A 20 4.35 -0.51 5.55
C VAL A 20 3.56 -1.78 5.27
N ILE A 21 2.61 -1.68 4.35
CA ILE A 21 1.78 -2.83 3.98
C ILE A 21 2.08 -3.30 2.56
N HIS A 22 1.76 -4.56 2.29
CA HIS A 22 2.00 -5.14 0.98
C HIS A 22 0.71 -5.68 0.37
N ILE A 23 0.31 -5.12 -0.76
CA ILE A 23 -0.91 -5.55 -1.44
C ILE A 23 -0.59 -6.30 -2.73
N ARG A 24 -1.36 -7.34 -3.01
CA ARG A 24 -1.16 -8.15 -4.20
C ARG A 24 -2.47 -8.35 -4.95
N LYS A 25 -2.41 -9.03 -6.09
CA LYS A 25 -3.60 -9.30 -6.90
C LYS A 25 -4.32 -8.00 -7.24
N LEU A 26 -3.56 -6.93 -7.44
CA LEU A 26 -4.13 -5.63 -7.77
C LEU A 26 -4.75 -5.65 -9.17
N PRO A 27 -5.70 -4.73 -9.40
CA PRO A 27 -6.38 -4.62 -10.69
C PRO A 27 -5.47 -4.08 -11.79
N ILE A 28 -5.80 -4.41 -13.03
CA ILE A 28 -5.01 -3.97 -14.17
C ILE A 28 -4.99 -2.45 -14.28
N ASP A 29 -6.08 -1.82 -13.87
CA ASP A 29 -6.18 -0.36 -13.91
C ASP A 29 -5.99 0.23 -12.51
N VAL A 30 -5.19 -0.44 -11.69
CA VAL A 30 -4.91 0.01 -10.34
C VAL A 30 -4.24 1.38 -10.34
N THR A 31 -4.66 2.26 -9.44
CA THR A 31 -4.10 3.59 -9.34
C THR A 31 -3.75 3.94 -7.90
N GLU A 32 -3.04 5.05 -7.71
CA GLU A 32 -2.64 5.49 -6.38
C GLU A 32 -3.86 5.81 -5.53
N GLY A 33 -4.81 6.52 -6.11
CA GLY A 33 -6.01 6.89 -5.38
C GLY A 33 -6.68 5.69 -4.71
N GLU A 34 -6.54 4.53 -5.33
CA GLU A 34 -7.12 3.30 -4.80
C GLU A 34 -6.22 2.69 -3.72
N VAL A 35 -4.99 2.38 -4.11
CA VAL A 35 -4.03 1.79 -3.18
C VAL A 35 -3.91 2.62 -1.91
N ILE A 36 -3.69 3.92 -2.07
CA ILE A 36 -3.56 4.82 -0.93
C ILE A 36 -4.83 4.85 -0.11
N SER A 37 -5.97 4.81 -0.79
CA SER A 37 -7.27 4.84 -0.12
C SER A 37 -7.41 3.66 0.84
N LEU A 38 -6.74 2.56 0.51
CA LEU A 38 -6.79 1.36 1.33
C LEU A 38 -6.40 1.67 2.78
N GLY A 39 -5.59 2.71 2.95
CA GLY A 39 -5.15 3.10 4.28
C GLY A 39 -5.43 4.56 4.58
N LEU A 40 -6.38 5.14 3.84
CA LEU A 40 -6.74 6.54 4.04
C LEU A 40 -7.57 6.72 5.30
N PRO A 41 -8.73 6.03 5.35
CA PRO A 41 -9.64 6.10 6.50
C PRO A 41 -9.06 5.41 7.73
N PHE A 42 -8.11 4.50 7.51
CA PHE A 42 -7.49 3.78 8.60
C PHE A 42 -6.37 4.60 9.25
N GLY A 43 -5.68 5.40 8.43
CA GLY A 43 -4.60 6.23 8.93
C GLY A 43 -4.25 7.35 7.97
N LYS A 44 -2.98 7.42 7.60
CA LYS A 44 -2.50 8.46 6.69
C LYS A 44 -1.32 7.96 5.87
N VAL A 45 -1.61 7.42 4.69
CA VAL A 45 -0.57 6.90 3.81
C VAL A 45 0.52 7.95 3.56
N THR A 46 1.77 7.54 3.65
CA THR A 46 2.90 8.45 3.44
C THR A 46 3.68 8.07 2.19
N ASN A 47 3.77 6.77 1.93
CA ASN A 47 4.49 6.27 0.76
C ASN A 47 3.63 5.32 -0.06
N LEU A 48 4.17 4.83 -1.16
CA LEU A 48 3.45 3.92 -2.03
C LEU A 48 4.37 3.32 -3.09
N LEU A 49 4.75 2.06 -2.91
CA LEU A 49 5.62 1.38 -3.85
C LEU A 49 4.82 0.66 -4.93
N MET A 50 4.37 1.43 -5.92
CA MET A 50 3.59 0.88 -7.02
C MET A 50 4.38 -0.20 -7.75
N LEU A 51 3.73 -1.34 -7.99
CA LEU A 51 4.38 -2.45 -8.68
C LEU A 51 3.48 -2.99 -9.80
N LYS A 52 3.07 -2.09 -10.70
CA LYS A 52 2.20 -2.47 -11.81
C LYS A 52 2.79 -3.66 -12.56
N GLY A 53 4.12 -3.76 -12.58
CA GLY A 53 4.78 -4.85 -13.26
C GLY A 53 4.23 -6.20 -12.86
N LYS A 54 3.82 -6.33 -11.60
CA LYS A 54 3.26 -7.57 -11.09
C LYS A 54 1.97 -7.32 -10.33
N ASN A 55 1.25 -6.27 -10.71
CA ASN A 55 0.00 -5.92 -10.06
C ASN A 55 0.13 -5.95 -8.55
N GLN A 56 0.95 -5.04 -8.01
CA GLN A 56 1.17 -4.97 -6.58
C GLN A 56 1.40 -3.52 -6.14
N ALA A 57 1.44 -3.31 -4.83
CA ALA A 57 1.66 -1.97 -4.29
C ALA A 57 1.86 -2.02 -2.77
N PHE A 58 2.41 -0.94 -2.22
CA PHE A 58 2.66 -0.86 -0.78
C PHE A 58 2.06 0.41 -0.19
N ILE A 59 1.96 0.44 1.13
CA ILE A 59 1.40 1.61 1.82
C ILE A 59 2.11 1.84 3.16
N GLU A 60 2.92 2.90 3.21
CA GLU A 60 3.65 3.23 4.42
C GLU A 60 2.83 4.16 5.31
N MET A 61 2.11 3.58 6.26
CA MET A 61 1.29 4.35 7.17
C MET A 61 2.15 5.24 8.08
N ASN A 62 1.54 6.25 8.67
CA ASN A 62 2.25 7.17 9.55
C ASN A 62 2.57 6.50 10.89
N THR A 63 1.67 5.63 11.34
CA THR A 63 1.85 4.93 12.60
C THR A 63 1.56 3.43 12.44
N GLU A 64 2.03 2.65 13.41
CA GLU A 64 1.82 1.20 13.38
C GLU A 64 0.34 0.86 13.53
N GLU A 65 -0.34 1.59 14.41
CA GLU A 65 -1.76 1.37 14.65
C GLU A 65 -2.54 1.37 13.34
N ALA A 66 -2.39 2.44 12.57
CA ALA A 66 -3.08 2.56 11.29
C ALA A 66 -2.87 1.32 10.43
N ALA A 67 -1.62 0.93 10.27
CA ALA A 67 -1.29 -0.25 9.47
C ALA A 67 -1.85 -1.53 10.10
N ASN A 68 -1.98 -1.50 11.43
CA ASN A 68 -2.51 -2.66 12.15
C ASN A 68 -4.02 -2.59 12.25
N THR A 69 -4.64 -1.70 11.47
CA THR A 69 -6.08 -1.54 11.47
C THR A 69 -6.69 -1.95 10.13
N MET A 70 -5.93 -1.75 9.06
CA MET A 70 -6.38 -2.10 7.72
C MET A 70 -6.03 -3.55 7.39
N VAL A 71 -4.86 -3.99 7.84
CA VAL A 71 -4.42 -5.35 7.59
C VAL A 71 -5.14 -6.35 8.51
N ASN A 72 -5.55 -5.87 9.67
CA ASN A 72 -6.25 -6.71 10.63
C ASN A 72 -7.75 -6.73 10.34
N TYR A 73 -8.23 -5.71 9.64
CA TYR A 73 -9.64 -5.63 9.29
C TYR A 73 -9.91 -6.29 7.95
N TYR A 74 -9.16 -5.89 6.94
CA TYR A 74 -9.33 -6.46 5.60
C TYR A 74 -9.13 -7.97 5.61
N THR A 75 -8.30 -8.45 6.53
CA THR A 75 -8.01 -9.87 6.66
C THR A 75 -9.30 -10.68 6.68
N SER A 76 -10.36 -10.08 7.19
CA SER A 76 -11.66 -10.75 7.29
C SER A 76 -12.54 -10.39 6.09
N VAL A 77 -12.36 -9.18 5.56
CA VAL A 77 -13.13 -8.72 4.42
C VAL A 77 -12.32 -8.83 3.12
N THR A 78 -12.80 -8.16 2.08
CA THR A 78 -12.13 -8.18 0.79
C THR A 78 -12.20 -6.82 0.11
N PRO A 79 -11.12 -6.04 0.20
CA PRO A 79 -11.04 -4.72 -0.41
C PRO A 79 -10.99 -4.77 -1.94
N VAL A 80 -12.14 -4.96 -2.55
CA VAL A 80 -12.24 -5.02 -4.01
C VAL A 80 -11.88 -3.69 -4.64
N LEU A 81 -11.10 -3.74 -5.72
CA LEU A 81 -10.69 -2.54 -6.42
C LEU A 81 -10.89 -2.69 -7.93
N ARG A 82 -11.71 -1.80 -8.50
CA ARG A 82 -11.99 -1.84 -9.93
C ARG A 82 -12.70 -3.13 -10.32
N GLY A 83 -13.51 -3.66 -9.39
CA GLY A 83 -14.23 -4.88 -9.66
C GLY A 83 -13.34 -6.10 -9.60
N GLN A 84 -12.38 -6.09 -8.67
CA GLN A 84 -11.46 -7.21 -8.52
C GLN A 84 -10.85 -7.22 -7.11
N PRO A 85 -10.92 -8.38 -6.44
CA PRO A 85 -10.37 -8.54 -5.09
C PRO A 85 -8.86 -8.51 -5.08
N ILE A 86 -8.29 -7.95 -4.01
CA ILE A 86 -6.84 -7.86 -3.87
C ILE A 86 -6.36 -8.59 -2.62
N TYR A 87 -5.08 -8.44 -2.31
CA TYR A 87 -4.49 -9.08 -1.13
C TYR A 87 -4.01 -8.05 -0.13
N ILE A 88 -4.07 -8.40 1.15
CA ILE A 88 -3.65 -7.50 2.21
C ILE A 88 -2.76 -8.23 3.22
N GLN A 89 -1.58 -7.67 3.47
CA GLN A 89 -0.63 -8.26 4.41
C GLN A 89 0.56 -7.35 4.65
N PHE A 90 0.98 -7.24 5.90
CA PHE A 90 2.11 -6.39 6.26
C PHE A 90 3.31 -6.69 5.39
N SER A 91 4.06 -5.65 5.03
CA SER A 91 5.24 -5.81 4.18
C SER A 91 6.46 -6.20 5.02
N ASN A 92 7.45 -6.79 4.37
CA ASN A 92 8.67 -7.22 5.05
C ASN A 92 9.46 -6.00 5.53
N HIS A 93 9.54 -4.98 4.69
CA HIS A 93 10.26 -3.76 5.04
C HIS A 93 9.49 -2.92 6.04
N LYS A 94 10.17 -1.97 6.67
CA LYS A 94 9.53 -1.10 7.65
C LYS A 94 9.96 0.36 7.45
N GLU A 95 10.15 0.73 6.18
CA GLU A 95 10.55 2.09 5.86
C GLU A 95 10.70 2.27 4.34
N LEU A 96 9.59 2.63 3.69
CA LEU A 96 9.59 2.82 2.24
C LEU A 96 10.29 4.12 1.87
N LYS A 97 11.32 4.00 1.04
CA LYS A 97 12.09 5.17 0.60
C LYS A 97 12.20 5.20 -0.93
N THR A 98 11.06 5.18 -1.59
CA THR A 98 11.02 5.21 -3.05
C THR A 98 11.58 6.52 -3.59
N ASP A 99 12.58 6.42 -4.46
CA ASP A 99 13.20 7.60 -5.05
C ASP A 99 13.90 7.24 -6.35
N SER A 100 13.66 8.04 -7.39
CA SER A 100 14.26 7.82 -8.70
C SER A 100 13.90 6.43 -9.23
N SER A 101 12.72 6.32 -9.81
CA SER A 101 12.26 5.05 -10.36
C SER A 101 11.09 5.25 -11.32
N PRO A 102 10.84 4.25 -12.17
CA PRO A 102 9.76 4.30 -13.16
C PRO A 102 8.38 4.22 -12.51
N ASN A 103 8.27 3.41 -11.45
CA ASN A 103 7.01 3.24 -10.75
C ASN A 103 6.98 4.09 -9.49
N GLN A 104 7.53 5.31 -9.57
CA GLN A 104 7.56 6.22 -8.44
C GLN A 104 7.08 7.61 -8.84
N ALA A 105 7.49 8.05 -10.03
CA ALA A 105 7.11 9.36 -10.54
C ALA A 105 5.59 9.52 -10.54
N ARG A 106 4.89 8.44 -10.83
CA ARG A 106 3.42 8.46 -10.86
C ARG A 106 2.85 8.07 -9.51
N ALA A 107 3.41 8.63 -8.45
CA ALA A 107 2.94 8.34 -7.09
C ALA A 107 2.80 9.62 -6.28
N GLN A 108 3.80 10.50 -6.39
CA GLN A 108 3.78 11.76 -5.66
C GLN A 108 2.56 12.59 -6.02
N ALA A 109 2.16 12.52 -7.29
CA ALA A 109 0.99 13.26 -7.76
C ALA A 109 -0.22 13.00 -6.87
N ALA A 110 -0.41 11.74 -6.48
CA ALA A 110 -1.53 11.36 -5.64
C ALA A 110 -1.35 11.90 -4.22
N LEU A 111 -0.18 11.66 -3.65
CA LEU A 111 0.12 12.12 -2.29
C LEU A 111 -0.06 13.63 -2.17
N GLN A 112 0.33 14.35 -3.21
CA GLN A 112 0.21 15.80 -3.22
C GLN A 112 -1.22 16.22 -3.54
N ALA A 113 -1.85 15.51 -4.47
CA ALA A 113 -3.22 15.81 -4.87
C ALA A 113 -4.14 15.84 -3.66
N VAL A 114 -4.21 14.72 -2.94
CA VAL A 114 -5.06 14.62 -1.76
C VAL A 114 -4.73 15.71 -0.75
N ASN A 115 -3.44 16.05 -0.65
CA ASN A 115 -2.99 17.08 0.28
C ASN A 115 -3.53 18.45 -0.13
N SER A 116 -3.06 18.95 -1.27
CA SER A 116 -3.48 20.25 -1.78
C SER A 116 -3.58 20.25 -3.30
N VAL A 117 -3.99 21.37 -3.86
CA VAL A 117 -4.11 21.50 -5.31
C VAL A 117 -3.56 22.83 -5.80
N GLN A 118 -2.96 22.82 -6.98
CA GLN A 118 -2.39 24.02 -7.56
C GLN A 118 -2.44 23.97 -9.09
N SER A 119 -1.99 22.86 -9.65
CA SER A 119 -1.97 22.68 -11.10
C SER A 119 -1.13 23.75 -11.77
N GLY A 120 -1.15 23.79 -13.09
CA GLY A 120 -0.39 24.76 -13.83
C GLY A 120 1.11 24.52 -13.75
N ASN A 121 1.62 23.70 -14.66
CA ASN A 121 3.04 23.37 -14.68
C ASN A 121 3.70 23.91 -15.96
N LEU A 122 2.96 23.88 -17.06
CA LEU A 122 3.46 24.36 -18.34
C LEU A 122 4.75 23.64 -18.71
N ALA A 123 4.62 22.52 -19.41
CA ALA A 123 5.77 21.74 -19.84
C ALA A 123 6.14 22.05 -21.29
N GLY A 1 7.73 -10.40 -7.37
CA GLY A 1 8.68 -11.18 -8.15
C GLY A 1 9.97 -11.41 -7.42
N ASN A 2 10.64 -10.33 -7.02
CA ASN A 2 11.91 -10.44 -6.31
C ASN A 2 11.94 -9.47 -5.12
N ASP A 3 10.80 -9.32 -4.46
CA ASP A 3 10.69 -8.43 -3.31
C ASP A 3 9.93 -9.10 -2.17
N SER A 4 9.97 -8.48 -0.99
CA SER A 4 9.30 -9.02 0.18
C SER A 4 9.73 -10.45 0.44
N LYS A 5 10.88 -10.61 1.10
CA LYS A 5 11.40 -11.93 1.42
C LYS A 5 12.39 -11.86 2.58
N LYS A 6 11.87 -11.78 3.80
CA LYS A 6 12.70 -11.70 5.00
C LYS A 6 12.04 -12.41 6.17
N PHE A 7 10.81 -12.02 6.46
CA PHE A 7 10.06 -12.62 7.57
C PHE A 7 9.67 -14.06 7.24
N LYS A 8 10.44 -15.00 7.78
CA LYS A 8 10.17 -16.42 7.54
C LYS A 8 10.07 -17.18 8.87
N GLY A 9 8.97 -17.89 9.05
CA GLY A 9 8.77 -18.65 10.28
C GLY A 9 7.33 -19.07 10.48
N ASP A 10 7.07 -19.78 11.57
CA ASP A 10 5.72 -20.24 11.88
C ASP A 10 4.90 -19.12 12.51
N SER A 11 4.60 -18.10 11.72
CA SER A 11 3.82 -16.96 12.21
C SER A 11 2.41 -16.99 11.64
N ARG A 12 2.30 -16.90 10.32
CA ARG A 12 1.00 -16.91 9.65
C ARG A 12 0.12 -15.76 10.15
N SER A 13 -1.15 -15.79 9.77
CA SER A 13 -2.09 -14.75 10.17
C SER A 13 -1.68 -13.40 9.59
N ALA A 14 -2.39 -12.35 10.01
CA ALA A 14 -2.10 -11.00 9.53
C ALA A 14 -1.85 -10.06 10.71
N GLY A 15 -0.62 -10.08 11.23
CA GLY A 15 -0.28 -9.23 12.34
C GLY A 15 1.22 -9.02 12.47
N VAL A 16 1.68 -7.79 12.25
CA VAL A 16 3.09 -7.47 12.34
C VAL A 16 3.30 -6.02 12.78
N PRO A 17 4.20 -5.82 13.76
CA PRO A 17 4.51 -4.50 14.29
C PRO A 17 5.26 -3.63 13.29
N SER A 18 4.53 -3.09 12.32
CA SER A 18 5.12 -2.25 11.29
C SER A 18 4.13 -1.21 10.79
N ARG A 19 4.48 -0.51 9.72
CA ARG A 19 3.61 0.50 9.14
C ARG A 19 3.41 0.26 7.65
N VAL A 20 4.44 -0.24 6.99
CA VAL A 20 4.37 -0.52 5.56
C VAL A 20 3.55 -1.78 5.29
N ILE A 21 2.64 -1.68 4.33
CA ILE A 21 1.79 -2.82 3.97
C ILE A 21 2.10 -3.30 2.56
N HIS A 22 1.76 -4.56 2.28
CA HIS A 22 2.00 -5.15 0.97
C HIS A 22 0.70 -5.68 0.37
N ILE A 23 0.32 -5.14 -0.78
CA ILE A 23 -0.91 -5.55 -1.45
C ILE A 23 -0.59 -6.30 -2.75
N ARG A 24 -1.37 -7.34 -3.03
CA ARG A 24 -1.18 -8.13 -4.24
C ARG A 24 -2.50 -8.33 -4.97
N LYS A 25 -2.45 -9.07 -6.07
CA LYS A 25 -3.64 -9.34 -6.88
C LYS A 25 -4.35 -8.04 -7.23
N LEU A 26 -3.58 -6.99 -7.46
CA LEU A 26 -4.14 -5.68 -7.81
C LEU A 26 -4.73 -5.70 -9.21
N PRO A 27 -5.68 -4.79 -9.47
CA PRO A 27 -6.34 -4.68 -10.77
C PRO A 27 -5.41 -4.16 -11.86
N ILE A 28 -5.73 -4.48 -13.11
CA ILE A 28 -4.91 -4.03 -14.24
C ILE A 28 -4.88 -2.51 -14.32
N ASP A 29 -5.99 -1.88 -13.94
CA ASP A 29 -6.08 -0.42 -13.97
C ASP A 29 -5.90 0.16 -12.57
N VAL A 30 -5.12 -0.52 -11.74
CA VAL A 30 -4.87 -0.07 -10.39
C VAL A 30 -4.17 1.29 -10.38
N THR A 31 -4.61 2.17 -9.48
CA THR A 31 -4.02 3.50 -9.37
C THR A 31 -3.63 3.81 -7.93
N GLU A 32 -2.91 4.92 -7.74
CA GLU A 32 -2.48 5.32 -6.41
C GLU A 32 -3.68 5.67 -5.53
N GLY A 33 -4.61 6.44 -6.09
CA GLY A 33 -5.80 6.82 -5.35
C GLY A 33 -6.50 5.64 -4.71
N GLU A 34 -6.40 4.48 -5.35
CA GLU A 34 -7.03 3.27 -4.84
C GLU A 34 -6.19 2.66 -3.72
N VAL A 35 -4.93 2.38 -4.02
CA VAL A 35 -4.02 1.79 -3.04
C VAL A 35 -3.93 2.65 -1.79
N ILE A 36 -3.65 3.93 -1.98
CA ILE A 36 -3.54 4.86 -0.85
C ILE A 36 -4.83 4.90 -0.04
N SER A 37 -5.96 4.84 -0.74
CA SER A 37 -7.25 4.87 -0.07
C SER A 37 -7.41 3.68 0.88
N LEU A 38 -6.74 2.58 0.56
CA LEU A 38 -6.80 1.38 1.39
C LEU A 38 -6.41 1.70 2.83
N GLY A 39 -5.59 2.73 3.01
CA GLY A 39 -5.15 3.12 4.33
C GLY A 39 -5.43 4.58 4.63
N LEU A 40 -6.37 5.17 3.89
CA LEU A 40 -6.73 6.56 4.08
C LEU A 40 -7.56 6.75 5.35
N PRO A 41 -8.71 6.05 5.40
CA PRO A 41 -9.62 6.12 6.55
C PRO A 41 -9.03 5.44 7.79
N PHE A 42 -8.10 4.53 7.57
CA PHE A 42 -7.47 3.80 8.66
C PHE A 42 -6.35 4.63 9.30
N GLY A 43 -5.68 5.42 8.47
CA GLY A 43 -4.60 6.26 8.96
C GLY A 43 -4.22 7.37 7.99
N LYS A 44 -2.96 7.41 7.61
CA LYS A 44 -2.47 8.43 6.67
C LYS A 44 -1.29 7.90 5.86
N VAL A 45 -1.58 7.39 4.67
CA VAL A 45 -0.54 6.86 3.80
C VAL A 45 0.55 7.90 3.55
N THR A 46 1.81 7.47 3.66
CA THR A 46 2.94 8.35 3.44
C THR A 46 3.68 8.00 2.16
N ASN A 47 3.75 6.71 1.85
CA ASN A 47 4.44 6.24 0.66
C ASN A 47 3.55 5.27 -0.12
N LEU A 48 3.99 4.91 -1.33
CA LEU A 48 3.24 3.99 -2.17
C LEU A 48 4.14 3.42 -3.28
N LEU A 49 4.57 2.18 -3.11
CA LEU A 49 5.42 1.52 -4.09
C LEU A 49 4.58 0.77 -5.12
N MET A 50 4.01 1.52 -6.06
CA MET A 50 3.19 0.92 -7.11
C MET A 50 4.01 -0.04 -7.97
N LEU A 51 3.65 -1.32 -7.90
CA LEU A 51 4.36 -2.35 -8.67
C LEU A 51 3.46 -2.91 -9.77
N LYS A 52 2.97 -2.03 -10.63
CA LYS A 52 2.10 -2.45 -11.73
C LYS A 52 2.73 -3.60 -12.52
N GLY A 53 4.06 -3.63 -12.55
CA GLY A 53 4.76 -4.67 -13.27
C GLY A 53 4.28 -6.07 -12.90
N LYS A 54 3.87 -6.22 -11.64
CA LYS A 54 3.39 -7.51 -11.15
C LYS A 54 2.09 -7.33 -10.37
N ASN A 55 1.31 -6.32 -10.73
CA ASN A 55 0.05 -6.05 -10.07
C ASN A 55 0.22 -6.07 -8.55
N GLN A 56 0.98 -5.12 -8.03
CA GLN A 56 1.22 -5.03 -6.59
C GLN A 56 1.40 -3.58 -6.16
N ALA A 57 1.45 -3.36 -4.85
CA ALA A 57 1.62 -2.02 -4.31
C ALA A 57 1.87 -2.07 -2.80
N PHE A 58 2.37 -0.97 -2.25
CA PHE A 58 2.65 -0.89 -0.82
C PHE A 58 2.06 0.40 -0.22
N ILE A 59 1.95 0.42 1.10
CA ILE A 59 1.41 1.58 1.79
C ILE A 59 2.12 1.81 3.13
N GLU A 60 2.88 2.89 3.19
CA GLU A 60 3.62 3.22 4.41
C GLU A 60 2.80 4.14 5.30
N MET A 61 2.09 3.56 6.26
CA MET A 61 1.26 4.33 7.18
C MET A 61 2.12 5.22 8.07
N ASN A 62 1.50 6.22 8.69
CA ASN A 62 2.21 7.14 9.57
C ASN A 62 2.53 6.47 10.91
N THR A 63 1.64 5.60 11.36
CA THR A 63 1.82 4.90 12.62
C THR A 63 1.52 3.42 12.47
N GLU A 64 2.03 2.62 13.41
CA GLU A 64 1.82 1.17 13.38
C GLU A 64 0.34 0.84 13.55
N GLU A 65 -0.33 1.58 14.43
CA GLU A 65 -1.75 1.35 14.69
C GLU A 65 -2.54 1.35 13.39
N ALA A 66 -2.42 2.43 12.62
CA ALA A 66 -3.13 2.55 11.35
C ALA A 66 -2.90 1.31 10.48
N ALA A 67 -1.64 0.91 10.34
CA ALA A 67 -1.30 -0.26 9.53
C ALA A 67 -1.87 -1.52 10.15
N ASN A 68 -2.01 -1.53 11.47
CA ASN A 68 -2.53 -2.69 12.18
C ASN A 68 -4.06 -2.63 12.28
N THR A 69 -4.66 -1.72 11.51
CA THR A 69 -6.10 -1.55 11.50
C THR A 69 -6.69 -1.95 10.15
N MET A 70 -5.93 -1.75 9.10
CA MET A 70 -6.38 -2.09 7.75
C MET A 70 -6.03 -3.54 7.41
N VAL A 71 -4.86 -3.98 7.86
CA VAL A 71 -4.41 -5.35 7.61
C VAL A 71 -5.13 -6.34 8.52
N ASN A 72 -5.55 -5.86 9.69
CA ASN A 72 -6.24 -6.71 10.65
C ASN A 72 -7.75 -6.74 10.36
N TYR A 73 -8.22 -5.72 9.66
CA TYR A 73 -9.64 -5.63 9.31
C TYR A 73 -9.91 -6.30 7.97
N TYR A 74 -9.16 -5.90 6.95
CA TYR A 74 -9.32 -6.46 5.61
C TYR A 74 -9.12 -7.96 5.62
N THR A 75 -8.29 -8.43 6.55
CA THR A 75 -8.00 -9.86 6.66
C THR A 75 -9.29 -10.68 6.68
N SER A 76 -10.36 -10.08 7.20
CA SER A 76 -11.65 -10.75 7.28
C SER A 76 -12.53 -10.39 6.09
N VAL A 77 -12.35 -9.18 5.57
CA VAL A 77 -13.12 -8.71 4.43
C VAL A 77 -12.32 -8.82 3.15
N THR A 78 -12.79 -8.14 2.10
CA THR A 78 -12.12 -8.16 0.81
C THR A 78 -12.20 -6.79 0.13
N PRO A 79 -11.11 -6.02 0.22
CA PRO A 79 -11.03 -4.69 -0.38
C PRO A 79 -10.98 -4.74 -1.90
N VAL A 80 -12.14 -4.91 -2.53
CA VAL A 80 -12.22 -4.98 -3.98
C VAL A 80 -11.86 -3.63 -4.61
N LEU A 81 -11.11 -3.70 -5.71
CA LEU A 81 -10.70 -2.49 -6.42
C LEU A 81 -10.88 -2.64 -7.92
N ARG A 82 -11.67 -1.75 -8.51
CA ARG A 82 -11.92 -1.79 -9.95
C ARG A 82 -12.64 -3.07 -10.34
N GLY A 83 -13.47 -3.59 -9.42
CA GLY A 83 -14.20 -4.81 -9.68
C GLY A 83 -13.32 -6.04 -9.62
N GLN A 84 -12.39 -6.05 -8.67
CA GLN A 84 -11.48 -7.18 -8.50
C GLN A 84 -10.87 -7.18 -7.12
N PRO A 85 -10.92 -8.34 -6.44
CA PRO A 85 -10.37 -8.50 -5.09
C PRO A 85 -8.85 -8.45 -5.08
N ILE A 86 -8.29 -7.96 -3.98
CA ILE A 86 -6.84 -7.86 -3.85
C ILE A 86 -6.36 -8.59 -2.60
N TYR A 87 -5.07 -8.44 -2.29
CA TYR A 87 -4.49 -9.08 -1.12
C TYR A 87 -4.01 -8.03 -0.11
N ILE A 88 -4.06 -8.39 1.17
CA ILE A 88 -3.63 -7.49 2.22
C ILE A 88 -2.75 -8.21 3.24
N GLN A 89 -1.56 -7.67 3.47
CA GLN A 89 -0.61 -8.26 4.41
C GLN A 89 0.57 -7.33 4.65
N PHE A 90 0.98 -7.22 5.91
CA PHE A 90 2.10 -6.36 6.28
C PHE A 90 3.32 -6.66 5.41
N SER A 91 4.07 -5.62 5.06
CA SER A 91 5.25 -5.78 4.23
C SER A 91 6.48 -6.08 5.09
N ASN A 92 7.53 -6.61 4.45
CA ASN A 92 8.75 -6.94 5.15
C ASN A 92 9.87 -5.96 4.81
N HIS A 93 9.51 -4.70 4.64
CA HIS A 93 10.47 -3.66 4.30
C HIS A 93 10.49 -2.57 5.37
N LYS A 94 9.30 -2.16 5.81
CA LYS A 94 9.18 -1.13 6.83
C LYS A 94 9.98 0.11 6.44
N GLU A 95 10.09 0.36 5.14
CA GLU A 95 10.83 1.51 4.64
C GLU A 95 10.73 1.61 3.13
N LEU A 96 9.52 1.82 2.63
CA LEU A 96 9.27 1.93 1.19
C LEU A 96 10.22 2.94 0.56
N LYS A 97 10.95 2.51 -0.46
CA LYS A 97 11.89 3.38 -1.16
C LYS A 97 11.79 3.20 -2.67
N THR A 98 11.96 4.28 -3.41
CA THR A 98 11.89 4.24 -4.86
C THR A 98 12.87 5.22 -5.49
N ASP A 99 13.10 5.08 -6.79
CA ASP A 99 14.02 5.95 -7.51
C ASP A 99 13.28 6.76 -8.58
N SER A 100 14.03 7.44 -9.43
CA SER A 100 13.45 8.26 -10.49
C SER A 100 13.13 7.41 -11.72
N SER A 101 11.84 7.36 -12.08
CA SER A 101 11.40 6.58 -13.23
C SER A 101 10.00 6.99 -13.65
N PRO A 102 9.64 6.66 -14.90
CA PRO A 102 8.31 6.97 -15.45
C PRO A 102 7.20 6.15 -14.80
N ASN A 103 6.86 6.48 -13.57
CA ASN A 103 5.82 5.77 -12.84
C ASN A 103 5.64 6.36 -11.43
N GLN A 104 6.75 6.76 -10.82
CA GLN A 104 6.72 7.34 -9.48
C GLN A 104 6.45 8.83 -9.53
N ALA A 105 6.98 9.49 -10.56
CA ALA A 105 6.79 10.93 -10.72
C ALA A 105 5.31 11.30 -10.65
N ARG A 106 4.46 10.45 -11.23
CA ARG A 106 3.03 10.69 -11.23
C ARG A 106 2.40 10.20 -9.92
N ALA A 107 2.91 9.10 -9.39
CA ALA A 107 2.40 8.53 -8.15
C ALA A 107 2.62 9.49 -6.99
N GLN A 108 3.74 10.21 -7.01
CA GLN A 108 4.06 11.15 -5.95
C GLN A 108 3.31 12.48 -6.15
N ALA A 109 1.98 12.39 -6.19
CA ALA A 109 1.15 13.57 -6.37
C ALA A 109 -0.27 13.32 -5.87
N ALA A 110 -0.84 12.20 -6.27
CA ALA A 110 -2.20 11.84 -5.86
C ALA A 110 -2.34 11.88 -4.34
N LEU A 111 -1.28 11.49 -3.64
CA LEU A 111 -1.29 11.48 -2.18
C LEU A 111 -1.63 12.86 -1.63
N GLN A 112 -0.98 13.88 -2.17
CA GLN A 112 -1.21 15.25 -1.74
C GLN A 112 -2.54 15.77 -2.27
N ALA A 113 -2.89 15.37 -3.48
CA ALA A 113 -4.13 15.80 -4.11
C ALA A 113 -5.32 15.54 -3.19
N VAL A 114 -5.27 14.42 -2.47
CA VAL A 114 -6.34 14.06 -1.56
C VAL A 114 -6.28 14.89 -0.28
N ASN A 115 -5.07 15.17 0.18
CA ASN A 115 -4.87 15.96 1.39
C ASN A 115 -4.25 17.31 1.06
N SER A 116 -5.09 18.27 0.69
CA SER A 116 -4.62 19.61 0.35
C SER A 116 -3.74 20.18 1.46
N VAL A 117 -2.50 20.50 1.12
CA VAL A 117 -1.57 21.05 2.09
C VAL A 117 -1.07 22.43 1.67
N GLN A 118 -0.93 22.62 0.36
CA GLN A 118 -0.47 23.89 -0.19
C GLN A 118 -1.64 24.70 -0.73
N SER A 119 -2.34 24.13 -1.71
CA SER A 119 -3.48 24.81 -2.32
C SER A 119 -4.43 23.80 -2.96
N GLY A 120 -5.73 24.06 -2.82
CA GLY A 120 -6.73 23.17 -3.39
C GLY A 120 -8.10 23.81 -3.47
N ASN A 121 -9.06 23.06 -4.00
CA ASN A 121 -10.42 23.56 -4.14
C ASN A 121 -11.08 23.76 -2.78
N LEU A 122 -12.06 24.65 -2.73
CA LEU A 122 -12.76 24.94 -1.48
C LEU A 122 -11.80 25.44 -0.41
N ALA A 123 -12.31 25.65 0.79
CA ALA A 123 -11.49 26.13 1.91
C ALA A 123 -11.28 25.03 2.95
N GLY A 1 16.89 -26.60 27.36
CA GLY A 1 16.42 -25.30 26.92
C GLY A 1 15.16 -24.86 27.65
N ASN A 2 14.43 -23.93 27.06
CA ASN A 2 13.20 -23.43 27.67
C ASN A 2 11.99 -23.79 26.80
N ASP A 3 12.13 -23.63 25.50
CA ASP A 3 11.05 -23.94 24.56
C ASP A 3 9.78 -23.19 24.94
N SER A 4 9.86 -21.86 24.94
CA SER A 4 8.71 -21.03 25.30
C SER A 4 8.01 -20.51 24.04
N LYS A 5 8.79 -19.90 23.15
CA LYS A 5 8.26 -19.35 21.92
C LYS A 5 9.36 -19.12 20.89
N LYS A 6 9.01 -19.17 19.62
CA LYS A 6 9.97 -18.96 18.54
C LYS A 6 9.54 -17.83 17.62
N PHE A 7 8.33 -17.96 17.06
CA PHE A 7 7.79 -16.95 16.16
C PHE A 7 8.75 -16.68 15.01
N LYS A 8 8.84 -17.63 14.09
CA LYS A 8 9.72 -17.49 12.94
C LYS A 8 8.94 -17.04 11.70
N GLY A 9 7.86 -17.75 11.40
CA GLY A 9 7.04 -17.40 10.25
C GLY A 9 6.46 -18.61 9.56
N ASP A 10 5.92 -19.53 10.35
CA ASP A 10 5.32 -20.75 9.81
C ASP A 10 3.89 -20.50 9.35
N SER A 11 3.04 -20.07 10.27
CA SER A 11 1.64 -19.79 9.95
C SER A 11 1.48 -18.38 9.38
N ARG A 12 1.87 -17.39 10.18
CA ARG A 12 1.77 -15.99 9.75
C ARG A 12 0.35 -15.66 9.30
N SER A 13 -0.52 -15.35 10.25
CA SER A 13 -1.91 -15.03 9.95
C SER A 13 -2.01 -13.62 9.34
N ALA A 14 -1.86 -12.61 10.20
CA ALA A 14 -1.94 -11.23 9.76
C ALA A 14 -1.67 -10.26 10.91
N GLY A 15 -0.43 -10.26 11.39
CA GLY A 15 -0.07 -9.38 12.49
C GLY A 15 1.43 -9.16 12.59
N VAL A 16 1.86 -7.92 12.34
CA VAL A 16 3.27 -7.58 12.40
C VAL A 16 3.47 -6.14 12.84
N PRO A 17 4.39 -5.93 13.80
CA PRO A 17 4.70 -4.60 14.32
C PRO A 17 5.42 -3.72 13.30
N SER A 18 4.65 -3.19 12.34
CA SER A 18 5.22 -2.34 11.31
C SER A 18 4.20 -1.30 10.84
N ARG A 19 4.51 -0.62 9.74
CA ARG A 19 3.63 0.40 9.20
C ARG A 19 3.38 0.17 7.70
N VAL A 20 4.42 -0.31 7.02
CA VAL A 20 4.31 -0.57 5.59
C VAL A 20 3.51 -1.84 5.32
N ILE A 21 2.56 -1.75 4.40
CA ILE A 21 1.72 -2.89 4.05
C ILE A 21 2.04 -3.40 2.64
N HIS A 22 1.70 -4.65 2.38
CA HIS A 22 1.94 -5.25 1.07
C HIS A 22 0.65 -5.82 0.48
N ILE A 23 0.26 -5.31 -0.68
CA ILE A 23 -0.95 -5.77 -1.35
C ILE A 23 -0.62 -6.44 -2.68
N ARG A 24 -1.32 -7.54 -2.95
CA ARG A 24 -1.10 -8.29 -4.19
C ARG A 24 -2.42 -8.50 -4.93
N LYS A 25 -2.33 -9.10 -6.11
CA LYS A 25 -3.52 -9.36 -6.92
C LYS A 25 -4.26 -8.07 -7.25
N LEU A 26 -3.49 -7.00 -7.44
CA LEU A 26 -4.07 -5.70 -7.76
C LEU A 26 -4.67 -5.70 -9.17
N PRO A 27 -5.64 -4.79 -9.40
CA PRO A 27 -6.29 -4.67 -10.70
C PRO A 27 -5.37 -4.10 -11.78
N ILE A 28 -5.64 -4.44 -13.03
CA ILE A 28 -4.83 -3.97 -14.14
C ILE A 28 -4.83 -2.45 -14.21
N ASP A 29 -5.94 -1.84 -13.79
CA ASP A 29 -6.07 -0.39 -13.80
C ASP A 29 -5.86 0.19 -12.40
N VAL A 30 -5.04 -0.49 -11.61
CA VAL A 30 -4.75 -0.05 -10.26
C VAL A 30 -3.97 1.26 -10.25
N THR A 31 -4.37 2.18 -9.38
CA THR A 31 -3.70 3.48 -9.27
C THR A 31 -3.43 3.84 -7.82
N GLU A 32 -2.69 4.93 -7.61
CA GLU A 32 -2.36 5.38 -6.27
C GLU A 32 -3.62 5.70 -5.47
N GLY A 33 -4.56 6.40 -6.10
CA GLY A 33 -5.80 6.76 -5.43
C GLY A 33 -6.47 5.55 -4.80
N GLU A 34 -6.29 4.38 -5.41
CA GLU A 34 -6.89 3.15 -4.90
C GLU A 34 -6.05 2.57 -3.77
N VAL A 35 -4.79 2.25 -4.07
CA VAL A 35 -3.89 1.68 -3.08
C VAL A 35 -3.84 2.54 -1.82
N ILE A 36 -3.57 3.83 -2.00
CA ILE A 36 -3.49 4.76 -0.88
C ILE A 36 -4.79 4.77 -0.09
N SER A 37 -5.92 4.70 -0.81
CA SER A 37 -7.23 4.71 -0.18
C SER A 37 -7.37 3.54 0.79
N LEU A 38 -6.67 2.44 0.50
CA LEU A 38 -6.72 1.26 1.35
C LEU A 38 -6.36 1.60 2.79
N GLY A 39 -5.56 2.65 2.97
CA GLY A 39 -5.16 3.07 4.30
C GLY A 39 -5.46 4.53 4.56
N LEU A 40 -6.38 5.09 3.78
CA LEU A 40 -6.75 6.50 3.93
C LEU A 40 -7.61 6.70 5.18
N PRO A 41 -8.76 6.01 5.23
CA PRO A 41 -9.69 6.10 6.36
C PRO A 41 -9.13 5.45 7.62
N PHE A 42 -8.18 4.54 7.44
CA PHE A 42 -7.57 3.84 8.55
C PHE A 42 -6.46 4.69 9.19
N GLY A 43 -5.76 5.46 8.37
CA GLY A 43 -4.69 6.30 8.87
C GLY A 43 -4.32 7.40 7.89
N LYS A 44 -3.05 7.47 7.54
CA LYS A 44 -2.56 8.49 6.61
C LYS A 44 -1.36 7.97 5.82
N VAL A 45 -1.63 7.38 4.66
CA VAL A 45 -0.58 6.85 3.81
C VAL A 45 0.50 7.89 3.56
N THR A 46 1.76 7.52 3.84
CA THR A 46 2.88 8.42 3.63
C THR A 46 3.66 8.08 2.36
N ASN A 47 3.71 6.78 2.06
CA ASN A 47 4.42 6.31 0.86
C ASN A 47 3.57 5.32 0.09
N LEU A 48 4.03 4.97 -1.12
CA LEU A 48 3.31 4.04 -1.97
C LEU A 48 4.24 3.42 -3.01
N LEU A 49 4.70 2.21 -2.73
CA LEU A 49 5.60 1.49 -3.64
C LEU A 49 4.81 0.80 -4.75
N MET A 50 4.28 1.59 -5.67
CA MET A 50 3.52 1.06 -6.79
C MET A 50 4.39 0.18 -7.67
N LEU A 51 3.85 -0.97 -8.06
CA LEU A 51 4.58 -1.91 -8.91
C LEU A 51 3.73 -2.32 -10.12
N LYS A 52 3.48 -1.38 -11.01
CA LYS A 52 2.69 -1.64 -12.21
C LYS A 52 3.23 -2.87 -12.95
N GLY A 53 2.34 -3.56 -13.66
CA GLY A 53 2.75 -4.74 -14.40
C GLY A 53 2.67 -6.00 -13.58
N LYS A 54 3.18 -5.94 -12.35
CA LYS A 54 3.18 -7.09 -11.46
C LYS A 54 1.89 -7.13 -10.63
N ASN A 55 1.14 -6.03 -10.67
CA ASN A 55 -0.11 -5.93 -9.92
C ASN A 55 0.15 -6.00 -8.42
N GLN A 56 1.00 -5.10 -7.93
CA GLN A 56 1.33 -5.05 -6.51
C GLN A 56 1.70 -3.64 -6.08
N ALA A 57 1.54 -3.35 -4.80
CA ALA A 57 1.85 -2.03 -4.26
C ALA A 57 1.95 -2.06 -2.75
N PHE A 58 2.67 -1.11 -2.18
CA PHE A 58 2.84 -1.02 -0.73
C PHE A 58 2.24 0.27 -0.18
N ILE A 59 2.05 0.32 1.13
CA ILE A 59 1.50 1.51 1.78
C ILE A 59 2.16 1.76 3.12
N GLU A 60 3.01 2.79 3.16
CA GLU A 60 3.71 3.15 4.39
C GLU A 60 2.88 4.10 5.24
N MET A 61 2.17 3.54 6.22
CA MET A 61 1.33 4.33 7.10
C MET A 61 2.18 5.23 8.00
N ASN A 62 1.56 6.27 8.55
CA ASN A 62 2.25 7.20 9.42
C ASN A 62 2.58 6.56 10.77
N THR A 63 1.68 5.69 11.22
CA THR A 63 1.87 5.00 12.49
C THR A 63 1.58 3.51 12.36
N GLU A 64 1.99 2.74 13.37
CA GLU A 64 1.78 1.30 13.36
C GLU A 64 0.30 0.97 13.52
N GLU A 65 -0.38 1.72 14.37
CA GLU A 65 -1.80 1.50 14.62
C GLU A 65 -2.59 1.48 13.31
N ALA A 66 -2.44 2.55 12.52
CA ALA A 66 -3.13 2.65 11.24
C ALA A 66 -2.91 1.39 10.40
N ALA A 67 -1.65 0.98 10.28
CA ALA A 67 -1.31 -0.20 9.50
C ALA A 67 -1.88 -1.46 10.14
N ASN A 68 -2.03 -1.43 11.46
CA ASN A 68 -2.56 -2.57 12.20
C ASN A 68 -4.09 -2.50 12.29
N THR A 69 -4.68 -1.62 11.49
CA THR A 69 -6.13 -1.45 11.48
C THR A 69 -6.73 -1.87 10.14
N MET A 70 -5.97 -1.68 9.07
CA MET A 70 -6.42 -2.05 7.74
C MET A 70 -6.07 -3.51 7.42
N VAL A 71 -4.90 -3.94 7.89
CA VAL A 71 -4.46 -5.31 7.65
C VAL A 71 -5.19 -6.29 8.56
N ASN A 72 -5.61 -5.80 9.73
CA ASN A 72 -6.31 -6.62 10.70
C ASN A 72 -7.81 -6.66 10.39
N TYR A 73 -8.29 -5.64 9.69
CA TYR A 73 -9.70 -5.53 9.33
C TYR A 73 -9.98 -6.22 8.00
N TYR A 74 -9.21 -5.85 6.98
CA TYR A 74 -9.38 -6.44 5.65
C TYR A 74 -9.16 -7.94 5.69
N THR A 75 -8.37 -8.40 6.66
CA THR A 75 -8.08 -9.82 6.80
C THR A 75 -9.36 -10.65 6.79
N SER A 76 -10.46 -10.04 7.24
CA SER A 76 -11.75 -10.73 7.28
C SER A 76 -12.59 -10.35 6.07
N VAL A 77 -12.39 -9.13 5.57
CA VAL A 77 -13.15 -8.66 4.42
C VAL A 77 -12.32 -8.78 3.14
N THR A 78 -12.77 -8.10 2.08
CA THR A 78 -12.08 -8.14 0.80
C THR A 78 -12.16 -6.79 0.09
N PRO A 79 -11.09 -6.00 0.19
CA PRO A 79 -11.01 -4.67 -0.44
C PRO A 79 -10.96 -4.75 -1.96
N VAL A 80 -12.11 -4.94 -2.58
CA VAL A 80 -12.19 -5.04 -4.04
C VAL A 80 -11.83 -3.71 -4.70
N LEU A 81 -10.99 -3.76 -5.71
CA LEU A 81 -10.57 -2.55 -6.43
C LEU A 81 -10.80 -2.71 -7.93
N ARG A 82 -11.60 -1.82 -8.50
CA ARG A 82 -11.90 -1.86 -9.92
C ARG A 82 -12.62 -3.14 -10.30
N GLY A 83 -13.42 -3.65 -9.36
CA GLY A 83 -14.16 -4.88 -9.61
C GLY A 83 -13.28 -6.11 -9.56
N GLN A 84 -12.27 -6.08 -8.69
CA GLN A 84 -11.35 -7.19 -8.54
C GLN A 84 -10.79 -7.26 -7.13
N PRO A 85 -10.89 -8.44 -6.50
CA PRO A 85 -10.39 -8.66 -5.14
C PRO A 85 -8.87 -8.63 -5.07
N ILE A 86 -8.35 -8.36 -3.87
CA ILE A 86 -6.90 -8.30 -3.67
C ILE A 86 -6.51 -8.93 -2.33
N TYR A 87 -5.22 -8.92 -2.04
CA TYR A 87 -4.72 -9.49 -0.79
C TYR A 87 -4.15 -8.40 0.11
N ILE A 88 -4.22 -8.62 1.41
CA ILE A 88 -3.72 -7.65 2.38
C ILE A 88 -2.83 -8.33 3.42
N GLN A 89 -1.61 -7.83 3.56
CA GLN A 89 -0.66 -8.39 4.52
C GLN A 89 0.50 -7.44 4.77
N PHE A 90 0.90 -7.31 6.02
CA PHE A 90 2.01 -6.42 6.39
C PHE A 90 3.23 -6.69 5.53
N SER A 91 4.03 -5.66 5.30
CA SER A 91 5.24 -5.79 4.50
C SER A 91 6.47 -5.96 5.38
N ASN A 92 7.47 -6.65 4.85
CA ASN A 92 8.70 -6.90 5.59
C ASN A 92 9.46 -5.60 5.82
N HIS A 93 9.41 -4.70 4.84
CA HIS A 93 10.10 -3.42 4.94
C HIS A 93 9.34 -2.48 5.88
N LYS A 94 10.04 -1.45 6.36
CA LYS A 94 9.44 -0.48 7.26
C LYS A 94 9.52 0.93 6.68
N GLU A 95 10.62 1.21 5.98
CA GLU A 95 10.82 2.52 5.38
C GLU A 95 10.88 2.42 3.86
N LEU A 96 9.71 2.44 3.22
CA LEU A 96 9.63 2.34 1.77
C LEU A 96 10.53 3.37 1.10
N LYS A 97 11.15 2.99 -0.02
CA LYS A 97 12.03 3.89 -0.74
C LYS A 97 11.76 3.80 -2.25
N THR A 98 10.96 4.72 -2.76
CA THR A 98 10.63 4.76 -4.18
C THR A 98 11.07 6.08 -4.82
N ASP A 99 12.17 6.03 -5.56
CA ASP A 99 12.68 7.21 -6.23
C ASP A 99 13.93 6.87 -7.03
N SER A 100 13.86 5.81 -7.82
CA SER A 100 14.98 5.37 -8.64
C SER A 100 14.56 4.27 -9.61
N SER A 101 13.61 4.59 -10.48
CA SER A 101 13.12 3.62 -11.46
C SER A 101 12.07 4.26 -12.36
N PRO A 102 11.83 3.63 -13.52
CA PRO A 102 10.85 4.11 -14.51
C PRO A 102 9.41 3.95 -14.01
N ASN A 103 9.17 2.91 -13.23
CA ASN A 103 7.84 2.64 -12.69
C ASN A 103 7.76 3.05 -11.22
N GLN A 104 8.45 4.13 -10.87
CA GLN A 104 8.45 4.62 -9.50
C GLN A 104 8.12 6.11 -9.46
N ALA A 105 8.64 6.86 -10.42
CA ALA A 105 8.40 8.29 -10.50
C ALA A 105 6.90 8.60 -10.42
N ARG A 106 6.09 7.73 -11.02
CA ARG A 106 4.65 7.90 -11.03
C ARG A 106 4.10 7.92 -9.60
N ALA A 107 4.68 7.10 -8.74
CA ALA A 107 4.25 7.02 -7.35
C ALA A 107 4.20 8.41 -6.71
N GLN A 108 5.14 9.26 -7.09
CA GLN A 108 5.20 10.62 -6.56
C GLN A 108 4.38 11.59 -7.41
N ALA A 109 3.15 11.19 -7.72
CA ALA A 109 2.27 12.02 -8.52
C ALA A 109 0.94 12.27 -7.79
N ALA A 110 0.13 11.22 -7.68
CA ALA A 110 -1.16 11.32 -7.01
C ALA A 110 -0.99 11.66 -5.54
N LEU A 111 0.05 11.13 -4.93
CA LEU A 111 0.33 11.38 -3.51
C LEU A 111 0.37 12.88 -3.23
N GLN A 112 1.13 13.61 -4.05
CA GLN A 112 1.26 15.05 -3.88
C GLN A 112 -0.11 15.73 -3.95
N ALA A 113 -0.97 15.24 -4.83
CA ALA A 113 -2.31 15.79 -4.99
C ALA A 113 -3.03 15.88 -3.64
N VAL A 114 -2.97 14.80 -2.88
CA VAL A 114 -3.62 14.75 -1.58
C VAL A 114 -3.01 15.79 -0.62
N ASN A 115 -1.69 15.79 -0.53
CA ASN A 115 -0.98 16.72 0.35
C ASN A 115 -0.19 17.74 -0.47
N SER A 116 -0.90 18.70 -1.05
CA SER A 116 -0.26 19.74 -1.87
C SER A 116 0.63 20.61 -1.01
N VAL A 117 1.81 20.94 -1.54
CA VAL A 117 2.75 21.78 -0.82
C VAL A 117 3.07 23.06 -1.60
N GLN A 118 3.09 22.94 -2.93
CA GLN A 118 3.36 24.07 -3.79
C GLN A 118 2.90 23.80 -5.23
N SER A 119 3.63 22.94 -5.92
CA SER A 119 3.30 22.59 -7.29
C SER A 119 3.58 21.12 -7.56
N GLY A 120 3.19 20.65 -8.74
CA GLY A 120 3.40 19.26 -9.11
C GLY A 120 3.72 19.10 -10.59
N ASN A 121 3.82 17.84 -11.03
CA ASN A 121 4.11 17.55 -12.42
C ASN A 121 5.47 18.12 -12.82
N LEU A 122 5.86 17.89 -14.07
CA LEU A 122 7.14 18.38 -14.58
C LEU A 122 7.02 18.79 -16.04
N ALA A 123 7.85 19.75 -16.45
CA ALA A 123 7.83 20.24 -17.82
C ALA A 123 9.08 19.76 -18.58
N GLY A 1 14.74 -6.13 -6.26
CA GLY A 1 13.77 -6.90 -5.50
C GLY A 1 12.64 -7.42 -6.36
N ASN A 2 12.03 -8.52 -5.94
CA ASN A 2 10.93 -9.13 -6.69
C ASN A 2 9.80 -9.54 -5.75
N ASP A 3 10.11 -10.45 -4.83
CA ASP A 3 9.11 -10.93 -3.87
C ASP A 3 9.69 -10.94 -2.46
N SER A 4 8.84 -11.26 -1.49
CA SER A 4 9.25 -11.30 -0.09
C SER A 4 8.64 -12.50 0.62
N LYS A 5 9.26 -12.91 1.73
CA LYS A 5 8.78 -14.04 2.51
C LYS A 5 8.32 -13.59 3.89
N LYS A 6 7.89 -14.56 4.70
CA LYS A 6 7.43 -14.26 6.05
C LYS A 6 8.61 -14.04 7.00
N PHE A 7 8.69 -12.84 7.56
CA PHE A 7 9.76 -12.50 8.49
C PHE A 7 9.90 -13.54 9.59
N LYS A 8 8.76 -14.14 9.97
CA LYS A 8 8.75 -15.16 11.01
C LYS A 8 7.40 -15.85 11.07
N GLY A 9 6.94 -16.35 9.92
CA GLY A 9 5.66 -17.03 9.86
C GLY A 9 5.70 -18.39 10.53
N ASP A 10 4.83 -18.59 11.52
CA ASP A 10 4.77 -19.85 12.25
C ASP A 10 3.42 -20.01 12.94
N SER A 11 2.53 -20.77 12.30
CA SER A 11 1.20 -21.02 12.85
C SER A 11 0.51 -19.70 13.20
N ARG A 12 0.76 -18.68 12.38
CA ARG A 12 0.16 -17.36 12.60
C ARG A 12 0.58 -16.39 11.52
N SER A 13 -0.25 -15.37 11.28
CA SER A 13 0.03 -14.38 10.26
C SER A 13 -0.92 -13.19 10.38
N ALA A 14 -0.85 -12.27 9.42
CA ALA A 14 -1.71 -11.09 9.42
C ALA A 14 -1.47 -10.24 10.66
N GLY A 15 -0.22 -10.20 11.11
CA GLY A 15 0.12 -9.41 12.28
C GLY A 15 1.60 -9.15 12.40
N VAL A 16 2.00 -7.90 12.17
CA VAL A 16 3.41 -7.53 12.25
C VAL A 16 3.57 -6.09 12.69
N PRO A 17 4.47 -5.86 13.66
CA PRO A 17 4.74 -4.52 14.21
C PRO A 17 5.44 -3.62 13.19
N SER A 18 4.68 -3.11 12.23
CA SER A 18 5.24 -2.23 11.20
C SER A 18 4.21 -1.22 10.73
N ARG A 19 4.51 -0.53 9.64
CA ARG A 19 3.62 0.48 9.08
C ARG A 19 3.39 0.24 7.59
N VAL A 20 4.44 -0.21 6.90
CA VAL A 20 4.35 -0.48 5.48
C VAL A 20 3.56 -1.75 5.20
N ILE A 21 2.59 -1.65 4.28
CA ILE A 21 1.76 -2.79 3.92
C ILE A 21 2.08 -3.28 2.52
N HIS A 22 1.74 -4.54 2.25
CA HIS A 22 1.99 -5.13 0.94
C HIS A 22 0.70 -5.72 0.35
N ILE A 23 0.27 -5.15 -0.76
CA ILE A 23 -0.95 -5.62 -1.42
C ILE A 23 -0.64 -6.32 -2.74
N ARG A 24 -1.31 -7.43 -2.99
CA ARG A 24 -1.10 -8.19 -4.22
C ARG A 24 -2.41 -8.39 -4.97
N LYS A 25 -2.33 -8.98 -6.16
CA LYS A 25 -3.51 -9.23 -6.98
C LYS A 25 -4.25 -7.93 -7.28
N LEU A 26 -3.49 -6.89 -7.64
CA LEU A 26 -4.07 -5.60 -7.95
C LEU A 26 -4.67 -5.60 -9.36
N PRO A 27 -5.67 -4.72 -9.58
CA PRO A 27 -6.34 -4.59 -10.87
C PRO A 27 -5.43 -3.99 -11.94
N ILE A 28 -5.78 -4.23 -13.21
CA ILE A 28 -4.99 -3.69 -14.31
C ILE A 28 -5.02 -2.18 -14.34
N ASP A 29 -6.15 -1.60 -13.92
CA ASP A 29 -6.31 -0.16 -13.88
C ASP A 29 -6.07 0.38 -12.48
N VAL A 30 -5.21 -0.30 -11.73
CA VAL A 30 -4.90 0.11 -10.36
C VAL A 30 -4.12 1.43 -10.34
N THR A 31 -4.46 2.30 -9.40
CA THR A 31 -3.79 3.59 -9.29
C THR A 31 -3.49 3.92 -7.83
N GLU A 32 -2.77 5.01 -7.61
CA GLU A 32 -2.41 5.44 -6.26
C GLU A 32 -3.66 5.78 -5.45
N GLY A 33 -4.58 6.51 -6.08
CA GLY A 33 -5.80 6.90 -5.40
C GLY A 33 -6.50 5.72 -4.75
N GLU A 34 -6.35 4.54 -5.35
CA GLU A 34 -6.98 3.34 -4.83
C GLU A 34 -6.15 2.73 -3.71
N VAL A 35 -4.90 2.37 -4.03
CA VAL A 35 -4.00 1.78 -3.06
C VAL A 35 -3.93 2.63 -1.79
N ILE A 36 -3.67 3.92 -1.97
CA ILE A 36 -3.57 4.85 -0.84
C ILE A 36 -4.87 4.87 -0.04
N SER A 37 -6.00 4.80 -0.74
CA SER A 37 -7.30 4.82 -0.10
C SER A 37 -7.45 3.64 0.86
N LEU A 38 -6.77 2.54 0.55
CA LEU A 38 -6.82 1.34 1.39
C LEU A 38 -6.44 1.67 2.82
N GLY A 39 -5.62 2.70 3.00
CA GLY A 39 -5.19 3.09 4.32
C GLY A 39 -5.47 4.56 4.62
N LEU A 40 -6.41 5.14 3.87
CA LEU A 40 -6.78 6.54 4.06
C LEU A 40 -7.61 6.72 5.32
N PRO A 41 -8.76 6.04 5.37
CA PRO A 41 -9.68 6.10 6.51
C PRO A 41 -9.11 5.43 7.75
N PHE A 42 -8.17 4.51 7.54
CA PHE A 42 -7.54 3.78 8.64
C PHE A 42 -6.43 4.62 9.28
N GLY A 43 -5.73 5.40 8.45
CA GLY A 43 -4.66 6.23 8.94
C GLY A 43 -4.30 7.34 7.99
N LYS A 44 -3.02 7.40 7.61
CA LYS A 44 -2.55 8.43 6.69
C LYS A 44 -1.36 7.93 5.88
N VAL A 45 -1.63 7.39 4.70
CA VAL A 45 -0.59 6.88 3.83
C VAL A 45 0.48 7.94 3.56
N THR A 46 1.74 7.53 3.64
CA THR A 46 2.86 8.44 3.42
C THR A 46 3.62 8.08 2.15
N ASN A 47 3.71 6.78 1.86
CA ASN A 47 4.41 6.30 0.68
C ASN A 47 3.52 5.36 -0.13
N LEU A 48 4.08 4.84 -1.22
CA LEU A 48 3.34 3.91 -2.08
C LEU A 48 4.24 3.34 -3.16
N LEU A 49 4.74 2.13 -2.93
CA LEU A 49 5.61 1.46 -3.89
C LEU A 49 4.80 0.70 -4.94
N MET A 50 4.29 1.44 -5.93
CA MET A 50 3.49 0.83 -6.99
C MET A 50 4.33 -0.16 -7.79
N LEU A 51 3.77 -1.35 -8.03
CA LEU A 51 4.47 -2.38 -8.78
C LEU A 51 3.56 -2.97 -9.86
N LYS A 52 3.09 -2.11 -10.76
CA LYS A 52 2.22 -2.54 -11.85
C LYS A 52 2.82 -3.73 -12.60
N GLY A 53 4.15 -3.79 -12.62
CA GLY A 53 4.83 -4.88 -13.30
C GLY A 53 4.30 -6.23 -12.89
N LYS A 54 3.89 -6.36 -11.64
CA LYS A 54 3.35 -7.62 -11.12
C LYS A 54 2.05 -7.38 -10.36
N ASN A 55 1.33 -6.34 -10.74
CA ASN A 55 0.06 -6.00 -10.09
C ASN A 55 0.21 -6.02 -8.58
N GLN A 56 1.02 -5.11 -8.05
CA GLN A 56 1.24 -5.02 -6.61
C GLN A 56 1.46 -3.57 -6.17
N ALA A 57 1.44 -3.34 -4.87
CA ALA A 57 1.63 -2.01 -4.32
C ALA A 57 1.87 -2.06 -2.83
N PHE A 58 2.35 -0.94 -2.27
CA PHE A 58 2.62 -0.86 -0.84
C PHE A 58 2.01 0.41 -0.25
N ILE A 59 1.93 0.45 1.08
CA ILE A 59 1.36 1.60 1.77
C ILE A 59 2.09 1.85 3.10
N GLU A 60 2.88 2.91 3.15
CA GLU A 60 3.62 3.26 4.35
C GLU A 60 2.81 4.19 5.24
N MET A 61 2.09 3.60 6.19
CA MET A 61 1.26 4.38 7.11
C MET A 61 2.13 5.28 7.99
N ASN A 62 1.48 6.23 8.67
CA ASN A 62 2.20 7.14 9.55
C ASN A 62 2.54 6.48 10.88
N THR A 63 1.65 5.61 11.33
CA THR A 63 1.85 4.90 12.59
C THR A 63 1.54 3.42 12.45
N GLU A 64 2.07 2.62 13.38
CA GLU A 64 1.84 1.17 13.35
C GLU A 64 0.35 0.85 13.51
N GLU A 65 -0.32 1.61 14.37
CA GLU A 65 -1.75 1.40 14.62
C GLU A 65 -2.53 1.38 13.31
N ALA A 66 -2.37 2.44 12.52
CA ALA A 66 -3.06 2.55 11.24
C ALA A 66 -2.86 1.28 10.40
N ALA A 67 -1.60 0.87 10.25
CA ALA A 67 -1.28 -0.32 9.48
C ALA A 67 -1.85 -1.57 10.13
N ASN A 68 -2.01 -1.52 11.45
CA ASN A 68 -2.54 -2.67 12.19
C ASN A 68 -4.06 -2.58 12.29
N THR A 69 -4.65 -1.69 11.49
CA THR A 69 -6.10 -1.51 11.48
C THR A 69 -6.70 -1.92 10.15
N MET A 70 -5.94 -1.71 9.07
CA MET A 70 -6.39 -2.06 7.73
C MET A 70 -6.04 -3.51 7.40
N VAL A 71 -4.87 -3.94 7.84
CA VAL A 71 -4.42 -5.31 7.58
C VAL A 71 -5.13 -6.30 8.51
N ASN A 72 -5.55 -5.83 9.67
CA ASN A 72 -6.23 -6.66 10.64
C ASN A 72 -7.73 -6.71 10.36
N TYR A 73 -8.23 -5.69 9.67
CA TYR A 73 -9.65 -5.61 9.33
C TYR A 73 -9.93 -6.29 8.00
N TYR A 74 -9.19 -5.90 6.97
CA TYR A 74 -9.36 -6.46 5.65
C TYR A 74 -9.14 -7.96 5.66
N THR A 75 -8.30 -8.42 6.59
CA THR A 75 -8.00 -9.85 6.71
C THR A 75 -9.27 -10.67 6.72
N SER A 76 -10.36 -10.09 7.23
CA SER A 76 -11.64 -10.78 7.30
C SER A 76 -12.52 -10.42 6.10
N VAL A 77 -12.34 -9.20 5.59
CA VAL A 77 -13.12 -8.74 4.45
C VAL A 77 -12.31 -8.84 3.16
N THR A 78 -12.79 -8.17 2.12
CA THR A 78 -12.11 -8.19 0.82
C THR A 78 -12.22 -6.83 0.14
N PRO A 79 -11.13 -6.04 0.23
CA PRO A 79 -11.07 -4.70 -0.38
C PRO A 79 -11.01 -4.76 -1.90
N VAL A 80 -12.17 -4.97 -2.52
CA VAL A 80 -12.25 -5.05 -3.98
C VAL A 80 -11.90 -3.71 -4.61
N LEU A 81 -11.09 -3.76 -5.66
CA LEU A 81 -10.67 -2.55 -6.37
C LEU A 81 -10.90 -2.69 -7.87
N ARG A 82 -11.69 -1.78 -8.43
CA ARG A 82 -12.01 -1.80 -9.85
C ARG A 82 -12.72 -3.09 -10.24
N GLY A 83 -13.52 -3.62 -9.31
CA GLY A 83 -14.24 -4.84 -9.57
C GLY A 83 -13.35 -6.07 -9.54
N GLN A 84 -12.38 -6.06 -8.63
CA GLN A 84 -11.45 -7.18 -8.51
C GLN A 84 -10.87 -7.25 -7.10
N PRO A 85 -10.95 -8.43 -6.48
CA PRO A 85 -10.44 -8.65 -5.12
C PRO A 85 -8.91 -8.62 -5.06
N ILE A 86 -8.38 -8.27 -3.89
CA ILE A 86 -6.94 -8.21 -3.71
C ILE A 86 -6.53 -8.83 -2.38
N TYR A 87 -5.23 -8.83 -2.11
CA TYR A 87 -4.70 -9.39 -0.88
C TYR A 87 -4.13 -8.29 0.02
N ILE A 88 -4.21 -8.51 1.33
CA ILE A 88 -3.71 -7.54 2.30
C ILE A 88 -2.80 -8.21 3.33
N GLN A 89 -1.63 -7.63 3.54
CA GLN A 89 -0.68 -8.18 4.50
C GLN A 89 0.53 -7.25 4.66
N PHE A 90 1.00 -7.09 5.89
CA PHE A 90 2.14 -6.23 6.17
C PHE A 90 3.31 -6.57 5.25
N SER A 91 3.97 -5.53 4.75
CA SER A 91 5.11 -5.72 3.85
C SER A 91 6.32 -6.26 4.60
N ASN A 92 7.00 -5.38 5.32
CA ASN A 92 8.18 -5.76 6.09
C ASN A 92 8.80 -4.56 6.78
N HIS A 93 9.22 -3.58 5.98
CA HIS A 93 9.84 -2.36 6.51
C HIS A 93 8.78 -1.45 7.13
N LYS A 94 9.24 -0.34 7.70
CA LYS A 94 8.33 0.62 8.33
C LYS A 94 8.33 1.94 7.57
N GLU A 95 9.49 2.30 7.01
CA GLU A 95 9.61 3.54 6.25
C GLU A 95 10.21 3.28 4.88
N LEU A 96 9.35 3.12 3.88
CA LEU A 96 9.79 2.86 2.51
C LEU A 96 10.82 3.90 2.07
N LYS A 97 11.79 3.47 1.27
CA LYS A 97 12.82 4.36 0.76
C LYS A 97 13.19 4.03 -0.67
N THR A 98 12.54 4.72 -1.61
CA THR A 98 12.79 4.50 -3.03
C THR A 98 13.79 5.50 -3.58
N ASP A 99 14.33 5.21 -4.75
CA ASP A 99 15.31 6.11 -5.39
C ASP A 99 14.81 6.57 -6.75
N SER A 100 15.66 7.29 -7.47
CA SER A 100 15.30 7.80 -8.79
C SER A 100 14.89 6.66 -9.72
N SER A 101 13.80 6.88 -10.45
CA SER A 101 13.29 5.87 -11.37
C SER A 101 12.16 6.44 -12.23
N PRO A 102 11.89 5.77 -13.36
CA PRO A 102 10.85 6.19 -14.30
C PRO A 102 9.45 5.98 -13.72
N ASN A 103 9.23 4.81 -13.12
CA ASN A 103 7.94 4.49 -12.53
C ASN A 103 7.72 5.25 -11.23
N GLN A 104 8.80 5.41 -10.47
CA GLN A 104 8.72 6.13 -9.19
C GLN A 104 8.17 7.53 -9.38
N ALA A 105 8.52 8.15 -10.51
CA ALA A 105 8.06 9.50 -10.81
C ALA A 105 6.54 9.58 -10.76
N ARG A 106 5.87 8.52 -11.19
CA ARG A 106 4.41 8.46 -11.19
C ARG A 106 3.88 8.28 -9.78
N ALA A 107 4.58 7.49 -8.98
CA ALA A 107 4.17 7.23 -7.60
C ALA A 107 4.03 8.53 -6.83
N GLN A 108 5.05 9.38 -6.90
CA GLN A 108 5.03 10.66 -6.20
C GLN A 108 4.27 11.71 -7.00
N ALA A 109 3.01 11.42 -7.30
CA ALA A 109 2.18 12.34 -8.07
C ALA A 109 0.81 12.52 -7.41
N ALA A 110 0.06 11.43 -7.33
CA ALA A 110 -1.27 11.47 -6.71
C ALA A 110 -1.19 11.85 -5.24
N LEU A 111 -0.13 11.37 -4.58
CA LEU A 111 0.06 11.66 -3.15
C LEU A 111 -0.02 13.15 -2.88
N GLN A 112 0.57 13.94 -3.77
CA GLN A 112 0.57 15.39 -3.64
C GLN A 112 -0.79 15.98 -4.03
N ALA A 113 -1.40 15.38 -5.05
CA ALA A 113 -2.70 15.84 -5.52
C ALA A 113 -3.73 15.85 -4.40
N VAL A 114 -3.64 14.85 -3.52
CA VAL A 114 -4.56 14.74 -2.40
C VAL A 114 -4.15 15.67 -1.25
N ASN A 115 -2.87 15.68 -0.95
CA ASN A 115 -2.35 16.53 0.12
C ASN A 115 -2.70 17.99 -0.12
N SER A 116 -2.10 18.58 -1.14
CA SER A 116 -2.36 19.98 -1.47
C SER A 116 -3.64 20.12 -2.28
N VAL A 117 -4.04 21.36 -2.53
CA VAL A 117 -5.25 21.64 -3.30
C VAL A 117 -4.98 21.59 -4.80
N GLN A 118 -5.50 20.56 -5.45
CA GLN A 118 -5.31 20.40 -6.89
C GLN A 118 -5.71 21.67 -7.64
N SER A 119 -5.18 21.83 -8.85
CA SER A 119 -5.48 23.01 -9.67
C SER A 119 -5.80 22.61 -11.10
N GLY A 120 -4.88 21.86 -11.71
CA GLY A 120 -5.08 21.42 -13.08
C GLY A 120 -3.91 20.60 -13.60
N ASN A 121 -4.01 19.28 -13.46
CA ASN A 121 -2.96 18.38 -13.92
C ASN A 121 -3.55 17.12 -14.52
N LEU A 122 -2.86 16.56 -15.51
CA LEU A 122 -3.32 15.35 -16.18
C LEU A 122 -2.28 14.24 -16.06
N ALA A 123 -2.74 12.99 -16.08
CA ALA A 123 -1.84 11.85 -15.99
C ALA A 123 -2.41 10.64 -16.73
N GLY A 1 15.39 -5.19 -0.60
CA GLY A 1 15.50 -4.99 -2.03
C GLY A 1 15.67 -6.30 -2.78
N ASN A 2 16.92 -6.71 -2.97
CA ASN A 2 17.22 -7.95 -3.68
C ASN A 2 17.46 -9.09 -2.69
N ASP A 3 16.48 -10.00 -2.59
CA ASP A 3 16.60 -11.14 -1.69
C ASP A 3 15.51 -12.16 -1.98
N SER A 4 15.64 -13.35 -1.40
CA SER A 4 14.67 -14.42 -1.60
C SER A 4 14.13 -14.92 -0.27
N LYS A 5 13.65 -13.98 0.56
CA LYS A 5 13.10 -14.32 1.86
C LYS A 5 12.44 -13.10 2.50
N LYS A 6 11.24 -13.30 3.03
CA LYS A 6 10.50 -12.22 3.68
C LYS A 6 9.86 -12.70 4.98
N PHE A 7 10.29 -12.12 6.09
CA PHE A 7 9.77 -12.48 7.41
C PHE A 7 9.93 -13.98 7.65
N LYS A 8 11.09 -14.36 8.17
CA LYS A 8 11.38 -15.76 8.46
C LYS A 8 10.63 -16.22 9.71
N GLY A 9 9.70 -17.15 9.54
CA GLY A 9 8.93 -17.66 10.66
C GLY A 9 7.60 -18.22 10.24
N ASP A 10 7.57 -18.91 9.11
CA ASP A 10 6.35 -19.52 8.60
C ASP A 10 5.27 -18.45 8.40
N SER A 11 4.07 -18.89 8.03
CA SER A 11 2.95 -17.98 7.81
C SER A 11 2.27 -17.62 9.12
N ARG A 12 2.13 -16.32 9.38
CA ARG A 12 1.50 -15.85 10.60
C ARG A 12 0.01 -15.57 10.37
N SER A 13 -0.65 -15.05 11.40
CA SER A 13 -2.08 -14.74 11.31
C SER A 13 -2.29 -13.27 10.95
N ALA A 14 -1.54 -12.79 9.97
CA ALA A 14 -1.65 -11.41 9.53
C ALA A 14 -1.42 -10.44 10.68
N GLY A 15 -0.19 -10.42 11.19
CA GLY A 15 0.14 -9.53 12.29
C GLY A 15 1.62 -9.27 12.41
N VAL A 16 2.04 -8.03 12.18
CA VAL A 16 3.44 -7.66 12.26
C VAL A 16 3.60 -6.20 12.70
N PRO A 17 4.50 -5.97 13.66
CA PRO A 17 4.77 -4.64 14.19
C PRO A 17 5.49 -3.76 13.17
N SER A 18 4.73 -3.24 12.20
CA SER A 18 5.29 -2.38 11.16
C SER A 18 4.27 -1.35 10.70
N ARG A 19 4.59 -0.65 9.61
CA ARG A 19 3.69 0.36 9.07
C ARG A 19 3.49 0.15 7.56
N VAL A 20 4.55 -0.28 6.89
CA VAL A 20 4.49 -0.51 5.45
C VAL A 20 3.68 -1.77 5.14
N ILE A 21 2.64 -1.61 4.33
CA ILE A 21 1.79 -2.73 3.94
C ILE A 21 2.13 -3.22 2.54
N HIS A 22 1.79 -4.48 2.26
CA HIS A 22 2.06 -5.07 0.96
C HIS A 22 0.78 -5.62 0.35
N ILE A 23 0.39 -5.08 -0.80
CA ILE A 23 -0.82 -5.51 -1.49
C ILE A 23 -0.48 -6.21 -2.80
N ARG A 24 -1.19 -7.31 -3.09
CA ARG A 24 -0.96 -8.07 -4.30
C ARG A 24 -2.26 -8.25 -5.08
N LYS A 25 -2.17 -8.92 -6.22
CA LYS A 25 -3.35 -9.17 -7.06
C LYS A 25 -4.10 -7.87 -7.33
N LEU A 26 -3.38 -6.85 -7.77
CA LEU A 26 -3.98 -5.56 -8.08
C LEU A 26 -4.60 -5.55 -9.47
N PRO A 27 -5.61 -4.70 -9.67
CA PRO A 27 -6.31 -4.59 -10.96
C PRO A 27 -5.44 -3.93 -12.03
N ILE A 28 -5.59 -4.39 -13.27
CA ILE A 28 -4.81 -3.84 -14.37
C ILE A 28 -4.96 -2.33 -14.45
N ASP A 29 -6.10 -1.82 -14.02
CA ASP A 29 -6.37 -0.38 -14.04
C ASP A 29 -6.25 0.20 -12.63
N VAL A 30 -5.39 -0.39 -11.82
CA VAL A 30 -5.18 0.08 -10.44
C VAL A 30 -4.63 1.48 -10.43
N THR A 31 -5.18 2.33 -9.56
CA THR A 31 -4.73 3.71 -9.44
C THR A 31 -4.29 4.03 -8.01
N GLU A 32 -3.37 4.98 -7.88
CA GLU A 32 -2.86 5.37 -6.57
C GLU A 32 -4.01 5.71 -5.62
N GLY A 33 -4.98 6.46 -6.12
CA GLY A 33 -6.12 6.85 -5.31
C GLY A 33 -6.78 5.65 -4.64
N GLU A 34 -6.70 4.50 -5.28
CA GLU A 34 -7.29 3.27 -4.73
C GLU A 34 -6.36 2.63 -3.72
N VAL A 35 -5.13 2.34 -4.14
CA VAL A 35 -4.14 1.72 -3.28
C VAL A 35 -3.95 2.54 -1.99
N ILE A 36 -3.71 3.83 -2.14
CA ILE A 36 -3.52 4.72 -1.01
C ILE A 36 -4.77 4.76 -0.12
N SER A 37 -5.93 4.81 -0.76
CA SER A 37 -7.20 4.86 -0.03
C SER A 37 -7.31 3.68 0.94
N LEU A 38 -6.63 2.58 0.60
CA LEU A 38 -6.67 1.40 1.44
C LEU A 38 -6.25 1.72 2.87
N GLY A 39 -5.44 2.77 3.02
CA GLY A 39 -4.98 3.17 4.34
C GLY A 39 -5.25 4.64 4.62
N LEU A 40 -6.22 5.21 3.91
CA LEU A 40 -6.57 6.61 4.09
C LEU A 40 -7.38 6.81 5.36
N PRO A 41 -8.55 6.14 5.44
CA PRO A 41 -9.44 6.23 6.60
C PRO A 41 -8.85 5.54 7.83
N PHE A 42 -7.95 4.59 7.60
CA PHE A 42 -7.32 3.87 8.70
C PHE A 42 -6.18 4.68 9.31
N GLY A 43 -5.50 5.46 8.47
CA GLY A 43 -4.40 6.28 8.95
C GLY A 43 -4.05 7.39 8.00
N LYS A 44 -2.80 7.43 7.56
CA LYS A 44 -2.33 8.46 6.64
C LYS A 44 -1.16 7.95 5.81
N VAL A 45 -1.47 7.40 4.64
CA VAL A 45 -0.44 6.88 3.74
C VAL A 45 0.65 7.91 3.50
N THR A 46 1.89 7.55 3.84
CA THR A 46 3.02 8.44 3.66
C THR A 46 3.81 8.10 2.40
N ASN A 47 3.87 6.81 2.08
CA ASN A 47 4.59 6.35 0.90
C ASN A 47 3.73 5.38 0.08
N LEU A 48 4.23 4.99 -1.07
CA LEU A 48 3.51 4.08 -1.96
C LEU A 48 4.42 3.53 -3.04
N LEU A 49 4.74 2.23 -2.94
CA LEU A 49 5.60 1.58 -3.91
C LEU A 49 4.79 0.81 -4.94
N MET A 50 4.24 1.53 -5.92
CA MET A 50 3.43 0.91 -6.96
C MET A 50 4.28 -0.02 -7.82
N LEU A 51 3.87 -1.28 -7.91
CA LEU A 51 4.59 -2.28 -8.69
C LEU A 51 3.70 -2.84 -9.80
N LYS A 52 3.25 -1.96 -10.69
CA LYS A 52 2.39 -2.38 -11.80
C LYS A 52 3.01 -3.55 -12.56
N GLY A 53 4.34 -3.60 -12.57
CA GLY A 53 5.03 -4.68 -13.27
C GLY A 53 4.52 -6.04 -12.87
N LYS A 54 4.10 -6.18 -11.61
CA LYS A 54 3.59 -7.45 -11.11
C LYS A 54 2.27 -7.24 -10.37
N ASN A 55 1.54 -6.20 -10.75
CA ASN A 55 0.26 -5.90 -10.13
C ASN A 55 0.38 -5.92 -8.60
N GLN A 56 1.17 -5.00 -8.06
CA GLN A 56 1.37 -4.92 -6.62
C GLN A 56 1.53 -3.46 -6.19
N ALA A 57 1.58 -3.26 -4.87
CA ALA A 57 1.75 -1.91 -4.32
C ALA A 57 1.96 -1.96 -2.81
N PHE A 58 2.54 -0.90 -2.27
CA PHE A 58 2.81 -0.82 -0.84
C PHE A 58 2.21 0.45 -0.24
N ILE A 59 2.08 0.47 1.08
CA ILE A 59 1.52 1.62 1.78
C ILE A 59 2.21 1.85 3.12
N GLU A 60 2.99 2.92 3.21
CA GLU A 60 3.70 3.24 4.43
C GLU A 60 2.86 4.13 5.34
N MET A 61 2.11 3.50 6.25
CA MET A 61 1.26 4.23 7.17
C MET A 61 2.09 5.13 8.08
N ASN A 62 1.43 6.12 8.69
CA ASN A 62 2.11 7.06 9.58
C ASN A 62 2.44 6.39 10.90
N THR A 63 1.58 5.48 11.34
CA THR A 63 1.79 4.77 12.60
C THR A 63 1.48 3.28 12.45
N GLU A 64 1.98 2.49 13.39
CA GLU A 64 1.76 1.05 13.37
C GLU A 64 0.28 0.72 13.53
N GLU A 65 -0.41 1.47 14.38
CA GLU A 65 -1.82 1.26 14.63
C GLU A 65 -2.60 1.22 13.31
N ALA A 66 -2.48 2.30 12.53
CA ALA A 66 -3.17 2.39 11.25
C ALA A 66 -2.94 1.14 10.41
N ALA A 67 -1.67 0.76 10.26
CA ALA A 67 -1.31 -0.42 9.47
C ALA A 67 -1.88 -1.69 10.11
N ASN A 68 -2.03 -1.67 11.43
CA ASN A 68 -2.56 -2.82 12.15
C ASN A 68 -4.08 -2.73 12.28
N THR A 69 -4.68 -1.85 11.49
CA THR A 69 -6.12 -1.66 11.51
C THR A 69 -6.75 -2.03 10.17
N MET A 70 -6.00 -1.82 9.09
CA MET A 70 -6.47 -2.13 7.76
C MET A 70 -6.18 -3.59 7.40
N VAL A 71 -5.00 -4.06 7.80
CA VAL A 71 -4.60 -5.44 7.52
C VAL A 71 -5.41 -6.42 8.35
N ASN A 72 -5.80 -6.00 9.55
CA ASN A 72 -6.58 -6.85 10.43
C ASN A 72 -8.07 -6.75 10.11
N TYR A 73 -8.46 -5.66 9.46
CA TYR A 73 -9.85 -5.45 9.10
C TYR A 73 -10.15 -6.04 7.72
N TYR A 74 -9.34 -5.67 6.74
CA TYR A 74 -9.52 -6.17 5.37
C TYR A 74 -9.44 -7.69 5.34
N THR A 75 -8.70 -8.26 6.28
CA THR A 75 -8.53 -9.70 6.35
C THR A 75 -9.89 -10.41 6.40
N SER A 76 -10.92 -9.67 6.81
CA SER A 76 -12.26 -10.23 6.90
C SER A 76 -13.25 -9.38 6.12
N VAL A 77 -12.74 -8.57 5.22
CA VAL A 77 -13.58 -7.70 4.39
C VAL A 77 -13.25 -7.86 2.91
N THR A 78 -11.97 -7.92 2.59
CA THR A 78 -11.53 -8.07 1.21
C THR A 78 -11.81 -6.81 0.41
N PRO A 79 -10.82 -5.91 0.33
CA PRO A 79 -10.93 -4.66 -0.41
C PRO A 79 -10.98 -4.87 -1.92
N VAL A 80 -12.17 -5.20 -2.42
CA VAL A 80 -12.35 -5.43 -3.85
C VAL A 80 -12.17 -4.15 -4.64
N LEU A 81 -11.11 -4.09 -5.44
CA LEU A 81 -10.83 -2.91 -6.25
C LEU A 81 -11.18 -3.16 -7.72
N ARG A 82 -11.90 -2.22 -8.32
CA ARG A 82 -12.29 -2.33 -9.71
C ARG A 82 -12.98 -3.68 -9.98
N GLY A 83 -13.73 -4.15 -8.99
CA GLY A 83 -14.43 -5.42 -9.13
C GLY A 83 -13.49 -6.60 -9.06
N GLN A 84 -12.42 -6.47 -8.29
CA GLN A 84 -11.44 -7.53 -8.14
C GLN A 84 -10.81 -7.52 -6.76
N PRO A 85 -10.97 -8.62 -6.01
CA PRO A 85 -10.41 -8.75 -4.67
C PRO A 85 -8.90 -8.85 -4.67
N ILE A 86 -8.26 -8.11 -3.77
CA ILE A 86 -6.80 -8.13 -3.67
C ILE A 86 -6.35 -8.77 -2.36
N TYR A 87 -5.04 -8.77 -2.14
CA TYR A 87 -4.47 -9.36 -0.92
C TYR A 87 -3.89 -8.27 -0.01
N ILE A 88 -4.03 -8.47 1.29
CA ILE A 88 -3.51 -7.51 2.26
C ILE A 88 -2.62 -8.19 3.29
N GLN A 89 -1.41 -7.68 3.45
CA GLN A 89 -0.46 -8.24 4.40
C GLN A 89 0.72 -7.30 4.61
N PHE A 90 1.15 -7.17 5.87
CA PHE A 90 2.28 -6.30 6.20
C PHE A 90 3.48 -6.59 5.31
N SER A 91 4.27 -5.55 5.04
CA SER A 91 5.45 -5.70 4.20
C SER A 91 6.70 -5.99 5.03
N ASN A 92 7.73 -6.51 4.39
CA ASN A 92 8.98 -6.83 5.07
C ASN A 92 9.64 -5.57 5.61
N HIS A 93 9.54 -4.48 4.86
CA HIS A 93 10.13 -3.21 5.26
C HIS A 93 9.32 -2.56 6.38
N LYS A 94 9.95 -1.64 7.10
CA LYS A 94 9.28 -0.95 8.20
C LYS A 94 8.89 0.47 7.80
N GLU A 95 9.73 1.09 6.97
CA GLU A 95 9.46 2.45 6.50
C GLU A 95 10.03 2.66 5.09
N LEU A 96 9.14 2.64 4.10
CA LEU A 96 9.55 2.82 2.71
C LEU A 96 10.39 4.09 2.56
N LYS A 97 11.38 4.02 1.68
CA LYS A 97 12.26 5.16 1.43
C LYS A 97 12.67 5.23 -0.03
N THR A 98 11.70 5.01 -0.93
CA THR A 98 11.96 5.05 -2.36
C THR A 98 12.54 6.40 -2.78
N ASP A 99 13.31 6.39 -3.85
CA ASP A 99 13.92 7.61 -4.37
C ASP A 99 13.12 8.18 -5.53
N SER A 100 13.38 9.44 -5.86
CA SER A 100 12.68 10.11 -6.95
C SER A 100 12.85 9.34 -8.26
N SER A 101 11.91 9.54 -9.17
CA SER A 101 11.95 8.86 -10.47
C SER A 101 10.77 9.28 -11.34
N PRO A 102 10.90 9.06 -12.66
CA PRO A 102 9.85 9.41 -13.62
C PRO A 102 8.63 8.50 -13.49
N ASN A 103 8.86 7.22 -13.26
CA ASN A 103 7.77 6.27 -13.12
C ASN A 103 7.33 6.16 -11.66
N GLN A 104 8.28 6.27 -10.74
CA GLN A 104 7.98 6.19 -9.32
C GLN A 104 7.67 7.57 -8.75
N ALA A 105 6.80 8.30 -9.44
CA ALA A 105 6.42 9.64 -8.99
C ALA A 105 4.93 9.72 -8.70
N ARG A 106 4.12 9.19 -9.62
CA ARG A 106 2.67 9.20 -9.46
C ARG A 106 2.27 8.62 -8.10
N ALA A 107 3.01 7.61 -7.66
CA ALA A 107 2.73 6.97 -6.38
C ALA A 107 2.65 7.99 -5.25
N GLN A 108 3.79 8.54 -4.87
CA GLN A 108 3.84 9.53 -3.80
C GLN A 108 3.07 10.79 -4.19
N ALA A 109 3.08 11.11 -5.47
CA ALA A 109 2.39 12.29 -5.98
C ALA A 109 0.93 12.27 -5.57
N ALA A 110 0.28 11.12 -5.73
CA ALA A 110 -1.12 10.97 -5.38
C ALA A 110 -1.38 11.45 -3.96
N LEU A 111 -0.40 11.26 -3.08
CA LEU A 111 -0.52 11.68 -1.68
C LEU A 111 -0.97 13.13 -1.58
N GLN A 112 -0.49 13.95 -2.52
CA GLN A 112 -0.85 15.36 -2.54
C GLN A 112 -2.36 15.56 -2.47
N ALA A 113 -3.09 14.62 -3.05
CA ALA A 113 -4.55 14.69 -3.05
C ALA A 113 -5.09 14.83 -1.62
N VAL A 114 -4.42 14.18 -0.68
CA VAL A 114 -4.83 14.24 0.72
C VAL A 114 -3.83 15.03 1.55
N ASN A 115 -2.63 14.48 1.72
CA ASN A 115 -1.59 15.13 2.50
C ASN A 115 -0.98 16.30 1.72
N SER A 116 -0.06 17.01 2.35
CA SER A 116 0.59 18.15 1.73
C SER A 116 2.11 18.03 1.82
N VAL A 117 2.78 18.08 0.67
CA VAL A 117 4.23 17.97 0.63
C VAL A 117 4.81 18.91 -0.43
N GLN A 118 5.43 20.00 0.02
CA GLN A 118 6.02 20.96 -0.89
C GLN A 118 7.43 21.34 -0.44
N SER A 119 7.53 21.91 0.76
CA SER A 119 8.83 22.31 1.30
C SER A 119 9.51 23.31 0.37
N GLY A 120 9.33 24.60 0.65
CA GLY A 120 9.94 25.63 -0.16
C GLY A 120 11.29 26.07 0.38
N ASN A 121 12.27 25.19 0.29
CA ASN A 121 13.62 25.49 0.77
C ASN A 121 14.67 25.06 -0.25
N LEU A 122 14.95 25.93 -1.20
CA LEU A 122 15.94 25.64 -2.23
C LEU A 122 17.36 25.78 -1.69
N ALA A 123 17.62 26.88 -0.99
CA ALA A 123 18.92 27.14 -0.41
C ALA A 123 19.99 27.25 -1.49
N GLY A 1 6.80 -11.27 -8.30
CA GLY A 1 7.76 -11.58 -7.26
C GLY A 1 7.22 -11.31 -5.87
N ASN A 2 7.90 -11.82 -4.86
CA ASN A 2 7.48 -11.64 -3.47
C ASN A 2 8.61 -12.00 -2.51
N ASP A 3 8.59 -11.39 -1.33
CA ASP A 3 9.60 -11.64 -0.32
C ASP A 3 9.23 -12.84 0.54
N SER A 4 9.96 -13.93 0.38
CA SER A 4 9.71 -15.15 1.14
C SER A 4 10.60 -15.22 2.37
N LYS A 5 10.01 -14.97 3.54
CA LYS A 5 10.75 -15.01 4.79
C LYS A 5 9.83 -15.34 5.97
N LYS A 6 10.42 -15.52 7.14
CA LYS A 6 9.64 -15.85 8.33
C LYS A 6 10.26 -15.19 9.57
N PHE A 7 9.60 -15.35 10.71
CA PHE A 7 10.09 -14.78 11.96
C PHE A 7 9.38 -15.41 13.16
N LYS A 8 9.07 -16.70 13.05
CA LYS A 8 8.40 -17.42 14.12
C LYS A 8 7.14 -16.68 14.56
N GLY A 9 6.55 -17.13 15.66
CA GLY A 9 5.34 -16.49 16.17
C GLY A 9 4.08 -17.10 15.59
N ASP A 10 3.76 -16.73 14.35
CA ASP A 10 2.58 -17.24 13.68
C ASP A 10 2.92 -17.73 12.27
N SER A 11 3.49 -16.85 11.46
CA SER A 11 3.85 -17.20 10.10
C SER A 11 2.65 -17.71 9.32
N ARG A 12 1.53 -17.01 9.45
CA ARG A 12 0.30 -17.40 8.76
C ARG A 12 -0.80 -16.37 9.01
N SER A 13 -0.85 -15.82 10.21
CA SER A 13 -1.85 -14.83 10.57
C SER A 13 -1.47 -13.46 10.02
N ALA A 14 -2.37 -12.49 10.20
CA ALA A 14 -2.14 -11.14 9.73
C ALA A 14 -1.83 -10.19 10.89
N GLY A 15 -0.58 -10.22 11.36
CA GLY A 15 -0.19 -9.36 12.47
C GLY A 15 1.32 -9.17 12.54
N VAL A 16 1.76 -7.94 12.30
CA VAL A 16 3.19 -7.63 12.34
C VAL A 16 3.42 -6.19 12.78
N PRO A 17 4.36 -6.01 13.73
CA PRO A 17 4.70 -4.69 14.26
C PRO A 17 5.42 -3.82 13.23
N SER A 18 4.66 -3.27 12.30
CA SER A 18 5.23 -2.41 11.26
C SER A 18 4.21 -1.36 10.81
N ARG A 19 4.53 -0.68 9.72
CA ARG A 19 3.65 0.37 9.19
C ARG A 19 3.40 0.15 7.70
N VAL A 20 4.42 -0.34 6.99
CA VAL A 20 4.31 -0.59 5.56
C VAL A 20 3.52 -1.87 5.29
N ILE A 21 2.55 -1.77 4.38
CA ILE A 21 1.72 -2.92 4.03
C ILE A 21 2.05 -3.43 2.62
N HIS A 22 1.71 -4.68 2.37
CA HIS A 22 1.97 -5.28 1.06
C HIS A 22 0.69 -5.86 0.46
N ILE A 23 0.27 -5.30 -0.66
CA ILE A 23 -0.95 -5.76 -1.33
C ILE A 23 -0.62 -6.47 -2.64
N ARG A 24 -1.34 -7.55 -2.92
CA ARG A 24 -1.13 -8.31 -4.15
C ARG A 24 -2.44 -8.50 -4.90
N LYS A 25 -2.35 -9.09 -6.09
CA LYS A 25 -3.53 -9.34 -6.91
C LYS A 25 -4.26 -8.03 -7.22
N LEU A 26 -3.50 -7.02 -7.60
CA LEU A 26 -4.08 -5.71 -7.92
C LEU A 26 -4.64 -5.70 -9.33
N PRO A 27 -5.64 -4.82 -9.58
CA PRO A 27 -6.28 -4.70 -10.89
C PRO A 27 -5.34 -4.08 -11.93
N ILE A 28 -5.59 -4.39 -13.20
CA ILE A 28 -4.79 -3.87 -14.29
C ILE A 28 -4.84 -2.35 -14.32
N ASP A 29 -5.97 -1.78 -13.91
CA ASP A 29 -6.16 -0.34 -13.91
C ASP A 29 -5.95 0.22 -12.50
N VAL A 30 -5.11 -0.45 -11.72
CA VAL A 30 -4.83 -0.02 -10.35
C VAL A 30 -4.05 1.29 -10.34
N THR A 31 -4.43 2.20 -9.45
CA THR A 31 -3.77 3.49 -9.34
C THR A 31 -3.48 3.83 -7.88
N GLU A 32 -2.73 4.92 -7.67
CA GLU A 32 -2.37 5.34 -6.33
C GLU A 32 -3.63 5.68 -5.51
N GLY A 33 -4.55 6.40 -6.14
CA GLY A 33 -5.77 6.78 -5.46
C GLY A 33 -6.48 5.60 -4.82
N GLU A 34 -6.32 4.43 -5.42
CA GLU A 34 -6.94 3.22 -4.90
C GLU A 34 -6.09 2.61 -3.78
N VAL A 35 -4.86 2.26 -4.10
CA VAL A 35 -3.96 1.67 -3.13
C VAL A 35 -3.88 2.51 -1.87
N ILE A 36 -3.60 3.81 -2.04
CA ILE A 36 -3.51 4.73 -0.91
C ILE A 36 -4.81 4.75 -0.11
N SER A 37 -5.94 4.69 -0.81
CA SER A 37 -7.24 4.71 -0.17
C SER A 37 -7.38 3.55 0.81
N LEU A 38 -6.69 2.45 0.51
CA LEU A 38 -6.73 1.27 1.36
C LEU A 38 -6.37 1.61 2.81
N GLY A 39 -5.56 2.65 2.97
CA GLY A 39 -5.15 3.07 4.29
C GLY A 39 -5.44 4.54 4.56
N LEU A 40 -6.36 5.11 3.80
CA LEU A 40 -6.74 6.50 3.95
C LEU A 40 -7.58 6.71 5.20
N PRO A 41 -8.74 6.03 5.25
CA PRO A 41 -9.67 6.13 6.38
C PRO A 41 -9.11 5.47 7.64
N PHE A 42 -8.15 4.57 7.45
CA PHE A 42 -7.53 3.86 8.57
C PHE A 42 -6.42 4.71 9.20
N GLY A 43 -5.73 5.47 8.36
CA GLY A 43 -4.65 6.31 8.86
C GLY A 43 -4.28 7.41 7.88
N LYS A 44 -3.00 7.48 7.53
CA LYS A 44 -2.51 8.49 6.60
C LYS A 44 -1.32 7.97 5.81
N VAL A 45 -1.60 7.37 4.65
CA VAL A 45 -0.57 6.82 3.79
C VAL A 45 0.52 7.85 3.53
N THR A 46 1.74 7.56 3.99
CA THR A 46 2.87 8.46 3.81
C THR A 46 3.62 8.15 2.51
N ASN A 47 3.67 6.87 2.16
CA ASN A 47 4.36 6.45 0.94
C ASN A 47 3.54 5.40 0.20
N LEU A 48 3.93 5.13 -1.04
CA LEU A 48 3.24 4.14 -1.86
C LEU A 48 4.17 3.55 -2.91
N LEU A 49 4.64 2.33 -2.66
CA LEU A 49 5.55 1.65 -3.57
C LEU A 49 4.77 0.89 -4.63
N MET A 50 4.29 1.61 -5.65
CA MET A 50 3.52 1.00 -6.73
C MET A 50 4.42 0.13 -7.60
N LEU A 51 3.89 -1.01 -8.04
CA LEU A 51 4.66 -1.93 -8.88
C LEU A 51 3.83 -2.35 -10.09
N LYS A 52 3.57 -1.40 -10.99
CA LYS A 52 2.79 -1.68 -12.20
C LYS A 52 3.35 -2.90 -12.92
N GLY A 53 2.46 -3.60 -13.63
CA GLY A 53 2.88 -4.79 -14.36
C GLY A 53 2.78 -6.05 -13.52
N LYS A 54 3.26 -5.97 -12.29
CA LYS A 54 3.23 -7.11 -11.39
C LYS A 54 1.95 -7.14 -10.59
N ASN A 55 1.19 -6.05 -10.65
CA ASN A 55 -0.08 -5.96 -9.94
C ASN A 55 0.16 -6.01 -8.43
N GLN A 56 1.00 -5.11 -7.92
CA GLN A 56 1.30 -5.06 -6.51
C GLN A 56 1.68 -3.65 -6.08
N ALA A 57 1.50 -3.35 -4.80
CA ALA A 57 1.82 -2.03 -4.26
C ALA A 57 1.91 -2.06 -2.74
N PHE A 58 2.67 -1.13 -2.18
CA PHE A 58 2.84 -1.05 -0.73
C PHE A 58 2.25 0.26 -0.19
N ILE A 59 2.04 0.30 1.13
CA ILE A 59 1.48 1.48 1.77
C ILE A 59 2.17 1.74 3.11
N GLU A 60 3.02 2.76 3.14
CA GLU A 60 3.74 3.11 4.37
C GLU A 60 2.91 4.07 5.22
N MET A 61 2.19 3.52 6.19
CA MET A 61 1.36 4.33 7.08
C MET A 61 2.22 5.23 7.96
N ASN A 62 1.60 6.25 8.54
CA ASN A 62 2.31 7.17 9.41
C ASN A 62 2.61 6.54 10.77
N THR A 63 1.70 5.67 11.22
CA THR A 63 1.87 4.99 12.49
C THR A 63 1.57 3.51 12.37
N GLU A 64 2.03 2.73 13.34
CA GLU A 64 1.81 1.29 13.34
C GLU A 64 0.32 0.97 13.51
N GLU A 65 -0.35 1.73 14.36
CA GLU A 65 -1.78 1.53 14.61
C GLU A 65 -2.56 1.48 13.29
N ALA A 66 -2.42 2.54 12.50
CA ALA A 66 -3.11 2.62 11.22
C ALA A 66 -2.88 1.37 10.39
N ALA A 67 -1.63 0.95 10.27
CA ALA A 67 -1.29 -0.24 9.50
C ALA A 67 -1.86 -1.49 10.15
N ASN A 68 -2.02 -1.45 11.47
CA ASN A 68 -2.56 -2.59 12.22
C ASN A 68 -4.09 -2.50 12.31
N THR A 69 -4.67 -1.62 11.50
CA THR A 69 -6.12 -1.43 11.50
C THR A 69 -6.71 -1.86 10.16
N MET A 70 -5.95 -1.67 9.08
CA MET A 70 -6.42 -2.03 7.75
C MET A 70 -6.08 -3.49 7.44
N VAL A 71 -4.92 -3.93 7.90
CA VAL A 71 -4.48 -5.31 7.67
C VAL A 71 -5.20 -6.28 8.59
N ASN A 72 -5.61 -5.79 9.76
CA ASN A 72 -6.32 -6.61 10.72
C ASN A 72 -7.82 -6.64 10.42
N TYR A 73 -8.30 -5.62 9.72
CA TYR A 73 -9.71 -5.52 9.36
C TYR A 73 -9.98 -6.21 8.03
N TYR A 74 -9.21 -5.84 7.01
CA TYR A 74 -9.38 -6.43 5.68
C TYR A 74 -9.16 -7.93 5.72
N THR A 75 -8.38 -8.39 6.68
CA THR A 75 -8.09 -9.81 6.84
C THR A 75 -9.38 -10.64 6.82
N SER A 76 -10.47 -10.03 7.27
CA SER A 76 -11.76 -10.71 7.31
C SER A 76 -12.60 -10.34 6.10
N VAL A 77 -12.41 -9.12 5.60
CA VAL A 77 -13.16 -8.63 4.45
C VAL A 77 -12.33 -8.76 3.17
N THR A 78 -12.79 -8.10 2.12
CA THR A 78 -12.09 -8.13 0.83
C THR A 78 -12.17 -6.78 0.12
N PRO A 79 -11.09 -6.00 0.22
CA PRO A 79 -11.02 -4.67 -0.41
C PRO A 79 -10.95 -4.75 -1.93
N VAL A 80 -12.09 -4.98 -2.56
CA VAL A 80 -12.16 -5.09 -4.01
C VAL A 80 -11.81 -3.75 -4.67
N LEU A 81 -11.00 -3.81 -5.72
CA LEU A 81 -10.59 -2.62 -6.43
C LEU A 81 -10.83 -2.77 -7.94
N ARG A 82 -11.62 -1.87 -8.50
CA ARG A 82 -11.93 -1.90 -9.92
C ARG A 82 -12.64 -3.21 -10.29
N GLY A 83 -13.45 -3.72 -9.36
CA GLY A 83 -14.17 -4.95 -9.61
C GLY A 83 -13.28 -6.17 -9.55
N GLN A 84 -12.26 -6.12 -8.69
CA GLN A 84 -11.32 -7.23 -8.54
C GLN A 84 -10.77 -7.29 -7.12
N PRO A 85 -10.91 -8.46 -6.48
CA PRO A 85 -10.43 -8.68 -5.11
C PRO A 85 -8.91 -8.70 -5.03
N ILE A 86 -8.38 -8.28 -3.88
CA ILE A 86 -6.93 -8.25 -3.67
C ILE A 86 -6.56 -8.87 -2.33
N TYR A 87 -5.26 -8.90 -2.04
CA TYR A 87 -4.77 -9.46 -0.79
C TYR A 87 -4.20 -8.38 0.12
N ILE A 88 -4.26 -8.61 1.42
CA ILE A 88 -3.74 -7.66 2.39
C ILE A 88 -2.85 -8.35 3.42
N GLN A 89 -1.63 -7.85 3.56
CA GLN A 89 -0.67 -8.41 4.50
C GLN A 89 0.48 -7.44 4.77
N PHE A 90 0.87 -7.31 6.03
CA PHE A 90 1.96 -6.42 6.40
C PHE A 90 3.20 -6.68 5.55
N SER A 91 3.96 -5.62 5.29
CA SER A 91 5.17 -5.73 4.48
C SER A 91 6.40 -5.87 5.36
N ASN A 92 7.31 -6.75 4.97
CA ASN A 92 8.53 -6.98 5.74
C ASN A 92 9.27 -5.67 5.97
N HIS A 93 9.21 -4.77 4.99
CA HIS A 93 9.87 -3.47 5.10
C HIS A 93 9.13 -2.56 6.06
N LYS A 94 9.83 -1.58 6.62
CA LYS A 94 9.23 -0.64 7.56
C LYS A 94 9.38 0.79 7.06
N GLU A 95 10.51 1.07 6.42
CA GLU A 95 10.79 2.40 5.88
C GLU A 95 10.91 2.37 4.36
N LEU A 96 9.77 2.50 3.68
CA LEU A 96 9.75 2.49 2.22
C LEU A 96 10.70 3.55 1.66
N LYS A 97 11.48 3.16 0.66
CA LYS A 97 12.42 4.08 0.03
C LYS A 97 12.71 3.66 -1.42
N THR A 98 12.05 4.31 -2.37
CA THR A 98 12.24 4.00 -3.77
C THR A 98 13.47 4.70 -4.33
N ASP A 99 13.94 4.23 -5.48
CA ASP A 99 15.12 4.81 -6.12
C ASP A 99 14.77 5.33 -7.51
N SER A 100 15.78 5.86 -8.20
CA SER A 100 15.58 6.40 -9.55
C SER A 100 15.07 5.33 -10.49
N SER A 101 13.92 5.58 -11.11
CA SER A 101 13.32 4.63 -12.05
C SER A 101 12.17 5.28 -12.80
N PRO A 102 11.81 4.68 -13.94
CA PRO A 102 10.72 5.18 -14.79
C PRO A 102 9.35 5.00 -14.15
N ASN A 103 9.10 3.79 -13.65
CA ASN A 103 7.82 3.49 -13.00
C ASN A 103 7.70 4.22 -11.66
N GLN A 104 8.80 4.25 -10.91
CA GLN A 104 8.82 4.92 -9.61
C GLN A 104 8.30 6.35 -9.72
N ALA A 105 8.62 7.00 -10.84
CA ALA A 105 8.18 8.37 -11.08
C ALA A 105 6.68 8.52 -10.87
N ARG A 106 5.94 7.48 -11.26
CA ARG A 106 4.48 7.49 -11.11
C ARG A 106 4.08 7.42 -9.64
N ALA A 107 4.83 6.66 -8.86
CA ALA A 107 4.56 6.50 -7.44
C ALA A 107 4.43 7.86 -6.76
N GLN A 108 5.25 8.82 -7.18
CA GLN A 108 5.23 10.15 -6.61
C GLN A 108 4.39 11.09 -7.46
N ALA A 109 3.21 10.61 -7.87
CA ALA A 109 2.30 11.41 -8.69
C ALA A 109 1.10 11.87 -7.89
N ALA A 110 0.19 10.94 -7.62
CA ALA A 110 -1.02 11.24 -6.86
C ALA A 110 -0.67 11.70 -5.45
N LEU A 111 0.37 11.11 -4.88
CA LEU A 111 0.81 11.46 -3.53
C LEU A 111 1.02 12.97 -3.40
N GLN A 112 1.57 13.58 -4.44
CA GLN A 112 1.82 15.01 -4.44
C GLN A 112 0.51 15.79 -4.39
N ALA A 113 -0.48 15.32 -5.15
CA ALA A 113 -1.78 15.98 -5.19
C ALA A 113 -2.42 16.01 -3.81
N VAL A 114 -2.57 14.84 -3.19
CA VAL A 114 -3.16 14.75 -1.87
C VAL A 114 -2.35 15.53 -0.84
N ASN A 115 -1.03 15.51 -1.00
CA ASN A 115 -0.15 16.22 -0.08
C ASN A 115 -0.34 17.73 -0.19
N SER A 116 0.15 18.31 -1.28
CA SER A 116 0.04 19.75 -1.50
C SER A 116 0.56 20.13 -2.88
N VAL A 117 -0.18 20.99 -3.57
CA VAL A 117 0.22 21.44 -4.90
C VAL A 117 1.01 22.74 -4.84
N GLN A 118 2.09 22.81 -5.60
CA GLN A 118 2.93 24.00 -5.63
C GLN A 118 2.97 24.61 -7.03
N SER A 119 3.63 23.93 -7.95
CA SER A 119 3.75 24.41 -9.32
C SER A 119 3.78 23.24 -10.30
N GLY A 120 4.86 22.47 -10.27
CA GLY A 120 4.98 21.33 -11.15
C GLY A 120 6.42 21.11 -11.61
N ASN A 121 6.70 21.48 -12.86
CA ASN A 121 8.04 21.32 -13.42
C ASN A 121 8.30 22.36 -14.51
N LEU A 122 9.55 22.79 -14.62
CA LEU A 122 9.94 23.77 -15.63
C LEU A 122 10.60 23.10 -16.82
N ALA A 123 11.72 22.44 -16.59
CA ALA A 123 12.44 21.75 -17.64
C ALA A 123 12.76 22.71 -18.80
N GLY A 1 10.80 -4.22 -4.74
CA GLY A 1 11.84 -5.01 -5.37
C GLY A 1 11.68 -6.49 -5.12
N ASN A 2 12.80 -7.19 -4.93
CA ASN A 2 12.78 -8.63 -4.70
C ASN A 2 13.99 -9.06 -3.86
N ASP A 3 13.73 -9.44 -2.62
CA ASP A 3 14.80 -9.87 -1.72
C ASP A 3 14.38 -11.13 -0.97
N SER A 4 13.22 -11.08 -0.32
CA SER A 4 12.72 -12.21 0.44
C SER A 4 13.71 -12.61 1.54
N LYS A 5 13.75 -11.82 2.61
CA LYS A 5 14.64 -12.09 3.73
C LYS A 5 14.20 -11.35 4.97
N LYS A 6 14.54 -11.89 6.14
CA LYS A 6 14.17 -11.28 7.41
C LYS A 6 12.66 -11.22 7.58
N PHE A 7 12.13 -12.13 8.40
CA PHE A 7 10.69 -12.19 8.65
C PHE A 7 9.94 -12.51 7.36
N LYS A 8 9.98 -13.77 6.95
CA LYS A 8 9.30 -14.21 5.74
C LYS A 8 8.15 -15.15 6.07
N GLY A 9 6.93 -14.77 5.69
CA GLY A 9 5.77 -15.58 5.95
C GLY A 9 4.47 -14.89 5.60
N ASP A 10 3.61 -14.71 6.58
CA ASP A 10 2.32 -14.05 6.37
C ASP A 10 1.51 -14.79 5.30
N SER A 11 1.60 -16.12 5.31
CA SER A 11 0.88 -16.95 4.35
C SER A 11 -0.60 -17.00 4.69
N ARG A 12 -0.90 -17.34 5.95
CA ARG A 12 -2.28 -17.44 6.40
C ARG A 12 -2.58 -16.36 7.43
N SER A 13 -1.63 -16.13 8.33
CA SER A 13 -1.80 -15.13 9.39
C SER A 13 -1.83 -13.72 8.79
N ALA A 14 -1.83 -12.72 9.66
CA ALA A 14 -1.87 -11.32 9.22
C ALA A 14 -1.67 -10.38 10.40
N GLY A 15 -0.45 -10.36 10.95
CA GLY A 15 -0.15 -9.50 12.07
C GLY A 15 1.34 -9.26 12.25
N VAL A 16 1.76 -8.02 12.04
CA VAL A 16 3.17 -7.66 12.17
C VAL A 16 3.34 -6.22 12.63
N PRO A 17 4.21 -6.02 13.63
CA PRO A 17 4.48 -4.69 14.18
C PRO A 17 5.23 -3.79 13.20
N SER A 18 4.51 -3.27 12.21
CA SER A 18 5.12 -2.41 11.21
C SER A 18 4.12 -1.35 10.73
N ARG A 19 4.48 -0.64 9.67
CA ARG A 19 3.62 0.40 9.11
C ARG A 19 3.40 0.18 7.62
N VAL A 20 4.44 -0.30 6.94
CA VAL A 20 4.37 -0.55 5.51
C VAL A 20 3.53 -1.79 5.21
N ILE A 21 2.54 -1.63 4.34
CA ILE A 21 1.67 -2.75 3.97
C ILE A 21 2.00 -3.25 2.57
N HIS A 22 1.75 -4.54 2.33
CA HIS A 22 2.01 -5.14 1.03
C HIS A 22 0.73 -5.72 0.44
N ILE A 23 0.30 -5.16 -0.69
CA ILE A 23 -0.90 -5.63 -1.36
C ILE A 23 -0.57 -6.33 -2.68
N ARG A 24 -1.31 -7.39 -2.98
CA ARG A 24 -1.09 -8.15 -4.21
C ARG A 24 -2.40 -8.34 -4.97
N LYS A 25 -2.30 -8.88 -6.18
CA LYS A 25 -3.48 -9.12 -7.00
C LYS A 25 -4.23 -7.82 -7.28
N LEU A 26 -3.49 -6.79 -7.68
CA LEU A 26 -4.09 -5.49 -7.98
C LEU A 26 -4.68 -5.47 -9.38
N PRO A 27 -5.73 -4.65 -9.58
CA PRO A 27 -6.40 -4.51 -10.87
C PRO A 27 -5.54 -3.81 -11.90
N ILE A 28 -5.69 -4.18 -13.17
CA ILE A 28 -4.93 -3.58 -14.25
C ILE A 28 -5.09 -2.06 -14.25
N ASP A 29 -6.22 -1.59 -13.75
CA ASP A 29 -6.51 -0.16 -13.70
C ASP A 29 -6.26 0.39 -12.29
N VAL A 30 -5.37 -0.27 -11.55
CA VAL A 30 -5.05 0.15 -10.20
C VAL A 30 -4.22 1.44 -10.20
N THR A 31 -4.58 2.36 -9.31
CA THR A 31 -3.87 3.63 -9.22
C THR A 31 -3.65 4.03 -7.77
N GLU A 32 -2.80 5.04 -7.56
CA GLU A 32 -2.51 5.52 -6.21
C GLU A 32 -3.80 5.84 -5.45
N GLY A 33 -4.72 6.51 -6.13
CA GLY A 33 -5.98 6.88 -5.49
C GLY A 33 -6.66 5.70 -4.85
N GLU A 34 -6.49 4.52 -5.43
CA GLU A 34 -7.09 3.29 -4.90
C GLU A 34 -6.19 2.64 -3.86
N VAL A 35 -4.95 2.34 -4.26
CA VAL A 35 -3.98 1.72 -3.37
C VAL A 35 -3.88 2.49 -2.05
N ILE A 36 -3.64 3.79 -2.15
CA ILE A 36 -3.51 4.64 -0.98
C ILE A 36 -4.81 4.67 -0.17
N SER A 37 -5.93 4.72 -0.88
CA SER A 37 -7.24 4.75 -0.24
C SER A 37 -7.40 3.57 0.72
N LEU A 38 -6.70 2.49 0.43
CA LEU A 38 -6.76 1.28 1.26
C LEU A 38 -6.40 1.60 2.70
N GLY A 39 -5.56 2.62 2.89
CA GLY A 39 -5.15 3.01 4.23
C GLY A 39 -5.41 4.48 4.50
N LEU A 40 -6.33 5.07 3.74
CA LEU A 40 -6.67 6.48 3.92
C LEU A 40 -7.54 6.68 5.15
N PRO A 41 -8.70 6.02 5.18
CA PRO A 41 -9.65 6.11 6.30
C PRO A 41 -9.13 5.42 7.55
N PHE A 42 -8.14 4.54 7.37
CA PHE A 42 -7.55 3.82 8.49
C PHE A 42 -6.45 4.64 9.16
N GLY A 43 -5.75 5.44 8.36
CA GLY A 43 -4.68 6.26 8.88
C GLY A 43 -4.28 7.37 7.93
N LYS A 44 -2.97 7.45 7.65
CA LYS A 44 -2.45 8.47 6.74
C LYS A 44 -1.24 7.95 5.98
N VAL A 45 -1.48 7.47 4.76
CA VAL A 45 -0.40 6.94 3.92
C VAL A 45 0.69 7.98 3.72
N THR A 46 1.94 7.51 3.71
CA THR A 46 3.07 8.40 3.52
C THR A 46 3.85 8.04 2.26
N ASN A 47 3.93 6.76 1.97
CA ASN A 47 4.65 6.28 0.78
C ASN A 47 3.74 5.40 -0.08
N LEU A 48 4.31 4.84 -1.14
CA LEU A 48 3.57 3.97 -2.05
C LEU A 48 4.47 3.41 -3.14
N LEU A 49 4.68 2.11 -3.11
CA LEU A 49 5.53 1.45 -4.10
C LEU A 49 4.68 0.72 -5.14
N MET A 50 4.08 1.48 -6.04
CA MET A 50 3.24 0.91 -7.09
C MET A 50 4.04 -0.06 -7.96
N LEU A 51 3.83 -1.35 -7.75
CA LEU A 51 4.52 -2.38 -8.51
C LEU A 51 3.66 -2.90 -9.65
N LYS A 52 3.24 -2.00 -10.53
CA LYS A 52 2.41 -2.37 -11.67
C LYS A 52 3.02 -3.55 -12.43
N GLY A 53 4.34 -3.64 -12.40
CA GLY A 53 5.03 -4.73 -13.09
C GLY A 53 4.45 -6.09 -12.74
N LYS A 54 3.98 -6.23 -11.50
CA LYS A 54 3.40 -7.49 -11.05
C LYS A 54 2.08 -7.25 -10.33
N ASN A 55 1.38 -6.19 -10.73
CA ASN A 55 0.09 -5.86 -10.13
C ASN A 55 0.18 -5.88 -8.61
N GLN A 56 1.00 -4.98 -8.06
CA GLN A 56 1.17 -4.89 -6.62
C GLN A 56 1.38 -3.45 -6.17
N ALA A 57 1.44 -3.23 -4.87
CA ALA A 57 1.65 -1.90 -4.31
C ALA A 57 1.84 -1.94 -2.81
N PHE A 58 2.48 -0.92 -2.26
CA PHE A 58 2.73 -0.84 -0.82
C PHE A 58 2.13 0.44 -0.24
N ILE A 59 1.99 0.46 1.09
CA ILE A 59 1.44 1.62 1.77
C ILE A 59 2.15 1.85 3.11
N GLU A 60 2.98 2.89 3.16
CA GLU A 60 3.71 3.21 4.38
C GLU A 60 2.90 4.15 5.27
N MET A 61 2.17 3.57 6.22
CA MET A 61 1.35 4.35 7.13
C MET A 61 2.22 5.22 8.04
N ASN A 62 1.62 6.26 8.61
CA ASN A 62 2.34 7.16 9.50
C ASN A 62 2.64 6.49 10.84
N THR A 63 1.73 5.62 11.27
CA THR A 63 1.89 4.91 12.53
C THR A 63 1.59 3.43 12.37
N GLU A 64 2.04 2.63 13.33
CA GLU A 64 1.82 1.19 13.29
C GLU A 64 0.34 0.86 13.45
N GLU A 65 -0.33 1.59 14.34
CA GLU A 65 -1.75 1.39 14.58
C GLU A 65 -2.53 1.39 13.28
N ALA A 66 -2.39 2.47 12.51
CA ALA A 66 -3.08 2.59 11.23
C ALA A 66 -2.89 1.35 10.37
N ALA A 67 -1.63 0.95 10.19
CA ALA A 67 -1.31 -0.22 9.39
C ALA A 67 -1.88 -1.48 10.02
N ASN A 68 -2.01 -1.47 11.34
CA ASN A 68 -2.55 -2.62 12.07
C ASN A 68 -4.06 -2.55 12.18
N THR A 69 -4.66 -1.65 11.40
CA THR A 69 -6.10 -1.47 11.41
C THR A 69 -6.72 -1.92 10.09
N MET A 70 -5.98 -1.72 9.00
CA MET A 70 -6.45 -2.09 7.67
C MET A 70 -6.11 -3.54 7.37
N VAL A 71 -4.92 -3.96 7.79
CA VAL A 71 -4.46 -5.32 7.56
C VAL A 71 -5.16 -6.31 8.49
N ASN A 72 -5.59 -5.82 9.65
CA ASN A 72 -6.29 -6.65 10.62
C ASN A 72 -7.78 -6.68 10.34
N TYR A 73 -8.27 -5.67 9.65
CA TYR A 73 -9.69 -5.58 9.31
C TYR A 73 -9.97 -6.27 7.99
N TYR A 74 -9.24 -5.89 6.95
CA TYR A 74 -9.42 -6.47 5.63
C TYR A 74 -9.20 -7.98 5.66
N THR A 75 -8.36 -8.43 6.58
CA THR A 75 -8.07 -9.86 6.73
C THR A 75 -9.36 -10.67 6.77
N SER A 76 -10.42 -10.07 7.29
CA SER A 76 -11.71 -10.75 7.39
C SER A 76 -12.60 -10.41 6.20
N VAL A 77 -12.42 -9.21 5.65
CA VAL A 77 -13.20 -8.76 4.51
C VAL A 77 -12.41 -8.89 3.22
N THR A 78 -12.88 -8.22 2.16
CA THR A 78 -12.22 -8.25 0.87
C THR A 78 -12.31 -6.91 0.16
N PRO A 79 -11.23 -6.12 0.25
CA PRO A 79 -11.17 -4.80 -0.39
C PRO A 79 -11.12 -4.88 -1.91
N VAL A 80 -12.28 -5.09 -2.53
CA VAL A 80 -12.37 -5.18 -3.98
C VAL A 80 -12.06 -3.85 -4.64
N LEU A 81 -11.13 -3.85 -5.59
CA LEU A 81 -10.75 -2.64 -6.29
C LEU A 81 -11.01 -2.78 -7.79
N ARG A 82 -11.83 -1.89 -8.33
CA ARG A 82 -12.15 -1.91 -9.75
C ARG A 82 -12.84 -3.22 -10.13
N GLY A 83 -13.61 -3.76 -9.19
CA GLY A 83 -14.31 -5.01 -9.45
C GLY A 83 -13.39 -6.22 -9.42
N GLN A 84 -12.36 -6.15 -8.57
CA GLN A 84 -11.40 -7.24 -8.46
C GLN A 84 -10.82 -7.29 -7.05
N PRO A 85 -10.88 -8.47 -6.42
CA PRO A 85 -10.36 -8.69 -5.07
C PRO A 85 -8.85 -8.64 -5.01
N ILE A 86 -8.31 -8.29 -3.84
CA ILE A 86 -6.87 -8.21 -3.67
C ILE A 86 -6.44 -8.83 -2.34
N TYR A 87 -5.13 -8.93 -2.13
CA TYR A 87 -4.59 -9.51 -0.91
C TYR A 87 -4.02 -8.43 0.00
N ILE A 88 -4.26 -8.55 1.30
CA ILE A 88 -3.76 -7.59 2.27
C ILE A 88 -2.86 -8.26 3.30
N GLN A 89 -1.65 -7.73 3.46
CA GLN A 89 -0.69 -8.27 4.41
C GLN A 89 0.38 -7.24 4.76
N PHE A 90 1.10 -7.49 5.85
CA PHE A 90 2.15 -6.58 6.29
C PHE A 90 3.43 -6.81 5.52
N SER A 91 4.07 -5.72 5.09
CA SER A 91 5.32 -5.80 4.34
C SER A 91 6.49 -6.09 5.26
N ASN A 92 7.58 -6.62 4.68
CA ASN A 92 8.78 -6.93 5.45
C ASN A 92 9.56 -5.66 5.80
N HIS A 93 9.55 -4.71 4.87
CA HIS A 93 10.26 -3.45 5.08
C HIS A 93 9.47 -2.53 5.99
N LYS A 94 10.12 -1.47 6.47
CA LYS A 94 9.48 -0.52 7.37
C LYS A 94 9.57 0.90 6.80
N GLU A 95 10.68 1.20 6.14
CA GLU A 95 10.89 2.51 5.55
C GLU A 95 11.11 2.41 4.05
N LEU A 96 10.03 2.46 3.29
CA LEU A 96 10.10 2.36 1.83
C LEU A 96 11.10 3.36 1.27
N LYS A 97 12.05 2.88 0.48
CA LYS A 97 13.07 3.74 -0.12
C LYS A 97 13.19 3.47 -1.61
N THR A 98 12.52 4.28 -2.43
CA THR A 98 12.56 4.12 -3.87
C THR A 98 13.55 5.10 -4.50
N ASP A 99 13.98 4.80 -5.72
CA ASP A 99 14.92 5.64 -6.44
C ASP A 99 14.36 6.07 -7.79
N SER A 100 15.09 6.91 -8.49
CA SER A 100 14.66 7.39 -9.80
C SER A 100 14.33 6.23 -10.73
N SER A 101 13.20 6.34 -11.42
CA SER A 101 12.76 5.30 -12.34
C SER A 101 11.45 5.70 -13.02
N PRO A 102 11.15 5.04 -14.15
CA PRO A 102 9.93 5.30 -14.91
C PRO A 102 8.68 4.82 -14.20
N ASN A 103 8.74 3.60 -13.67
CA ASN A 103 7.60 3.03 -12.96
C ASN A 103 7.74 3.25 -11.46
N GLN A 104 7.70 4.50 -11.04
CA GLN A 104 7.83 4.85 -9.62
C GLN A 104 7.43 6.30 -9.39
N ALA A 105 7.84 7.18 -10.30
CA ALA A 105 7.53 8.60 -10.19
C ALA A 105 6.04 8.82 -10.00
N ARG A 106 5.23 8.01 -10.68
CA ARG A 106 3.78 8.11 -10.59
C ARG A 106 3.32 8.10 -9.14
N ALA A 107 4.00 7.31 -8.31
CA ALA A 107 3.67 7.20 -6.89
C ALA A 107 3.79 8.57 -6.21
N GLN A 108 4.84 9.30 -6.53
CA GLN A 108 5.06 10.61 -5.95
C GLN A 108 4.22 11.68 -6.64
N ALA A 109 2.91 11.48 -6.65
CA ALA A 109 1.99 12.42 -7.28
C ALA A 109 0.70 12.54 -6.50
N ALA A 110 -0.06 11.46 -6.44
CA ALA A 110 -1.33 11.45 -5.72
C ALA A 110 -1.12 11.78 -4.25
N LEU A 111 -0.03 11.27 -3.68
CA LEU A 111 0.28 11.53 -2.28
C LEU A 111 0.34 13.03 -1.99
N GLN A 112 1.26 13.71 -2.68
CA GLN A 112 1.43 15.15 -2.50
C GLN A 112 0.13 15.89 -2.77
N ALA A 113 -0.61 15.43 -3.79
CA ALA A 113 -1.87 16.04 -4.15
C ALA A 113 -2.83 16.09 -2.96
N VAL A 114 -3.18 14.92 -2.44
CA VAL A 114 -4.08 14.83 -1.31
C VAL A 114 -3.58 15.68 -0.14
N ASN A 115 -2.27 15.71 0.04
CA ASN A 115 -1.67 16.48 1.12
C ASN A 115 -1.86 17.98 0.89
N SER A 116 -1.13 18.51 -0.08
CA SER A 116 -1.21 19.94 -0.41
C SER A 116 -0.42 20.26 -1.67
N VAL A 117 -0.82 21.33 -2.36
CA VAL A 117 -0.15 21.74 -3.59
C VAL A 117 -0.26 20.66 -4.66
N GLN A 118 -1.29 20.75 -5.49
CA GLN A 118 -1.50 19.78 -6.55
C GLN A 118 -0.92 20.28 -7.87
N SER A 119 0.38 20.59 -7.86
CA SER A 119 1.06 21.08 -9.05
C SER A 119 2.48 20.54 -9.12
N GLY A 120 2.89 20.13 -10.32
CA GLY A 120 4.23 19.59 -10.51
C GLY A 120 4.75 19.79 -11.92
N ASN A 121 4.39 18.87 -12.81
CA ASN A 121 4.81 18.95 -14.20
C ASN A 121 6.33 19.08 -14.30
N LEU A 122 7.01 17.94 -14.20
CA LEU A 122 8.47 17.92 -14.27
C LEU A 122 8.94 17.36 -15.61
N ALA A 123 8.42 16.20 -15.98
CA ALA A 123 8.79 15.57 -17.24
C ALA A 123 7.63 14.74 -17.79
N GLY A 1 -3.22 -22.12 0.49
CA GLY A 1 -1.85 -22.46 0.19
C GLY A 1 -0.86 -21.79 1.12
N ASN A 2 0.37 -21.64 0.65
CA ASN A 2 1.41 -21.02 1.46
C ASN A 2 1.94 -19.75 0.79
N ASP A 3 2.75 -19.00 1.52
CA ASP A 3 3.32 -17.76 1.00
C ASP A 3 4.46 -17.27 1.88
N SER A 4 4.18 -17.15 3.17
CA SER A 4 5.19 -16.67 4.12
C SER A 4 4.72 -16.88 5.56
N LYS A 5 5.66 -16.86 6.50
CA LYS A 5 5.34 -17.03 7.91
C LYS A 5 6.32 -16.28 8.80
N LYS A 6 5.89 -15.14 9.32
CA LYS A 6 6.73 -14.33 10.18
C LYS A 6 7.17 -15.11 11.42
N PHE A 7 6.23 -15.32 12.34
CA PHE A 7 6.52 -16.06 13.56
C PHE A 7 5.62 -17.29 13.68
N LYS A 8 5.33 -17.91 12.54
CA LYS A 8 4.48 -19.10 12.52
C LYS A 8 3.04 -18.75 12.86
N GLY A 9 2.78 -18.52 14.14
CA GLY A 9 1.44 -18.17 14.58
C GLY A 9 0.66 -19.38 15.06
N ASP A 10 -0.34 -19.14 15.90
CA ASP A 10 -1.15 -20.21 16.44
C ASP A 10 -2.37 -20.46 15.56
N SER A 11 -3.29 -19.50 15.53
CA SER A 11 -4.50 -19.62 14.72
C SER A 11 -4.73 -18.36 13.91
N ARG A 12 -4.68 -17.21 14.58
CA ARG A 12 -4.89 -15.93 13.92
C ARG A 12 -3.66 -15.53 13.10
N SER A 13 -3.89 -14.86 11.98
CA SER A 13 -2.80 -14.43 11.12
C SER A 13 -2.96 -12.96 10.75
N ALA A 14 -2.06 -12.46 9.90
CA ALA A 14 -2.09 -11.08 9.46
C ALA A 14 -1.87 -10.13 10.64
N GLY A 15 -0.65 -10.13 11.17
CA GLY A 15 -0.33 -9.27 12.29
C GLY A 15 1.17 -9.05 12.44
N VAL A 16 1.61 -7.81 12.22
CA VAL A 16 3.02 -7.48 12.34
C VAL A 16 3.20 -6.04 12.77
N PRO A 17 4.09 -5.82 13.76
CA PRO A 17 4.38 -4.48 14.29
C PRO A 17 5.14 -3.62 13.29
N SER A 18 4.43 -3.11 12.29
CA SER A 18 5.04 -2.27 11.27
C SER A 18 4.05 -1.22 10.76
N ARG A 19 4.44 -0.50 9.72
CA ARG A 19 3.59 0.53 9.13
C ARG A 19 3.39 0.29 7.64
N VAL A 20 4.43 -0.23 6.99
CA VAL A 20 4.37 -0.50 5.56
C VAL A 20 3.59 -1.78 5.27
N ILE A 21 2.65 -1.70 4.35
CA ILE A 21 1.83 -2.85 3.98
C ILE A 21 2.14 -3.31 2.56
N HIS A 22 1.86 -4.58 2.28
CA HIS A 22 2.10 -5.15 0.96
C HIS A 22 0.81 -5.69 0.36
N ILE A 23 0.36 -5.07 -0.73
CA ILE A 23 -0.85 -5.49 -1.41
C ILE A 23 -0.55 -6.24 -2.69
N ARG A 24 -1.32 -7.29 -2.97
CA ARG A 24 -1.12 -8.09 -4.18
C ARG A 24 -2.44 -8.30 -4.91
N LYS A 25 -2.39 -9.03 -6.02
CA LYS A 25 -3.58 -9.30 -6.81
C LYS A 25 -4.31 -8.01 -7.17
N LEU A 26 -3.55 -6.95 -7.40
CA LEU A 26 -4.13 -5.66 -7.75
C LEU A 26 -4.74 -5.69 -9.14
N PRO A 27 -5.69 -4.77 -9.40
CA PRO A 27 -6.37 -4.68 -10.69
C PRO A 27 -5.45 -4.17 -11.79
N ILE A 28 -5.79 -4.48 -13.03
CA ILE A 28 -5.00 -4.05 -14.18
C ILE A 28 -4.96 -2.53 -14.28
N ASP A 29 -6.06 -1.89 -13.89
CA ASP A 29 -6.15 -0.43 -13.93
C ASP A 29 -5.95 0.16 -12.55
N VAL A 30 -5.15 -0.52 -11.72
CA VAL A 30 -4.88 -0.05 -10.37
C VAL A 30 -4.17 1.30 -10.38
N THR A 31 -4.59 2.18 -9.48
CA THR A 31 -3.99 3.52 -9.38
C THR A 31 -3.64 3.86 -7.94
N GLU A 32 -2.81 4.89 -7.77
CA GLU A 32 -2.39 5.31 -6.44
C GLU A 32 -3.60 5.71 -5.59
N GLY A 33 -4.52 6.45 -6.19
CA GLY A 33 -5.71 6.88 -5.48
C GLY A 33 -6.43 5.73 -4.80
N GLU A 34 -6.35 4.54 -5.40
CA GLU A 34 -6.99 3.36 -4.84
C GLU A 34 -6.14 2.75 -3.72
N VAL A 35 -4.91 2.38 -4.06
CA VAL A 35 -4.00 1.79 -3.08
C VAL A 35 -3.91 2.66 -1.83
N ILE A 36 -3.62 3.94 -2.02
CA ILE A 36 -3.50 4.87 -0.90
C ILE A 36 -4.80 4.92 -0.09
N SER A 37 -5.93 4.86 -0.78
CA SER A 37 -7.23 4.89 -0.13
C SER A 37 -7.40 3.71 0.82
N LEU A 38 -6.73 2.61 0.49
CA LEU A 38 -6.80 1.40 1.32
C LEU A 38 -6.41 1.70 2.77
N GLY A 39 -5.60 2.75 2.95
CA GLY A 39 -5.18 3.12 4.28
C GLY A 39 -5.46 4.57 4.60
N LEU A 40 -6.40 5.15 3.86
CA LEU A 40 -6.77 6.56 4.07
C LEU A 40 -7.61 6.71 5.34
N PRO A 41 -8.76 6.02 5.37
CA PRO A 41 -9.68 6.07 6.51
C PRO A 41 -9.10 5.37 7.74
N PHE A 42 -8.14 4.49 7.52
CA PHE A 42 -7.51 3.75 8.60
C PHE A 42 -6.40 4.58 9.25
N GLY A 43 -5.72 5.38 8.44
CA GLY A 43 -4.65 6.22 8.95
C GLY A 43 -4.28 7.34 8.00
N LYS A 44 -3.00 7.42 7.66
CA LYS A 44 -2.52 8.46 6.75
C LYS A 44 -1.35 7.95 5.92
N VAL A 45 -1.64 7.43 4.74
CA VAL A 45 -0.61 6.92 3.85
C VAL A 45 0.47 7.97 3.58
N THR A 46 1.73 7.57 3.67
CA THR A 46 2.84 8.47 3.44
C THR A 46 3.61 8.09 2.19
N ASN A 47 3.72 6.79 1.95
CA ASN A 47 4.44 6.29 0.78
C ASN A 47 3.57 5.32 -0.02
N LEU A 48 4.08 4.88 -1.16
CA LEU A 48 3.35 3.96 -2.02
C LEU A 48 4.26 3.39 -3.12
N LEU A 49 4.64 2.14 -2.96
CA LEU A 49 5.51 1.48 -3.94
C LEU A 49 4.68 0.71 -4.97
N MET A 50 4.12 1.44 -5.92
CA MET A 50 3.31 0.84 -6.98
C MET A 50 4.15 -0.11 -7.83
N LEU A 51 3.66 -1.34 -7.99
CA LEU A 51 4.36 -2.34 -8.79
C LEU A 51 3.46 -2.92 -9.87
N LYS A 52 2.96 -2.05 -10.75
CA LYS A 52 2.09 -2.48 -11.82
C LYS A 52 2.69 -3.64 -12.60
N GLY A 53 4.02 -3.69 -12.65
CA GLY A 53 4.70 -4.76 -13.35
C GLY A 53 4.21 -6.13 -12.94
N LYS A 54 3.83 -6.27 -11.68
CA LYS A 54 3.34 -7.53 -11.16
C LYS A 54 2.04 -7.33 -10.38
N ASN A 55 1.29 -6.31 -10.74
CA ASN A 55 0.02 -6.01 -10.08
C ASN A 55 0.17 -6.05 -8.57
N GLN A 56 0.96 -5.11 -8.05
CA GLN A 56 1.19 -5.03 -6.60
C GLN A 56 1.41 -3.58 -6.17
N ALA A 57 1.47 -3.38 -4.86
CA ALA A 57 1.67 -2.03 -4.31
C ALA A 57 1.91 -2.09 -2.81
N PHE A 58 2.34 -0.97 -2.23
CA PHE A 58 2.61 -0.89 -0.81
C PHE A 58 2.04 0.39 -0.22
N ILE A 59 1.93 0.43 1.11
CA ILE A 59 1.40 1.59 1.80
C ILE A 59 2.12 1.83 3.13
N GLU A 60 2.91 2.89 3.18
CA GLU A 60 3.65 3.22 4.40
C GLU A 60 2.85 4.16 5.29
N MET A 61 2.10 3.57 6.22
CA MET A 61 1.28 4.36 7.14
C MET A 61 2.15 5.25 8.03
N ASN A 62 1.53 6.20 8.70
CA ASN A 62 2.25 7.11 9.58
C ASN A 62 2.55 6.45 10.92
N THR A 63 1.64 5.59 11.37
CA THR A 63 1.81 4.90 12.64
C THR A 63 1.50 3.41 12.49
N GLU A 64 2.05 2.60 13.39
CA GLU A 64 1.82 1.16 13.36
C GLU A 64 0.35 0.83 13.51
N GLU A 65 -0.33 1.59 14.37
CA GLU A 65 -1.75 1.37 14.61
C GLU A 65 -2.54 1.36 13.30
N ALA A 66 -2.37 2.42 12.52
CA ALA A 66 -3.05 2.53 11.23
C ALA A 66 -2.86 1.28 10.40
N ALA A 67 -1.60 0.86 10.24
CA ALA A 67 -1.27 -0.32 9.46
C ALA A 67 -1.85 -1.58 10.10
N ASN A 68 -2.00 -1.54 11.43
CA ASN A 68 -2.53 -2.68 12.17
C ASN A 68 -4.06 -2.59 12.25
N THR A 69 -4.64 -1.72 11.45
CA THR A 69 -6.09 -1.54 11.44
C THR A 69 -6.68 -1.94 10.09
N MET A 70 -5.91 -1.75 9.03
CA MET A 70 -6.36 -2.10 7.69
C MET A 70 -6.01 -3.55 7.36
N VAL A 71 -4.84 -3.98 7.81
CA VAL A 71 -4.38 -5.35 7.57
C VAL A 71 -5.09 -6.34 8.50
N ASN A 72 -5.53 -5.85 9.65
CA ASN A 72 -6.21 -6.69 10.62
C ASN A 72 -7.71 -6.73 10.35
N TYR A 73 -8.20 -5.72 9.63
CA TYR A 73 -9.62 -5.64 9.30
C TYR A 73 -9.90 -6.32 7.96
N TYR A 74 -9.17 -5.92 6.93
CA TYR A 74 -9.34 -6.48 5.60
C TYR A 74 -9.11 -7.99 5.61
N THR A 75 -8.27 -8.45 6.53
CA THR A 75 -7.98 -9.87 6.65
C THR A 75 -9.25 -10.70 6.70
N SER A 76 -10.32 -10.10 7.21
CA SER A 76 -11.60 -10.79 7.32
C SER A 76 -12.50 -10.44 6.12
N VAL A 77 -12.33 -9.24 5.60
CA VAL A 77 -13.12 -8.78 4.46
C VAL A 77 -12.32 -8.89 3.17
N THR A 78 -12.82 -8.23 2.12
CA THR A 78 -12.16 -8.25 0.82
C THR A 78 -12.25 -6.89 0.13
N PRO A 79 -11.17 -6.10 0.21
CA PRO A 79 -11.11 -4.77 -0.39
C PRO A 79 -11.07 -4.84 -1.92
N VAL A 80 -12.24 -4.92 -2.54
CA VAL A 80 -12.34 -4.99 -4.00
C VAL A 80 -11.98 -3.65 -4.63
N LEU A 81 -11.11 -3.69 -5.63
CA LEU A 81 -10.69 -2.48 -6.33
C LEU A 81 -10.88 -2.61 -7.84
N ARG A 82 -11.67 -1.71 -8.42
CA ARG A 82 -11.94 -1.73 -9.86
C ARG A 82 -12.67 -3.02 -10.24
N GLY A 83 -13.49 -3.53 -9.33
CA GLY A 83 -14.23 -4.74 -9.61
C GLY A 83 -13.36 -5.98 -9.56
N GLN A 84 -12.42 -6.00 -8.62
CA GLN A 84 -11.52 -7.14 -8.47
C GLN A 84 -10.89 -7.15 -7.08
N PRO A 85 -10.94 -8.32 -6.42
CA PRO A 85 -10.38 -8.49 -5.08
C PRO A 85 -8.85 -8.45 -5.08
N ILE A 86 -8.28 -7.96 -3.98
CA ILE A 86 -6.83 -7.87 -3.86
C ILE A 86 -6.34 -8.59 -2.61
N TYR A 87 -5.05 -8.45 -2.31
CA TYR A 87 -4.46 -9.10 -1.15
C TYR A 87 -3.98 -8.05 -0.14
N ILE A 88 -4.09 -8.39 1.14
CA ILE A 88 -3.68 -7.48 2.20
C ILE A 88 -2.80 -8.20 3.23
N GLN A 89 -1.64 -7.63 3.51
CA GLN A 89 -0.71 -8.22 4.47
C GLN A 89 0.46 -7.28 4.75
N PHE A 90 1.03 -7.40 5.95
CA PHE A 90 2.15 -6.56 6.34
C PHE A 90 3.39 -6.89 5.52
N SER A 91 4.14 -5.85 5.14
CA SER A 91 5.35 -6.03 4.35
C SER A 91 6.53 -6.38 5.25
N ASN A 92 7.71 -6.51 4.65
CA ASN A 92 8.92 -6.83 5.39
C ASN A 92 10.03 -5.83 5.10
N HIS A 93 9.64 -4.57 4.93
CA HIS A 93 10.60 -3.51 4.65
C HIS A 93 10.57 -2.45 5.74
N LYS A 94 9.36 -2.03 6.13
CA LYS A 94 9.19 -1.02 7.16
C LYS A 94 9.92 0.27 6.79
N GLU A 95 9.98 0.55 5.49
CA GLU A 95 10.65 1.76 5.01
C GLU A 95 10.58 1.85 3.48
N LEU A 96 9.74 2.75 3.00
CA LEU A 96 9.57 2.94 1.57
C LEU A 96 10.27 4.21 1.10
N LYS A 97 11.20 4.06 0.16
CA LYS A 97 11.94 5.19 -0.37
C LYS A 97 11.86 5.22 -1.89
N THR A 98 11.90 4.04 -2.51
CA THR A 98 11.84 3.93 -3.96
C THR A 98 12.86 4.84 -4.63
N ASP A 99 12.78 4.96 -5.94
CA ASP A 99 13.70 5.80 -6.71
C ASP A 99 13.02 6.35 -7.96
N SER A 100 13.82 6.95 -8.84
CA SER A 100 13.31 7.53 -10.08
C SER A 100 12.65 6.45 -10.94
N SER A 101 11.60 6.84 -11.66
CA SER A 101 10.89 5.91 -12.52
C SER A 101 9.84 6.64 -13.36
N PRO A 102 9.41 6.01 -14.45
CA PRO A 102 8.41 6.58 -15.37
C PRO A 102 7.02 6.65 -14.73
N ASN A 103 6.72 5.68 -13.87
CA ASN A 103 5.43 5.63 -13.21
C ASN A 103 5.43 6.50 -11.95
N GLN A 104 6.57 6.52 -11.26
CA GLN A 104 6.71 7.31 -10.04
C GLN A 104 6.39 8.77 -10.30
N ALA A 105 6.77 9.26 -11.48
CA ALA A 105 6.52 10.65 -11.86
C ALA A 105 5.06 11.02 -11.65
N ARG A 106 4.17 10.06 -11.91
CA ARG A 106 2.74 10.29 -11.76
C ARG A 106 2.32 10.20 -10.29
N ALA A 107 2.96 9.29 -9.56
CA ALA A 107 2.66 9.09 -8.15
C ALA A 107 2.72 10.42 -7.38
N GLN A 108 3.73 11.23 -7.71
CA GLN A 108 3.89 12.53 -7.05
C GLN A 108 2.60 13.34 -7.11
N ALA A 109 1.90 13.24 -8.24
CA ALA A 109 0.64 13.96 -8.41
C ALA A 109 -0.45 13.40 -7.51
N ALA A 110 -0.73 12.12 -7.66
CA ALA A 110 -1.76 11.46 -6.87
C ALA A 110 -1.52 11.68 -5.38
N LEU A 111 -0.33 11.31 -4.91
CA LEU A 111 0.02 11.47 -3.50
C LEU A 111 -0.14 12.91 -3.06
N GLN A 112 0.24 13.84 -3.94
CA GLN A 112 0.13 15.27 -3.63
C GLN A 112 -1.33 15.67 -3.45
N ALA A 113 -2.22 15.07 -4.23
CA ALA A 113 -3.64 15.37 -4.15
C ALA A 113 -4.15 15.20 -2.73
N VAL A 114 -3.72 14.13 -2.06
CA VAL A 114 -4.13 13.86 -0.69
C VAL A 114 -3.62 14.93 0.26
N ASN A 115 -2.38 15.34 0.07
CA ASN A 115 -1.76 16.37 0.91
C ASN A 115 -2.42 17.72 0.68
N SER A 116 -2.35 18.21 -0.55
CA SER A 116 -2.93 19.49 -0.90
C SER A 116 -3.15 19.61 -2.41
N VAL A 117 -4.42 19.63 -2.81
CA VAL A 117 -4.77 19.73 -4.23
C VAL A 117 -4.32 21.07 -4.81
N GLN A 118 -3.51 21.01 -5.86
CA GLN A 118 -3.01 22.22 -6.50
C GLN A 118 -3.09 22.10 -8.02
N SER A 119 -2.40 21.10 -8.56
CA SER A 119 -2.39 20.87 -10.00
C SER A 119 -2.86 19.46 -10.34
N GLY A 120 -4.08 19.34 -10.82
CA GLY A 120 -4.62 18.04 -11.17
C GLY A 120 -4.73 17.84 -12.67
N ASN A 121 -5.78 17.15 -13.10
CA ASN A 121 -5.98 16.89 -14.53
C ASN A 121 -4.84 16.05 -15.10
N LEU A 122 -5.01 14.73 -15.06
CA LEU A 122 -3.99 13.83 -15.57
C LEU A 122 -2.64 14.10 -14.92
N ALA A 123 -1.60 13.46 -15.45
CA ALA A 123 -0.24 13.63 -14.92
C ALA A 123 0.66 14.31 -15.94
N GLY A 1 14.51 -10.91 -3.84
CA GLY A 1 13.59 -11.55 -4.77
C GLY A 1 12.97 -12.80 -4.20
N ASN A 2 13.18 -13.92 -4.88
CA ASN A 2 12.63 -15.20 -4.44
C ASN A 2 11.12 -15.12 -4.31
N ASP A 3 10.51 -16.22 -3.89
CA ASP A 3 9.06 -16.29 -3.73
C ASP A 3 8.56 -15.16 -2.83
N SER A 4 9.21 -15.01 -1.67
CA SER A 4 8.84 -13.97 -0.71
C SER A 4 9.79 -13.97 0.48
N LYS A 5 9.73 -15.02 1.28
CA LYS A 5 10.58 -15.15 2.46
C LYS A 5 10.35 -13.99 3.41
N LYS A 6 11.14 -13.95 4.49
CA LYS A 6 11.02 -12.89 5.48
C LYS A 6 9.65 -12.92 6.16
N PHE A 7 9.62 -13.42 7.39
CA PHE A 7 8.37 -13.51 8.14
C PHE A 7 7.35 -14.38 7.40
N LYS A 8 7.36 -15.67 7.67
CA LYS A 8 6.44 -16.59 7.03
C LYS A 8 5.19 -16.80 7.89
N GLY A 9 4.19 -17.48 7.33
CA GLY A 9 2.96 -17.73 8.05
C GLY A 9 2.94 -19.11 8.70
N ASP A 10 3.38 -19.18 9.96
CA ASP A 10 3.41 -20.45 10.69
C ASP A 10 2.29 -20.49 11.72
N SER A 11 2.40 -19.64 12.74
CA SER A 11 1.40 -19.59 13.79
C SER A 11 0.70 -18.23 13.83
N ARG A 12 0.48 -17.67 12.64
CA ARG A 12 -0.18 -16.37 12.53
C ARG A 12 -1.03 -16.31 11.27
N SER A 13 -1.60 -15.13 11.00
CA SER A 13 -2.43 -14.93 9.82
C SER A 13 -2.19 -13.56 9.20
N ALA A 14 -2.35 -12.51 9.99
CA ALA A 14 -2.14 -11.15 9.52
C ALA A 14 -1.93 -10.20 10.68
N GLY A 15 -0.73 -10.19 11.24
CA GLY A 15 -0.42 -9.32 12.36
C GLY A 15 1.07 -9.11 12.54
N VAL A 16 1.52 -7.88 12.31
CA VAL A 16 2.93 -7.54 12.45
C VAL A 16 3.12 -6.10 12.89
N PRO A 17 3.98 -5.88 13.88
CA PRO A 17 4.27 -4.54 14.41
C PRO A 17 5.05 -3.68 13.42
N SER A 18 4.35 -3.17 12.41
CA SER A 18 4.98 -2.33 11.39
C SER A 18 4.02 -1.27 10.89
N ARG A 19 4.40 -0.59 9.82
CA ARG A 19 3.57 0.46 9.24
C ARG A 19 3.38 0.23 7.74
N VAL A 20 4.41 -0.28 7.09
CA VAL A 20 4.35 -0.55 5.65
C VAL A 20 3.54 -1.80 5.36
N ILE A 21 2.63 -1.71 4.40
CA ILE A 21 1.78 -2.83 4.02
C ILE A 21 2.10 -3.30 2.61
N HIS A 22 1.75 -4.55 2.30
CA HIS A 22 1.99 -5.12 0.99
C HIS A 22 0.70 -5.65 0.39
N ILE A 23 0.29 -5.10 -0.75
CA ILE A 23 -0.93 -5.52 -1.41
C ILE A 23 -0.61 -6.28 -2.70
N ARG A 24 -1.34 -7.36 -2.95
CA ARG A 24 -1.13 -8.16 -4.15
C ARG A 24 -2.45 -8.38 -4.90
N LYS A 25 -2.38 -9.07 -6.02
CA LYS A 25 -3.56 -9.35 -6.83
C LYS A 25 -4.30 -8.05 -7.17
N LEU A 26 -3.54 -6.99 -7.42
CA LEU A 26 -4.12 -5.70 -7.76
C LEU A 26 -4.70 -5.71 -9.17
N PRO A 27 -5.67 -4.82 -9.42
CA PRO A 27 -6.32 -4.72 -10.73
C PRO A 27 -5.39 -4.15 -11.81
N ILE A 28 -5.67 -4.50 -13.06
CA ILE A 28 -4.86 -4.03 -14.17
C ILE A 28 -4.86 -2.50 -14.26
N ASP A 29 -5.97 -1.90 -13.86
CA ASP A 29 -6.10 -0.45 -13.88
C ASP A 29 -5.91 0.14 -12.49
N VAL A 30 -5.10 -0.53 -11.67
CA VAL A 30 -4.83 -0.07 -10.31
C VAL A 30 -4.10 1.26 -10.32
N THR A 31 -4.52 2.17 -9.44
CA THR A 31 -3.89 3.48 -9.34
C THR A 31 -3.59 3.84 -7.89
N GLU A 32 -2.82 4.90 -7.70
CA GLU A 32 -2.46 5.35 -6.35
C GLU A 32 -3.71 5.72 -5.55
N GLY A 33 -4.61 6.45 -6.18
CA GLY A 33 -5.83 6.86 -5.51
C GLY A 33 -6.55 5.70 -4.86
N GLU A 34 -6.41 4.52 -5.45
CA GLU A 34 -7.05 3.32 -4.91
C GLU A 34 -6.19 2.67 -3.84
N VAL A 35 -4.94 2.36 -4.20
CA VAL A 35 -4.01 1.73 -3.27
C VAL A 35 -3.91 2.54 -1.97
N ILE A 36 -3.61 3.82 -2.10
CA ILE A 36 -3.48 4.71 -0.95
C ILE A 36 -4.77 4.74 -0.14
N SER A 37 -5.91 4.73 -0.83
CA SER A 37 -7.21 4.77 -0.17
C SER A 37 -7.37 3.59 0.78
N LEU A 38 -6.66 2.50 0.48
CA LEU A 38 -6.73 1.30 1.31
C LEU A 38 -6.36 1.62 2.76
N GLY A 39 -5.54 2.65 2.94
CA GLY A 39 -5.13 3.05 4.27
C GLY A 39 -5.41 4.51 4.56
N LEU A 40 -6.32 5.10 3.80
CA LEU A 40 -6.68 6.50 3.97
C LEU A 40 -7.55 6.69 5.21
N PRO A 41 -8.70 6.02 5.25
CA PRO A 41 -9.64 6.10 6.37
C PRO A 41 -9.10 5.42 7.62
N PHE A 42 -8.13 4.53 7.44
CA PHE A 42 -7.53 3.81 8.55
C PHE A 42 -6.43 4.64 9.21
N GLY A 43 -5.73 5.43 8.39
CA GLY A 43 -4.66 6.27 8.92
C GLY A 43 -4.27 7.36 7.96
N LYS A 44 -2.97 7.44 7.65
CA LYS A 44 -2.47 8.46 6.73
C LYS A 44 -1.26 7.93 5.95
N VAL A 45 -1.52 7.45 4.74
CA VAL A 45 -0.46 6.92 3.89
C VAL A 45 0.65 7.95 3.70
N THR A 46 1.89 7.49 3.76
CA THR A 46 3.05 8.37 3.60
C THR A 46 3.83 8.02 2.33
N ASN A 47 3.91 6.73 2.03
CA ASN A 47 4.62 6.26 0.85
C ASN A 47 3.72 5.39 -0.03
N LEU A 48 4.28 4.88 -1.11
CA LEU A 48 3.53 4.03 -2.03
C LEU A 48 4.45 3.43 -3.10
N LEU A 49 4.91 2.22 -2.87
CA LEU A 49 5.80 1.54 -3.82
C LEU A 49 5.00 0.80 -4.88
N MET A 50 4.40 1.55 -5.80
CA MET A 50 3.61 0.96 -6.87
C MET A 50 4.46 0.03 -7.74
N LEU A 51 3.89 -1.10 -8.12
CA LEU A 51 4.60 -2.08 -8.94
C LEU A 51 3.75 -2.48 -10.15
N LYS A 52 3.50 -1.54 -11.04
CA LYS A 52 2.71 -1.79 -12.23
C LYS A 52 3.22 -3.03 -12.97
N GLY A 53 2.31 -3.72 -13.65
CA GLY A 53 2.69 -4.91 -14.39
C GLY A 53 2.61 -6.17 -13.54
N LYS A 54 3.14 -6.09 -12.32
CA LYS A 54 3.12 -7.23 -11.41
C LYS A 54 1.85 -7.24 -10.58
N ASN A 55 1.10 -6.14 -10.63
CA ASN A 55 -0.15 -6.03 -9.88
C ASN A 55 0.11 -6.07 -8.38
N GLN A 56 0.96 -5.16 -7.92
CA GLN A 56 1.30 -5.08 -6.50
C GLN A 56 1.58 -3.65 -6.07
N ALA A 57 1.45 -3.38 -4.78
CA ALA A 57 1.69 -2.05 -4.25
C ALA A 57 1.93 -2.09 -2.74
N PHE A 58 2.45 -0.99 -2.19
CA PHE A 58 2.72 -0.90 -0.77
C PHE A 58 2.17 0.39 -0.19
N ILE A 59 2.01 0.42 1.14
CA ILE A 59 1.49 1.60 1.81
C ILE A 59 2.18 1.80 3.16
N GLU A 60 2.95 2.88 3.26
CA GLU A 60 3.67 3.19 4.49
C GLU A 60 2.85 4.13 5.38
N MET A 61 2.11 3.55 6.32
CA MET A 61 1.28 4.33 7.23
C MET A 61 2.15 5.21 8.13
N ASN A 62 1.53 6.23 8.73
CA ASN A 62 2.23 7.14 9.61
C ASN A 62 2.54 6.48 10.96
N THR A 63 1.62 5.62 11.41
CA THR A 63 1.78 4.92 12.67
C THR A 63 1.45 3.45 12.53
N GLU A 64 1.99 2.64 13.44
CA GLU A 64 1.75 1.20 13.42
C GLU A 64 0.26 0.88 13.57
N GLU A 65 -0.40 1.62 14.45
CA GLU A 65 -1.83 1.42 14.69
C GLU A 65 -2.61 1.42 13.38
N ALA A 66 -2.45 2.48 12.60
CA ALA A 66 -3.13 2.59 11.32
C ALA A 66 -2.93 1.35 10.47
N ALA A 67 -1.68 0.92 10.35
CA ALA A 67 -1.34 -0.27 9.57
C ALA A 67 -1.93 -1.52 10.20
N ASN A 68 -2.10 -1.49 11.52
CA ASN A 68 -2.66 -2.64 12.24
C ASN A 68 -4.18 -2.54 12.31
N THR A 69 -4.75 -1.65 11.52
CA THR A 69 -6.19 -1.46 11.48
C THR A 69 -6.77 -1.87 10.14
N MET A 70 -5.99 -1.70 9.08
CA MET A 70 -6.43 -2.06 7.74
C MET A 70 -6.10 -3.52 7.43
N VAL A 71 -4.92 -3.96 7.88
CA VAL A 71 -4.49 -5.33 7.66
C VAL A 71 -5.22 -6.31 8.58
N ASN A 72 -5.62 -5.81 9.75
CA ASN A 72 -6.33 -6.63 10.73
C ASN A 72 -7.83 -6.67 10.41
N TYR A 73 -8.30 -5.67 9.68
CA TYR A 73 -9.70 -5.58 9.32
C TYR A 73 -9.97 -6.26 7.97
N TYR A 74 -9.20 -5.88 6.96
CA TYR A 74 -9.35 -6.45 5.63
C TYR A 74 -9.15 -7.96 5.66
N THR A 75 -8.32 -8.43 6.59
CA THR A 75 -8.04 -9.85 6.73
C THR A 75 -9.33 -10.66 6.76
N SER A 76 -10.40 -10.05 7.27
CA SER A 76 -11.70 -10.70 7.37
C SER A 76 -12.57 -10.38 6.16
N VAL A 77 -12.37 -9.19 5.61
CA VAL A 77 -13.15 -8.74 4.46
C VAL A 77 -12.32 -8.86 3.18
N THR A 78 -12.78 -8.19 2.12
CA THR A 78 -12.10 -8.23 0.84
C THR A 78 -12.17 -6.88 0.13
N PRO A 79 -11.09 -6.10 0.21
CA PRO A 79 -11.02 -4.78 -0.41
C PRO A 79 -10.96 -4.86 -1.93
N VAL A 80 -12.13 -5.02 -2.55
CA VAL A 80 -12.20 -5.10 -4.02
C VAL A 80 -11.87 -3.76 -4.66
N LEU A 81 -11.06 -3.81 -5.71
CA LEU A 81 -10.67 -2.60 -6.43
C LEU A 81 -10.86 -2.77 -7.94
N ARG A 82 -11.65 -1.88 -8.52
CA ARG A 82 -11.92 -1.93 -9.95
C ARG A 82 -12.62 -3.23 -10.34
N GLY A 83 -13.43 -3.75 -9.41
CA GLY A 83 -14.14 -4.98 -9.67
C GLY A 83 -13.25 -6.20 -9.60
N GLN A 84 -12.30 -6.18 -8.67
CA GLN A 84 -11.38 -7.29 -8.49
C GLN A 84 -10.76 -7.29 -7.10
N PRO A 85 -10.84 -8.44 -6.41
CA PRO A 85 -10.30 -8.60 -5.06
C PRO A 85 -8.78 -8.55 -5.03
N ILE A 86 -8.22 -8.00 -3.96
CA ILE A 86 -6.78 -7.90 -3.81
C ILE A 86 -6.30 -8.62 -2.55
N TYR A 87 -5.03 -8.46 -2.22
CA TYR A 87 -4.45 -9.09 -1.04
C TYR A 87 -3.98 -8.04 -0.04
N ILE A 88 -4.03 -8.40 1.24
CA ILE A 88 -3.61 -7.49 2.31
C ILE A 88 -2.72 -8.20 3.31
N GLN A 89 -1.54 -7.63 3.56
CA GLN A 89 -0.59 -8.21 4.50
C GLN A 89 0.61 -7.29 4.70
N PHE A 90 1.02 -7.12 5.96
CA PHE A 90 2.15 -6.27 6.28
C PHE A 90 3.36 -6.61 5.41
N SER A 91 4.22 -5.62 5.18
CA SER A 91 5.40 -5.80 4.36
C SER A 91 6.65 -5.91 5.23
N ASN A 92 6.46 -6.31 6.48
CA ASN A 92 7.57 -6.44 7.42
C ASN A 92 8.47 -5.21 7.38
N HIS A 93 7.87 -4.06 7.16
CA HIS A 93 8.63 -2.80 7.09
C HIS A 93 7.89 -1.68 7.81
N LYS A 94 8.64 -0.76 8.39
CA LYS A 94 8.06 0.37 9.11
C LYS A 94 8.16 1.65 8.29
N GLU A 95 9.25 1.79 7.56
CA GLU A 95 9.47 2.98 6.73
C GLU A 95 10.07 2.59 5.38
N LEU A 96 9.28 2.78 4.32
CA LEU A 96 9.72 2.45 2.97
C LEU A 96 10.87 3.35 2.54
N LYS A 97 11.84 2.77 1.84
CA LYS A 97 13.00 3.52 1.37
C LYS A 97 13.17 3.37 -0.14
N THR A 98 12.42 4.15 -0.90
CA THR A 98 12.48 4.11 -2.35
C THR A 98 13.43 5.18 -2.89
N ASP A 99 13.97 4.94 -4.08
CA ASP A 99 14.89 5.88 -4.72
C ASP A 99 14.36 6.32 -6.08
N SER A 100 15.19 7.04 -6.83
CA SER A 100 14.80 7.52 -8.15
C SER A 100 14.29 6.38 -9.02
N SER A 101 13.10 6.56 -9.57
CA SER A 101 12.49 5.54 -10.42
C SER A 101 11.28 6.10 -11.16
N PRO A 102 10.89 5.43 -12.25
CA PRO A 102 9.75 5.84 -13.08
C PRO A 102 8.42 5.65 -12.36
N ASN A 103 8.32 4.58 -11.59
CA ASN A 103 7.09 4.28 -10.84
C ASN A 103 6.92 5.25 -9.68
N GLN A 104 8.02 5.62 -9.06
CA GLN A 104 7.99 6.54 -7.92
C GLN A 104 7.56 7.94 -8.37
N ALA A 105 8.04 8.36 -9.53
CA ALA A 105 7.71 9.67 -10.08
C ALA A 105 6.19 9.86 -10.14
N ARG A 106 5.48 8.79 -10.45
CA ARG A 106 4.03 8.84 -10.55
C ARG A 106 3.39 8.90 -9.16
N ALA A 107 3.90 8.08 -8.24
CA ALA A 107 3.38 8.05 -6.89
C ALA A 107 3.35 9.45 -6.28
N GLN A 108 4.38 10.24 -6.55
CA GLN A 108 4.47 11.60 -6.03
C GLN A 108 3.23 12.40 -6.39
N ALA A 109 2.71 12.17 -7.59
CA ALA A 109 1.52 12.87 -8.06
C ALA A 109 0.39 12.76 -7.04
N ALA A 110 -0.17 11.57 -6.90
CA ALA A 110 -1.26 11.33 -5.96
C ALA A 110 -0.90 11.84 -4.56
N LEU A 111 0.28 11.45 -4.08
CA LEU A 111 0.73 11.87 -2.76
C LEU A 111 0.65 13.38 -2.62
N GLN A 112 0.96 14.10 -3.69
CA GLN A 112 0.92 15.55 -3.68
C GLN A 112 -0.48 16.05 -3.34
N ALA A 113 -1.49 15.45 -3.97
CA ALA A 113 -2.87 15.84 -3.74
C ALA A 113 -3.20 15.85 -2.25
N VAL A 114 -2.63 14.89 -1.51
CA VAL A 114 -2.87 14.79 -0.08
C VAL A 114 -1.61 15.15 0.70
N ASN A 115 -1.33 16.46 0.79
CA ASN A 115 -0.16 16.95 1.52
C ASN A 115 -0.25 18.45 1.72
N SER A 116 0.77 19.01 2.38
CA SER A 116 0.82 20.44 2.65
C SER A 116 2.10 21.05 2.12
N VAL A 117 2.35 20.87 0.83
CA VAL A 117 3.55 21.41 0.18
C VAL A 117 3.49 21.24 -1.32
N GLN A 118 3.90 22.27 -2.05
CA GLN A 118 3.90 22.23 -3.52
C GLN A 118 4.77 23.33 -4.09
N SER A 119 5.94 23.53 -3.49
CA SER A 119 6.87 24.56 -3.94
C SER A 119 6.19 25.92 -3.99
N GLY A 120 5.57 26.30 -2.89
CA GLY A 120 4.88 27.58 -2.82
C GLY A 120 5.80 28.71 -2.39
N ASN A 121 5.73 29.84 -3.10
CA ASN A 121 6.57 30.98 -2.77
C ASN A 121 5.86 32.29 -3.15
N LEU A 122 6.30 33.38 -2.55
CA LEU A 122 5.71 34.69 -2.83
C LEU A 122 6.76 35.80 -2.73
N ALA A 123 6.36 37.02 -3.06
CA ALA A 123 7.27 38.16 -3.00
C ALA A 123 6.49 39.47 -2.90
N GLY A 1 4.81 -12.62 -10.34
CA GLY A 1 5.80 -11.82 -9.66
C GLY A 1 5.89 -12.12 -8.18
N ASN A 2 7.10 -12.31 -7.68
CA ASN A 2 7.31 -12.63 -6.27
C ASN A 2 6.54 -13.88 -5.87
N ASP A 3 6.52 -14.16 -4.57
CA ASP A 3 5.81 -15.34 -4.06
C ASP A 3 4.69 -14.92 -3.11
N SER A 4 3.98 -15.92 -2.59
CA SER A 4 2.86 -15.64 -1.67
C SER A 4 3.09 -16.35 -0.34
N LYS A 5 3.96 -15.78 0.49
CA LYS A 5 4.26 -16.34 1.80
C LYS A 5 5.20 -15.44 2.58
N LYS A 6 4.78 -15.02 3.76
CA LYS A 6 5.58 -14.15 4.62
C LYS A 6 5.05 -14.13 6.04
N PHE A 7 5.92 -14.44 7.00
CA PHE A 7 5.53 -14.44 8.41
C PHE A 7 4.38 -15.42 8.65
N LYS A 8 4.72 -16.65 9.02
CA LYS A 8 3.72 -17.67 9.28
C LYS A 8 3.81 -18.18 10.72
N GLY A 9 2.70 -18.67 11.25
CA GLY A 9 2.68 -19.18 12.60
C GLY A 9 1.51 -20.11 12.86
N ASP A 10 1.22 -20.36 14.13
CA ASP A 10 0.13 -21.24 14.50
C ASP A 10 -1.19 -20.48 14.55
N SER A 11 -1.35 -19.64 15.57
CA SER A 11 -2.56 -18.85 15.73
C SER A 11 -2.35 -17.41 15.26
N ARG A 12 -1.59 -17.27 14.18
CA ARG A 12 -1.32 -15.95 13.62
C ARG A 12 -1.02 -16.04 12.13
N SER A 13 -1.07 -14.89 11.45
CA SER A 13 -0.81 -14.84 10.02
C SER A 13 -0.88 -13.41 9.50
N ALA A 14 -1.80 -12.62 10.06
CA ALA A 14 -1.96 -11.23 9.66
C ALA A 14 -1.67 -10.29 10.83
N GLY A 15 -0.43 -10.29 11.29
CA GLY A 15 -0.05 -9.43 12.40
C GLY A 15 1.45 -9.21 12.48
N VAL A 16 1.87 -7.97 12.25
CA VAL A 16 3.29 -7.63 12.29
C VAL A 16 3.50 -6.19 12.74
N PRO A 17 4.43 -5.99 13.68
CA PRO A 17 4.74 -4.67 14.22
C PRO A 17 5.45 -3.78 13.20
N SER A 18 4.68 -3.25 12.25
CA SER A 18 5.23 -2.38 11.21
C SER A 18 4.21 -1.35 10.76
N ARG A 19 4.53 -0.63 9.70
CA ARG A 19 3.64 0.39 9.16
C ARG A 19 3.41 0.19 7.67
N VAL A 20 4.44 -0.29 6.97
CA VAL A 20 4.34 -0.53 5.54
C VAL A 20 3.59 -1.81 5.25
N ILE A 21 2.58 -1.72 4.39
CA ILE A 21 1.77 -2.89 4.03
C ILE A 21 2.09 -3.35 2.62
N HIS A 22 1.81 -4.63 2.34
CA HIS A 22 2.08 -5.20 1.03
C HIS A 22 0.80 -5.77 0.42
N ILE A 23 0.31 -5.11 -0.63
CA ILE A 23 -0.91 -5.55 -1.30
C ILE A 23 -0.59 -6.29 -2.59
N ARG A 24 -1.32 -7.37 -2.85
CA ARG A 24 -1.12 -8.16 -4.05
C ARG A 24 -2.43 -8.39 -4.79
N LYS A 25 -2.37 -9.10 -5.91
CA LYS A 25 -3.54 -9.39 -6.71
C LYS A 25 -4.27 -8.10 -7.09
N LEU A 26 -3.51 -7.05 -7.32
CA LEU A 26 -4.08 -5.75 -7.69
C LEU A 26 -4.66 -5.80 -9.11
N PRO A 27 -5.61 -4.90 -9.39
CA PRO A 27 -6.25 -4.81 -10.71
C PRO A 27 -5.30 -4.28 -11.78
N ILE A 28 -5.58 -4.63 -13.03
CA ILE A 28 -4.76 -4.19 -14.14
C ILE A 28 -4.73 -2.67 -14.25
N ASP A 29 -5.84 -2.04 -13.87
CA ASP A 29 -5.94 -0.58 -13.92
C ASP A 29 -5.75 0.02 -12.52
N VAL A 30 -4.97 -0.67 -11.69
CA VAL A 30 -4.70 -0.20 -10.34
C VAL A 30 -3.93 1.12 -10.35
N THR A 31 -4.33 2.04 -9.48
CA THR A 31 -3.68 3.34 -9.40
C THR A 31 -3.36 3.70 -7.95
N GLU A 32 -2.51 4.70 -7.77
CA GLU A 32 -2.11 5.14 -6.43
C GLU A 32 -3.34 5.57 -5.63
N GLY A 33 -4.19 6.39 -6.24
CA GLY A 33 -5.38 6.86 -5.58
C GLY A 33 -6.19 5.74 -4.95
N GLU A 34 -6.13 4.57 -5.58
CA GLU A 34 -6.86 3.40 -5.08
C GLU A 34 -6.12 2.74 -3.93
N VAL A 35 -4.86 2.37 -4.17
CA VAL A 35 -4.05 1.73 -3.16
C VAL A 35 -3.97 2.59 -1.90
N ILE A 36 -3.62 3.86 -2.07
CA ILE A 36 -3.51 4.78 -0.94
C ILE A 36 -4.80 4.80 -0.13
N SER A 37 -5.93 4.72 -0.81
CA SER A 37 -7.24 4.74 -0.16
C SER A 37 -7.36 3.57 0.82
N LEU A 38 -6.67 2.48 0.51
CA LEU A 38 -6.71 1.28 1.36
C LEU A 38 -6.32 1.63 2.79
N GLY A 39 -5.53 2.68 2.95
CA GLY A 39 -5.10 3.10 4.28
C GLY A 39 -5.41 4.55 4.56
N LEU A 40 -6.36 5.11 3.81
CA LEU A 40 -6.75 6.51 3.98
C LEU A 40 -7.59 6.69 5.24
N PRO A 41 -8.72 5.98 5.30
CA PRO A 41 -9.64 6.04 6.44
C PRO A 41 -9.06 5.39 7.68
N PHE A 42 -8.09 4.51 7.48
CA PHE A 42 -7.45 3.80 8.59
C PHE A 42 -6.35 4.66 9.22
N GLY A 43 -5.68 5.46 8.39
CA GLY A 43 -4.62 6.32 8.87
C GLY A 43 -4.27 7.41 7.89
N LYS A 44 -2.99 7.50 7.54
CA LYS A 44 -2.53 8.52 6.59
C LYS A 44 -1.34 8.01 5.79
N VAL A 45 -1.62 7.43 4.63
CA VAL A 45 -0.58 6.91 3.76
C VAL A 45 0.51 7.94 3.52
N THR A 46 1.69 7.69 4.08
CA THR A 46 2.81 8.61 3.93
C THR A 46 3.58 8.32 2.65
N ASN A 47 3.65 7.05 2.28
CA ASN A 47 4.36 6.63 1.08
C ASN A 47 3.60 5.54 0.34
N LEU A 48 4.06 5.20 -0.86
CA LEU A 48 3.42 4.16 -1.67
C LEU A 48 4.39 3.63 -2.72
N LEU A 49 4.57 2.31 -2.72
CA LEU A 49 5.47 1.67 -3.68
C LEU A 49 4.67 0.93 -4.75
N MET A 50 4.21 1.68 -5.75
CA MET A 50 3.44 1.09 -6.85
C MET A 50 4.33 0.22 -7.73
N LEU A 51 3.83 -0.95 -8.10
CA LEU A 51 4.58 -1.87 -8.94
C LEU A 51 3.72 -2.35 -10.12
N LYS A 52 3.43 -1.43 -11.04
CA LYS A 52 2.62 -1.75 -12.21
C LYS A 52 3.18 -2.98 -12.94
N GLY A 53 2.30 -3.71 -13.60
CA GLY A 53 2.73 -4.89 -14.33
C GLY A 53 2.69 -6.15 -13.47
N LYS A 54 3.19 -6.03 -12.25
CA LYS A 54 3.20 -7.17 -11.32
C LYS A 54 1.93 -7.22 -10.50
N ASN A 55 1.14 -6.15 -10.57
CA ASN A 55 -0.12 -6.07 -9.83
C ASN A 55 0.14 -6.09 -8.32
N GLN A 56 0.95 -5.16 -7.85
CA GLN A 56 1.28 -5.07 -6.43
C GLN A 56 1.61 -3.64 -6.03
N ALA A 57 1.43 -3.33 -4.76
CA ALA A 57 1.72 -1.99 -4.25
C ALA A 57 1.84 -1.99 -2.73
N PHE A 58 2.65 -1.08 -2.21
CA PHE A 58 2.86 -0.98 -0.76
C PHE A 58 2.30 0.34 -0.23
N ILE A 59 2.05 0.38 1.08
CA ILE A 59 1.53 1.58 1.72
C ILE A 59 2.19 1.82 3.07
N GLU A 60 3.04 2.84 3.13
CA GLU A 60 3.73 3.19 4.36
C GLU A 60 2.88 4.10 5.24
N MET A 61 2.14 3.49 6.16
CA MET A 61 1.27 4.25 7.06
C MET A 61 2.11 5.18 7.95
N ASN A 62 1.45 6.20 8.48
CA ASN A 62 2.13 7.17 9.34
C ASN A 62 2.44 6.56 10.71
N THR A 63 1.56 5.66 11.16
CA THR A 63 1.75 4.99 12.44
C THR A 63 1.48 3.49 12.33
N GLU A 64 1.93 2.74 13.33
CA GLU A 64 1.73 1.30 13.34
C GLU A 64 0.25 0.94 13.49
N GLU A 65 -0.44 1.71 14.33
CA GLU A 65 -1.86 1.48 14.58
C GLU A 65 -2.62 1.41 13.26
N ALA A 66 -2.51 2.46 12.45
CA ALA A 66 -3.19 2.51 11.17
C ALA A 66 -2.93 1.24 10.35
N ALA A 67 -1.66 0.88 10.21
CA ALA A 67 -1.29 -0.31 9.46
C ALA A 67 -1.86 -1.56 10.11
N ASN A 68 -2.01 -1.52 11.44
CA ASN A 68 -2.54 -2.66 12.18
C ASN A 68 -4.06 -2.60 12.28
N THR A 69 -4.66 -1.72 11.47
CA THR A 69 -6.11 -1.56 11.47
C THR A 69 -6.71 -1.98 10.13
N MET A 70 -5.94 -1.80 9.06
CA MET A 70 -6.40 -2.16 7.72
C MET A 70 -6.05 -3.61 7.41
N VAL A 71 -4.88 -4.05 7.85
CA VAL A 71 -4.43 -5.42 7.62
C VAL A 71 -5.16 -6.39 8.54
N ASN A 72 -5.57 -5.90 9.71
CA ASN A 72 -6.27 -6.72 10.69
C ASN A 72 -7.76 -6.75 10.40
N TYR A 73 -8.25 -5.75 9.68
CA TYR A 73 -9.66 -5.66 9.34
C TYR A 73 -9.94 -6.34 8.00
N TYR A 74 -9.20 -5.95 6.97
CA TYR A 74 -9.36 -6.52 5.65
C TYR A 74 -9.16 -8.03 5.67
N THR A 75 -8.31 -8.50 6.59
CA THR A 75 -8.04 -9.91 6.72
C THR A 75 -9.33 -10.73 6.77
N SER A 76 -10.38 -10.12 7.30
CA SER A 76 -11.68 -10.79 7.42
C SER A 76 -12.56 -10.45 6.22
N VAL A 77 -12.39 -9.26 5.68
CA VAL A 77 -13.17 -8.82 4.53
C VAL A 77 -12.38 -8.93 3.24
N THR A 78 -12.85 -8.26 2.18
CA THR A 78 -12.18 -8.31 0.89
C THR A 78 -12.29 -6.96 0.18
N PRO A 79 -11.20 -6.17 0.25
CA PRO A 79 -11.15 -4.85 -0.38
C PRO A 79 -11.11 -4.93 -1.91
N VAL A 80 -12.29 -4.85 -2.52
CA VAL A 80 -12.39 -4.91 -3.98
C VAL A 80 -12.00 -3.58 -4.62
N LEU A 81 -11.16 -3.65 -5.65
CA LEU A 81 -10.71 -2.46 -6.35
C LEU A 81 -10.87 -2.62 -7.86
N ARG A 82 -11.60 -1.71 -8.47
CA ARG A 82 -11.83 -1.74 -9.92
C ARG A 82 -12.61 -2.99 -10.31
N GLY A 83 -13.45 -3.47 -9.40
CA GLY A 83 -14.24 -4.65 -9.68
C GLY A 83 -13.43 -5.93 -9.59
N GLN A 84 -12.52 -5.99 -8.62
CA GLN A 84 -11.66 -7.16 -8.44
C GLN A 84 -11.02 -7.16 -7.06
N PRO A 85 -11.05 -8.31 -6.38
CA PRO A 85 -10.47 -8.46 -5.04
C PRO A 85 -8.94 -8.40 -5.07
N ILE A 86 -8.35 -8.14 -3.90
CA ILE A 86 -6.90 -8.05 -3.79
C ILE A 86 -6.40 -8.76 -2.53
N TYR A 87 -5.12 -8.60 -2.24
CA TYR A 87 -4.52 -9.24 -1.07
C TYR A 87 -4.04 -8.17 -0.07
N ILE A 88 -4.14 -8.50 1.21
CA ILE A 88 -3.71 -7.59 2.26
C ILE A 88 -2.82 -8.30 3.29
N GLN A 89 -1.66 -7.71 3.56
CA GLN A 89 -0.72 -8.28 4.52
C GLN A 89 0.42 -7.31 4.81
N PHE A 90 0.96 -7.40 6.02
CA PHE A 90 2.07 -6.53 6.42
C PHE A 90 3.31 -6.82 5.60
N SER A 91 3.93 -5.77 5.08
CA SER A 91 5.14 -5.91 4.27
C SER A 91 6.34 -6.24 5.14
N ASN A 92 7.38 -6.80 4.52
CA ASN A 92 8.59 -7.17 5.24
C ASN A 92 9.37 -5.93 5.65
N HIS A 93 9.36 -4.91 4.80
CA HIS A 93 10.07 -3.67 5.08
C HIS A 93 9.29 -2.81 6.08
N LYS A 94 9.93 -1.76 6.57
CA LYS A 94 9.30 -0.86 7.53
C LYS A 94 9.83 0.56 7.38
N GLU A 95 10.10 0.95 6.13
CA GLU A 95 10.61 2.30 5.85
C GLU A 95 10.75 2.51 4.35
N LEU A 96 9.63 2.80 3.70
CA LEU A 96 9.63 3.04 2.26
C LEU A 96 10.38 4.31 1.91
N LYS A 97 11.41 4.18 1.07
CA LYS A 97 12.21 5.32 0.65
C LYS A 97 12.26 5.43 -0.87
N THR A 98 12.31 4.28 -1.53
CA THR A 98 12.35 4.26 -3.00
C THR A 98 13.46 5.16 -3.53
N ASP A 99 13.47 5.35 -4.85
CA ASP A 99 14.47 6.20 -5.48
C ASP A 99 13.91 6.86 -6.74
N SER A 100 14.78 7.50 -7.51
CA SER A 100 14.37 8.17 -8.74
C SER A 100 14.04 7.15 -9.83
N SER A 101 12.79 7.16 -10.27
CA SER A 101 12.34 6.23 -11.31
C SER A 101 11.13 6.78 -12.03
N PRO A 102 10.87 6.26 -13.25
CA PRO A 102 9.73 6.68 -14.07
C PRO A 102 8.40 6.25 -13.50
N ASN A 103 8.37 5.08 -12.87
CA ASN A 103 7.15 4.55 -12.27
C ASN A 103 6.92 5.15 -10.88
N GLN A 104 8.02 5.36 -10.15
CA GLN A 104 7.94 5.93 -8.82
C GLN A 104 7.54 7.40 -8.86
N ALA A 105 8.07 8.12 -9.84
CA ALA A 105 7.77 9.54 -10.00
C ALA A 105 6.26 9.77 -10.04
N ARG A 106 5.54 8.85 -10.66
CA ARG A 106 4.09 8.96 -10.77
C ARG A 106 3.45 9.00 -9.38
N ALA A 107 3.94 8.17 -8.48
CA ALA A 107 3.41 8.12 -7.12
C ALA A 107 3.40 9.50 -6.48
N GLN A 108 4.43 10.29 -6.76
CA GLN A 108 4.54 11.64 -6.22
C GLN A 108 3.41 12.52 -6.72
N ALA A 109 3.04 12.34 -7.99
CA ALA A 109 1.98 13.12 -8.60
C ALA A 109 0.65 12.87 -7.89
N ALA A 110 0.33 11.60 -7.68
CA ALA A 110 -0.92 11.22 -7.01
C ALA A 110 -0.88 11.59 -5.53
N LEU A 111 0.22 11.25 -4.87
CA LEU A 111 0.39 11.54 -3.45
C LEU A 111 0.12 13.02 -3.17
N GLN A 112 0.67 13.89 -4.01
CA GLN A 112 0.49 15.32 -3.86
C GLN A 112 -0.98 15.70 -3.87
N ALA A 113 -1.28 16.94 -3.50
CA ALA A 113 -2.65 17.42 -3.49
C ALA A 113 -3.45 16.76 -2.37
N VAL A 114 -3.85 15.50 -2.59
CA VAL A 114 -4.61 14.76 -1.60
C VAL A 114 -3.83 14.62 -0.29
N ASN A 115 -4.13 15.51 0.66
CA ASN A 115 -3.46 15.50 1.96
C ASN A 115 -4.15 16.44 2.94
N SER A 116 -4.55 17.60 2.44
CA SER A 116 -5.21 18.60 3.28
C SER A 116 -6.14 19.47 2.44
N VAL A 117 -6.79 18.87 1.45
CA VAL A 117 -7.71 19.59 0.58
C VAL A 117 -9.07 19.74 1.23
N GLN A 118 -10.00 20.35 0.51
CA GLN A 118 -11.36 20.56 1.01
C GLN A 118 -12.39 19.88 0.12
N SER A 119 -12.13 19.89 -1.19
CA SER A 119 -13.04 19.27 -2.15
C SER A 119 -12.26 18.43 -3.17
N GLY A 120 -12.96 17.98 -4.20
CA GLY A 120 -12.33 17.17 -5.23
C GLY A 120 -12.65 15.70 -5.09
N ASN A 121 -12.50 14.96 -6.18
CA ASN A 121 -12.79 13.53 -6.18
C ASN A 121 -11.90 12.79 -7.19
N LEU A 122 -10.95 12.03 -6.67
CA LEU A 122 -10.03 11.28 -7.53
C LEU A 122 -10.56 9.86 -7.77
N ALA A 123 -10.94 9.58 -9.01
CA ALA A 123 -11.45 8.27 -9.37
C ALA A 123 -10.37 7.43 -10.05
N GLY A 1 10.36 -19.99 -5.99
CA GLY A 1 9.28 -20.73 -5.36
C GLY A 1 8.21 -19.81 -4.78
N ASN A 2 7.56 -20.27 -3.72
CA ASN A 2 6.52 -19.48 -3.07
C ASN A 2 6.87 -19.23 -1.61
N ASP A 3 7.09 -20.29 -0.86
CA ASP A 3 7.45 -20.19 0.55
C ASP A 3 6.32 -19.51 1.33
N SER A 4 6.52 -19.37 2.64
CA SER A 4 5.52 -18.74 3.49
C SER A 4 6.06 -17.44 4.10
N LYS A 5 6.97 -17.57 5.05
CA LYS A 5 7.56 -16.41 5.69
C LYS A 5 6.50 -15.56 6.39
N LYS A 6 6.93 -14.48 7.02
CA LYS A 6 6.01 -13.59 7.72
C LYS A 6 5.31 -14.31 8.87
N PHE A 7 4.61 -13.56 9.70
CA PHE A 7 3.90 -14.14 10.84
C PHE A 7 2.87 -15.17 10.38
N LYS A 8 3.16 -16.43 10.67
CA LYS A 8 2.26 -17.52 10.28
C LYS A 8 2.37 -18.69 11.27
N GLY A 9 1.25 -19.03 11.91
CA GLY A 9 1.25 -20.12 12.86
C GLY A 9 0.82 -21.43 12.22
N ASP A 10 1.34 -21.72 11.04
CA ASP A 10 1.02 -22.94 10.33
C ASP A 10 -0.49 -23.06 10.12
N SER A 11 -1.13 -21.93 9.81
CA SER A 11 -2.57 -21.91 9.59
C SER A 11 -3.04 -20.52 9.20
N ARG A 12 -2.98 -19.59 10.14
CA ARG A 12 -3.40 -18.22 9.91
C ARG A 12 -3.20 -17.36 11.15
N SER A 13 -2.75 -16.12 10.94
CA SER A 13 -2.51 -15.21 12.06
C SER A 13 -2.78 -13.77 11.63
N ALA A 14 -1.96 -13.26 10.71
CA ALA A 14 -2.12 -11.91 10.22
C ALA A 14 -1.88 -10.89 11.33
N GLY A 15 -0.68 -10.31 11.35
CA GLY A 15 -0.35 -9.32 12.37
C GLY A 15 1.14 -9.12 12.52
N VAL A 16 1.63 -7.97 12.07
CA VAL A 16 3.05 -7.65 12.15
C VAL A 16 3.26 -6.23 12.65
N PRO A 17 4.18 -6.07 13.61
CA PRO A 17 4.51 -4.77 14.19
C PRO A 17 5.25 -3.87 13.21
N SER A 18 4.52 -3.30 12.27
CA SER A 18 5.11 -2.42 11.26
C SER A 18 4.09 -1.37 10.79
N ARG A 19 4.48 -0.61 9.77
CA ARG A 19 3.61 0.42 9.23
C ARG A 19 3.37 0.21 7.73
N VAL A 20 4.38 -0.31 7.06
CA VAL A 20 4.29 -0.57 5.62
C VAL A 20 3.48 -1.83 5.33
N ILE A 21 2.63 -1.76 4.31
CA ILE A 21 1.81 -2.90 3.94
C ILE A 21 2.14 -3.38 2.53
N HIS A 22 1.79 -4.63 2.23
CA HIS A 22 2.05 -5.21 0.93
C HIS A 22 0.76 -5.75 0.30
N ILE A 23 0.30 -5.10 -0.77
CA ILE A 23 -0.91 -5.51 -1.45
C ILE A 23 -0.59 -6.22 -2.76
N ARG A 24 -1.36 -7.26 -3.07
CA ARG A 24 -1.16 -8.03 -4.29
C ARG A 24 -2.48 -8.23 -5.03
N LYS A 25 -2.41 -8.84 -6.20
CA LYS A 25 -3.59 -9.10 -7.01
C LYS A 25 -4.35 -7.81 -7.29
N LEU A 26 -3.62 -6.77 -7.66
CA LEU A 26 -4.22 -5.48 -7.96
C LEU A 26 -4.82 -5.47 -9.37
N PRO A 27 -5.87 -4.66 -9.56
CA PRO A 27 -6.55 -4.54 -10.85
C PRO A 27 -5.68 -3.82 -11.89
N ILE A 28 -5.82 -4.22 -13.15
CA ILE A 28 -5.06 -3.61 -14.24
C ILE A 28 -5.25 -2.10 -14.27
N ASP A 29 -6.40 -1.64 -13.76
CA ASP A 29 -6.70 -0.22 -13.73
C ASP A 29 -6.45 0.36 -12.34
N VAL A 30 -5.56 -0.28 -11.58
CA VAL A 30 -5.23 0.16 -10.24
C VAL A 30 -4.40 1.44 -10.27
N THR A 31 -4.77 2.40 -9.42
CA THR A 31 -4.06 3.67 -9.35
C THR A 31 -3.81 4.07 -7.90
N GLU A 32 -2.94 5.06 -7.71
CA GLU A 32 -2.59 5.54 -6.38
C GLU A 32 -3.85 5.87 -5.59
N GLY A 33 -4.80 6.54 -6.23
CA GLY A 33 -6.04 6.91 -5.58
C GLY A 33 -6.71 5.73 -4.91
N GLU A 34 -6.54 4.55 -5.49
CA GLU A 34 -7.14 3.33 -4.95
C GLU A 34 -6.22 2.68 -3.91
N VAL A 35 -4.98 2.43 -4.33
CA VAL A 35 -4.00 1.80 -3.45
C VAL A 35 -3.88 2.58 -2.13
N ILE A 36 -3.66 3.88 -2.24
CA ILE A 36 -3.53 4.72 -1.06
C ILE A 36 -4.82 4.73 -0.24
N SER A 37 -5.95 4.75 -0.93
CA SER A 37 -7.25 4.76 -0.27
C SER A 37 -7.39 3.57 0.67
N LEU A 38 -6.67 2.49 0.37
CA LEU A 38 -6.71 1.30 1.19
C LEU A 38 -6.35 1.61 2.65
N GLY A 39 -5.53 2.64 2.83
CA GLY A 39 -5.12 3.03 4.17
C GLY A 39 -5.41 4.48 4.46
N LEU A 40 -6.34 5.07 3.71
CA LEU A 40 -6.70 6.46 3.89
C LEU A 40 -7.57 6.65 5.13
N PRO A 41 -8.72 5.97 5.16
CA PRO A 41 -9.66 6.04 6.28
C PRO A 41 -9.11 5.35 7.53
N PHE A 42 -8.12 4.49 7.35
CA PHE A 42 -7.51 3.77 8.45
C PHE A 42 -6.41 4.60 9.11
N GLY A 43 -5.73 5.41 8.31
CA GLY A 43 -4.67 6.25 8.83
C GLY A 43 -4.28 7.36 7.87
N LYS A 44 -2.99 7.46 7.58
CA LYS A 44 -2.49 8.49 6.68
C LYS A 44 -1.28 7.98 5.90
N VAL A 45 -1.53 7.49 4.68
CA VAL A 45 -0.46 6.97 3.83
C VAL A 45 0.62 8.02 3.63
N THR A 46 1.88 7.58 3.71
CA THR A 46 3.02 8.48 3.54
C THR A 46 3.81 8.13 2.28
N ASN A 47 3.90 6.83 1.99
CA ASN A 47 4.62 6.37 0.81
C ASN A 47 3.72 5.51 -0.07
N LEU A 48 4.30 4.97 -1.14
CA LEU A 48 3.56 4.12 -2.07
C LEU A 48 4.49 3.51 -3.11
N LEU A 49 4.89 2.26 -2.88
CA LEU A 49 5.77 1.55 -3.80
C LEU A 49 4.98 0.66 -4.74
N MET A 50 4.29 1.28 -5.69
CA MET A 50 3.49 0.54 -6.67
C MET A 50 4.38 -0.32 -7.55
N LEU A 51 3.96 -1.56 -7.78
CA LEU A 51 4.72 -2.49 -8.62
C LEU A 51 3.84 -3.05 -9.74
N LYS A 52 3.51 -2.20 -10.71
CA LYS A 52 2.68 -2.61 -11.84
C LYS A 52 3.24 -3.87 -12.48
N GLY A 53 4.56 -4.04 -12.39
CA GLY A 53 5.19 -5.21 -12.97
C GLY A 53 4.50 -6.50 -12.57
N LYS A 54 3.96 -6.53 -11.36
CA LYS A 54 3.27 -7.71 -10.85
C LYS A 54 1.97 -7.33 -10.16
N ASN A 55 1.36 -6.24 -10.61
CA ASN A 55 0.11 -5.76 -10.04
C ASN A 55 0.16 -5.77 -8.51
N GLN A 56 1.02 -4.92 -7.96
CA GLN A 56 1.18 -4.83 -6.52
C GLN A 56 1.40 -3.38 -6.08
N ALA A 57 1.46 -3.16 -4.77
CA ALA A 57 1.68 -1.83 -4.23
C ALA A 57 1.83 -1.87 -2.71
N PHE A 58 2.56 -0.91 -2.16
CA PHE A 58 2.79 -0.84 -0.73
C PHE A 58 2.22 0.46 -0.15
N ILE A 59 2.02 0.48 1.16
CA ILE A 59 1.49 1.65 1.84
C ILE A 59 2.17 1.87 3.19
N GLU A 60 3.02 2.88 3.27
CA GLU A 60 3.73 3.19 4.50
C GLU A 60 2.91 4.14 5.38
N MET A 61 2.14 3.57 6.31
CA MET A 61 1.32 4.36 7.20
C MET A 61 2.18 5.23 8.12
N ASN A 62 1.57 6.26 8.70
CA ASN A 62 2.29 7.16 9.59
C ASN A 62 2.60 6.48 10.91
N THR A 63 1.69 5.61 11.36
CA THR A 63 1.87 4.89 12.61
C THR A 63 1.55 3.41 12.45
N GLU A 64 2.03 2.60 13.39
CA GLU A 64 1.79 1.16 13.34
C GLU A 64 0.31 0.84 13.49
N GLU A 65 -0.37 1.61 14.35
CA GLU A 65 -1.79 1.41 14.59
C GLU A 65 -2.57 1.42 13.29
N ALA A 66 -2.43 2.49 12.52
CA ALA A 66 -3.12 2.60 11.24
C ALA A 66 -2.90 1.36 10.38
N ALA A 67 -1.65 0.95 10.26
CA ALA A 67 -1.31 -0.23 9.46
C ALA A 67 -1.89 -1.49 10.08
N ASN A 68 -2.05 -1.48 11.40
CA ASN A 68 -2.60 -2.64 12.11
C ASN A 68 -4.11 -2.57 12.18
N THR A 69 -4.69 -1.65 11.40
CA THR A 69 -6.14 -1.48 11.37
C THR A 69 -6.72 -1.92 10.03
N MET A 70 -5.94 -1.74 8.97
CA MET A 70 -6.37 -2.11 7.63
C MET A 70 -6.01 -3.56 7.32
N VAL A 71 -4.84 -3.99 7.78
CA VAL A 71 -4.38 -5.35 7.56
C VAL A 71 -5.08 -6.33 8.50
N ASN A 72 -5.51 -5.82 9.65
CA ASN A 72 -6.20 -6.65 10.64
C ASN A 72 -7.70 -6.71 10.35
N TYR A 73 -8.20 -5.71 9.62
CA TYR A 73 -9.62 -5.65 9.28
C TYR A 73 -9.89 -6.34 7.95
N TYR A 74 -9.14 -5.95 6.92
CA TYR A 74 -9.30 -6.53 5.60
C TYR A 74 -9.08 -8.04 5.64
N THR A 75 -8.24 -8.48 6.56
CA THR A 75 -7.93 -9.90 6.70
C THR A 75 -9.21 -10.74 6.77
N SER A 76 -10.27 -10.13 7.28
CA SER A 76 -11.55 -10.82 7.40
C SER A 76 -12.45 -10.51 6.21
N VAL A 77 -12.30 -9.30 5.66
CA VAL A 77 -13.09 -8.88 4.52
C VAL A 77 -12.30 -8.99 3.22
N THR A 78 -12.79 -8.32 2.18
CA THR A 78 -12.12 -8.35 0.88
C THR A 78 -12.24 -7.00 0.18
N PRO A 79 -11.16 -6.21 0.23
CA PRO A 79 -11.12 -4.88 -0.39
C PRO A 79 -11.11 -4.96 -1.92
N VAL A 80 -12.30 -5.05 -2.51
CA VAL A 80 -12.42 -5.14 -3.97
C VAL A 80 -12.14 -3.79 -4.61
N LEU A 81 -11.22 -3.78 -5.57
CA LEU A 81 -10.86 -2.56 -6.28
C LEU A 81 -11.13 -2.69 -7.77
N ARG A 82 -11.99 -1.81 -8.29
CA ARG A 82 -12.34 -1.83 -9.71
C ARG A 82 -13.03 -3.14 -10.09
N GLY A 83 -13.77 -3.70 -9.14
CA GLY A 83 -14.47 -4.95 -9.39
C GLY A 83 -13.55 -6.15 -9.36
N GLN A 84 -12.50 -6.08 -8.55
CA GLN A 84 -11.53 -7.17 -8.44
C GLN A 84 -10.91 -7.19 -7.05
N PRO A 85 -10.97 -8.36 -6.39
CA PRO A 85 -10.41 -8.55 -5.05
C PRO A 85 -8.89 -8.52 -5.05
N ILE A 86 -8.32 -7.94 -4.01
CA ILE A 86 -6.86 -7.85 -3.89
C ILE A 86 -6.38 -8.58 -2.65
N TYR A 87 -5.09 -8.44 -2.35
CA TYR A 87 -4.49 -9.10 -1.20
C TYR A 87 -4.01 -8.07 -0.17
N ILE A 88 -4.08 -8.43 1.10
CA ILE A 88 -3.65 -7.55 2.17
C ILE A 88 -2.76 -8.28 3.17
N GLN A 89 -1.58 -7.72 3.42
CA GLN A 89 -0.64 -8.32 4.36
C GLN A 89 0.56 -7.40 4.60
N PHE A 90 0.95 -7.27 5.86
CA PHE A 90 2.07 -6.41 6.23
C PHE A 90 3.30 -6.73 5.38
N SER A 91 4.14 -5.73 5.16
CA SER A 91 5.35 -5.90 4.37
C SER A 91 6.55 -6.17 5.26
N ASN A 92 7.61 -6.74 4.67
CA ASN A 92 8.82 -7.06 5.41
C ASN A 92 9.91 -6.01 5.15
N HIS A 93 9.49 -4.75 5.00
CA HIS A 93 10.42 -3.67 4.75
C HIS A 93 10.39 -2.65 5.88
N LYS A 94 9.20 -2.42 6.44
CA LYS A 94 9.03 -1.47 7.53
C LYS A 94 9.62 -0.11 7.16
N GLU A 95 9.57 0.23 5.88
CA GLU A 95 10.11 1.50 5.41
C GLU A 95 9.92 1.63 3.90
N LEU A 96 9.67 2.86 3.45
CA LEU A 96 9.48 3.14 2.03
C LEU A 96 10.03 4.51 1.66
N LYS A 97 10.94 4.52 0.69
CA LYS A 97 11.55 5.77 0.23
C LYS A 97 11.68 5.79 -1.28
N THR A 98 10.59 5.51 -1.97
CA THR A 98 10.59 5.49 -3.44
C THR A 98 10.99 6.84 -4.00
N ASP A 99 11.88 6.84 -4.98
CA ASP A 99 12.34 8.06 -5.61
C ASP A 99 13.29 7.76 -6.76
N SER A 100 12.92 6.78 -7.58
CA SER A 100 13.74 6.38 -8.72
C SER A 100 13.02 5.34 -9.57
N SER A 101 12.06 5.80 -10.37
CA SER A 101 11.29 4.91 -11.24
C SER A 101 10.42 5.70 -12.20
N PRO A 102 10.00 5.03 -13.29
CA PRO A 102 9.14 5.66 -14.31
C PRO A 102 7.73 5.95 -13.80
N ASN A 103 7.12 4.95 -13.17
CA ASN A 103 5.78 5.09 -12.64
C ASN A 103 5.79 5.92 -11.35
N GLN A 104 6.83 5.72 -10.55
CA GLN A 104 6.95 6.44 -9.29
C GLN A 104 6.80 7.94 -9.50
N ALA A 105 7.33 8.44 -10.61
CA ALA A 105 7.25 9.86 -10.93
C ALA A 105 5.80 10.35 -10.91
N ARG A 106 4.89 9.48 -11.35
CA ARG A 106 3.47 9.83 -11.40
C ARG A 106 2.85 9.71 -10.01
N ALA A 107 3.30 8.73 -9.24
CA ALA A 107 2.79 8.52 -7.89
C ALA A 107 2.84 9.80 -7.07
N GLN A 108 3.89 10.60 -7.30
CA GLN A 108 4.05 11.86 -6.59
C GLN A 108 2.81 12.73 -6.72
N ALA A 109 2.18 12.69 -7.88
CA ALA A 109 0.97 13.47 -8.13
C ALA A 109 -0.09 13.20 -7.08
N ALA A 110 -0.64 11.99 -7.09
CA ALA A 110 -1.67 11.60 -6.13
C ALA A 110 -1.21 11.86 -4.70
N LEU A 111 0.03 11.48 -4.41
CA LEU A 111 0.59 11.67 -3.07
C LEU A 111 0.53 13.14 -2.67
N GLN A 112 0.76 14.02 -3.63
CA GLN A 112 0.73 15.45 -3.37
C GLN A 112 -0.68 15.92 -2.99
N ALA A 113 -1.67 15.36 -3.68
CA ALA A 113 -3.06 15.72 -3.43
C ALA A 113 -3.43 15.51 -1.96
N VAL A 114 -2.87 14.45 -1.36
CA VAL A 114 -3.14 14.15 0.03
C VAL A 114 -2.38 15.10 0.96
N ASN A 115 -1.11 15.31 0.64
CA ASN A 115 -0.26 16.21 1.44
C ASN A 115 -0.76 17.65 1.36
N SER A 116 -0.55 18.27 0.22
CA SER A 116 -0.97 19.65 0.01
C SER A 116 -1.52 19.84 -1.40
N VAL A 117 -2.81 20.18 -1.48
CA VAL A 117 -3.47 20.40 -2.77
C VAL A 117 -2.69 21.41 -3.62
N GLN A 118 -2.09 20.94 -4.69
CA GLN A 118 -1.32 21.81 -5.59
C GLN A 118 -1.22 21.21 -6.98
N SER A 119 -1.08 22.07 -7.98
CA SER A 119 -0.98 21.62 -9.37
C SER A 119 0.23 22.24 -10.05
N GLY A 120 0.61 21.68 -11.19
CA GLY A 120 1.75 22.19 -11.93
C GLY A 120 3.08 21.80 -11.29
N ASN A 121 3.77 20.85 -11.89
CA ASN A 121 5.05 20.38 -11.36
C ASN A 121 5.97 19.93 -12.51
N LEU A 122 7.26 20.20 -12.36
CA LEU A 122 8.23 19.82 -13.37
C LEU A 122 9.64 19.76 -12.77
N ALA A 123 10.13 18.54 -12.56
CA ALA A 123 11.46 18.34 -12.00
C ALA A 123 12.21 17.24 -12.75
N GLY A 1 10.88 -16.44 -8.24
CA GLY A 1 10.16 -15.97 -7.06
C GLY A 1 8.81 -16.67 -6.90
N ASN A 2 7.73 -15.88 -6.98
CA ASN A 2 6.40 -16.43 -6.84
C ASN A 2 6.22 -17.09 -5.47
N ASP A 3 5.69 -16.34 -4.52
CA ASP A 3 5.47 -16.85 -3.17
C ASP A 3 4.06 -16.51 -2.69
N SER A 4 3.69 -17.07 -1.54
CA SER A 4 2.36 -16.83 -0.97
C SER A 4 2.46 -15.99 0.29
N LYS A 5 3.02 -16.57 1.35
CA LYS A 5 3.18 -15.86 2.62
C LYS A 5 4.61 -16.00 3.14
N LYS A 6 4.86 -15.42 4.31
CA LYS A 6 6.19 -15.47 4.92
C LYS A 6 6.09 -15.65 6.42
N PHE A 7 5.46 -14.68 7.09
CA PHE A 7 5.29 -14.73 8.55
C PHE A 7 4.37 -15.88 8.94
N LYS A 8 4.96 -17.00 9.34
CA LYS A 8 4.20 -18.17 9.75
C LYS A 8 4.63 -18.65 11.14
N GLY A 9 3.79 -18.39 12.13
CA GLY A 9 4.10 -18.81 13.49
C GLY A 9 3.24 -19.97 13.95
N ASP A 10 2.31 -19.70 14.87
CA ASP A 10 1.43 -20.73 15.39
C ASP A 10 -0.03 -20.42 15.05
N SER A 11 -0.60 -19.44 15.73
CA SER A 11 -1.98 -19.06 15.51
C SER A 11 -2.07 -17.66 14.92
N ARG A 12 -1.19 -17.36 13.97
CA ARG A 12 -1.16 -16.05 13.32
C ARG A 12 -1.54 -16.17 11.85
N SER A 13 -1.70 -15.02 11.19
CA SER A 13 -2.07 -15.00 9.78
C SER A 13 -1.84 -13.62 9.19
N ALA A 14 -2.18 -12.58 9.95
CA ALA A 14 -2.00 -11.20 9.50
C ALA A 14 -1.73 -10.27 10.68
N GLY A 15 -0.48 -10.29 11.16
CA GLY A 15 -0.10 -9.44 12.28
C GLY A 15 1.39 -9.23 12.37
N VAL A 16 1.83 -7.99 12.15
CA VAL A 16 3.24 -7.66 12.21
C VAL A 16 3.46 -6.22 12.68
N PRO A 17 4.38 -6.04 13.63
CA PRO A 17 4.69 -4.72 14.18
C PRO A 17 5.42 -3.83 13.17
N SER A 18 4.65 -3.27 12.24
CA SER A 18 5.22 -2.40 11.20
C SER A 18 4.20 -1.37 10.76
N ARG A 19 4.51 -0.65 9.68
CA ARG A 19 3.63 0.37 9.14
C ARG A 19 3.38 0.16 7.65
N VAL A 20 4.41 -0.31 6.95
CA VAL A 20 4.32 -0.55 5.52
C VAL A 20 3.52 -1.82 5.22
N ILE A 21 2.59 -1.72 4.29
CA ILE A 21 1.76 -2.86 3.92
C ILE A 21 2.09 -3.35 2.51
N HIS A 22 1.75 -4.60 2.23
CA HIS A 22 2.01 -5.19 0.93
C HIS A 22 0.74 -5.77 0.32
N ILE A 23 0.27 -5.15 -0.76
CA ILE A 23 -0.94 -5.61 -1.44
C ILE A 23 -0.61 -6.31 -2.75
N ARG A 24 -1.33 -7.40 -3.02
CA ARG A 24 -1.11 -8.17 -4.24
C ARG A 24 -2.42 -8.36 -5.00
N LYS A 25 -2.33 -8.94 -6.19
CA LYS A 25 -3.50 -9.17 -7.03
C LYS A 25 -4.24 -7.87 -7.32
N LEU A 26 -3.49 -6.85 -7.72
CA LEU A 26 -4.07 -5.54 -8.03
C LEU A 26 -4.64 -5.53 -9.45
N PRO A 27 -5.71 -4.75 -9.64
CA PRO A 27 -6.37 -4.62 -10.94
C PRO A 27 -5.52 -3.86 -11.95
N ILE A 28 -5.70 -4.17 -13.23
CA ILE A 28 -4.95 -3.52 -14.30
C ILE A 28 -5.17 -2.01 -14.27
N ASP A 29 -6.33 -1.59 -13.77
CA ASP A 29 -6.66 -0.17 -13.68
C ASP A 29 -6.38 0.37 -12.28
N VAL A 30 -5.47 -0.29 -11.57
CA VAL A 30 -5.12 0.13 -10.22
C VAL A 30 -4.26 1.39 -10.24
N THR A 31 -4.55 2.32 -9.33
CA THR A 31 -3.81 3.56 -9.25
C THR A 31 -3.58 3.97 -7.80
N GLU A 32 -2.75 4.99 -7.59
CA GLU A 32 -2.45 5.48 -6.25
C GLU A 32 -3.73 5.84 -5.50
N GLY A 33 -4.63 6.53 -6.20
CA GLY A 33 -5.88 6.93 -5.59
C GLY A 33 -6.61 5.78 -4.92
N GLU A 34 -6.44 4.58 -5.47
CA GLU A 34 -7.08 3.39 -4.92
C GLU A 34 -6.19 2.74 -3.87
N VAL A 35 -4.96 2.42 -4.27
CA VAL A 35 -4.00 1.78 -3.37
C VAL A 35 -3.89 2.54 -2.05
N ILE A 36 -3.69 3.85 -2.15
CA ILE A 36 -3.56 4.70 -0.97
C ILE A 36 -4.85 4.71 -0.17
N SER A 37 -5.99 4.75 -0.87
CA SER A 37 -7.28 4.76 -0.22
C SER A 37 -7.44 3.58 0.74
N LEU A 38 -6.73 2.50 0.43
CA LEU A 38 -6.78 1.29 1.25
C LEU A 38 -6.41 1.61 2.70
N GLY A 39 -5.59 2.64 2.88
CA GLY A 39 -5.17 3.02 4.21
C GLY A 39 -5.45 4.49 4.51
N LEU A 40 -6.37 5.07 3.76
CA LEU A 40 -6.73 6.47 3.93
C LEU A 40 -7.59 6.67 5.19
N PRO A 41 -8.75 5.99 5.20
CA PRO A 41 -9.68 6.08 6.33
C PRO A 41 -9.14 5.38 7.58
N PHE A 42 -8.16 4.52 7.39
CA PHE A 42 -7.55 3.80 8.50
C PHE A 42 -6.45 4.62 9.16
N GLY A 43 -5.76 5.43 8.36
CA GLY A 43 -4.69 6.27 8.89
C GLY A 43 -4.31 7.37 7.93
N LYS A 44 -3.01 7.48 7.64
CA LYS A 44 -2.51 8.51 6.74
C LYS A 44 -1.30 8.00 5.95
N VAL A 45 -1.56 7.48 4.76
CA VAL A 45 -0.49 6.96 3.91
C VAL A 45 0.60 8.00 3.70
N THR A 46 1.86 7.56 3.73
CA THR A 46 2.99 8.45 3.55
C THR A 46 3.77 8.09 2.28
N ASN A 47 3.85 6.81 1.98
CA ASN A 47 4.56 6.33 0.80
C ASN A 47 3.68 5.44 -0.06
N LEU A 48 4.26 4.85 -1.10
CA LEU A 48 3.53 3.98 -2.00
C LEU A 48 4.44 3.42 -3.09
N LEU A 49 4.65 2.11 -3.05
CA LEU A 49 5.51 1.45 -4.03
C LEU A 49 4.66 0.71 -5.07
N MET A 50 4.05 1.46 -5.98
CA MET A 50 3.22 0.87 -7.03
C MET A 50 4.04 -0.08 -7.90
N LEU A 51 3.80 -1.38 -7.72
CA LEU A 51 4.51 -2.40 -8.48
C LEU A 51 3.64 -2.93 -9.61
N LYS A 52 3.21 -2.04 -10.50
CA LYS A 52 2.38 -2.42 -11.64
C LYS A 52 3.00 -3.58 -12.40
N GLY A 53 4.32 -3.65 -12.38
CA GLY A 53 5.02 -4.73 -13.08
C GLY A 53 4.48 -6.09 -12.72
N LYS A 54 4.02 -6.24 -11.48
CA LYS A 54 3.48 -7.52 -11.02
C LYS A 54 2.15 -7.30 -10.30
N ASN A 55 1.43 -6.26 -10.70
CA ASN A 55 0.13 -5.95 -10.10
C ASN A 55 0.23 -5.97 -8.58
N GLN A 56 1.02 -5.05 -8.03
CA GLN A 56 1.20 -4.96 -6.58
C GLN A 56 1.40 -3.52 -6.15
N ALA A 57 1.46 -3.30 -4.84
CA ALA A 57 1.65 -1.97 -4.29
C ALA A 57 1.85 -2.01 -2.79
N PHE A 58 2.44 -0.95 -2.23
CA PHE A 58 2.68 -0.87 -0.80
C PHE A 58 2.10 0.41 -0.21
N ILE A 59 1.96 0.45 1.11
CA ILE A 59 1.41 1.62 1.79
C ILE A 59 2.12 1.84 3.13
N GLU A 60 2.95 2.88 3.18
CA GLU A 60 3.67 3.21 4.40
C GLU A 60 2.86 4.14 5.28
N MET A 61 2.14 3.58 6.24
CA MET A 61 1.32 4.37 7.15
C MET A 61 2.18 5.23 8.06
N ASN A 62 1.60 6.29 8.61
CA ASN A 62 2.32 7.20 9.50
C ASN A 62 2.64 6.51 10.83
N THR A 63 1.73 5.65 11.28
CA THR A 63 1.91 4.93 12.53
C THR A 63 1.62 3.45 12.37
N GLU A 64 2.05 2.66 13.35
CA GLU A 64 1.83 1.22 13.31
C GLU A 64 0.34 0.90 13.48
N GLU A 65 -0.32 1.63 14.36
CA GLU A 65 -1.75 1.42 14.60
C GLU A 65 -2.54 1.42 13.29
N ALA A 66 -2.39 2.50 12.53
CA ALA A 66 -3.09 2.64 11.25
C ALA A 66 -2.89 1.40 10.40
N ALA A 67 -1.63 0.98 10.24
CA ALA A 67 -1.32 -0.20 9.43
C ALA A 67 -1.88 -1.46 10.06
N ASN A 68 -2.02 -1.44 11.38
CA ASN A 68 -2.55 -2.60 12.11
C ASN A 68 -4.06 -2.52 12.20
N THR A 69 -4.66 -1.63 11.43
CA THR A 69 -6.11 -1.47 11.42
C THR A 69 -6.71 -1.89 10.09
N MET A 70 -5.94 -1.70 9.01
CA MET A 70 -6.40 -2.08 7.68
C MET A 70 -6.06 -3.53 7.37
N VAL A 71 -4.87 -3.95 7.79
CA VAL A 71 -4.42 -5.32 7.56
C VAL A 71 -5.13 -6.30 8.50
N ASN A 72 -5.53 -5.80 9.67
CA ASN A 72 -6.22 -6.63 10.65
C ASN A 72 -7.73 -6.68 10.38
N TYR A 73 -8.22 -5.67 9.67
CA TYR A 73 -9.63 -5.59 9.33
C TYR A 73 -9.93 -6.29 8.00
N TYR A 74 -9.18 -5.90 6.97
CA TYR A 74 -9.35 -6.49 5.65
C TYR A 74 -9.14 -7.99 5.68
N THR A 75 -8.30 -8.45 6.60
CA THR A 75 -8.00 -9.87 6.74
C THR A 75 -9.28 -10.69 6.80
N SER A 76 -10.35 -10.08 7.32
CA SER A 76 -11.64 -10.76 7.44
C SER A 76 -12.53 -10.43 6.25
N VAL A 77 -12.37 -9.23 5.70
CA VAL A 77 -13.15 -8.79 4.55
C VAL A 77 -12.36 -8.92 3.26
N THR A 78 -12.83 -8.26 2.21
CA THR A 78 -12.16 -8.29 0.91
C THR A 78 -12.26 -6.94 0.21
N PRO A 79 -11.18 -6.16 0.28
CA PRO A 79 -11.12 -4.84 -0.35
C PRO A 79 -11.08 -4.92 -1.88
N VAL A 80 -12.25 -4.99 -2.48
CA VAL A 80 -12.36 -5.08 -3.94
C VAL A 80 -12.02 -3.74 -4.59
N LEU A 81 -11.13 -3.78 -5.57
CA LEU A 81 -10.72 -2.58 -6.29
C LEU A 81 -10.89 -2.74 -7.79
N ARG A 82 -11.58 -1.79 -8.41
CA ARG A 82 -11.81 -1.84 -9.85
C ARG A 82 -12.60 -3.09 -10.24
N GLY A 83 -13.44 -3.56 -9.32
CA GLY A 83 -14.24 -4.74 -9.60
C GLY A 83 -13.42 -6.01 -9.53
N GLN A 84 -12.49 -6.07 -8.58
CA GLN A 84 -11.63 -7.24 -8.42
C GLN A 84 -11.01 -7.28 -7.02
N PRO A 85 -11.06 -8.45 -6.38
CA PRO A 85 -10.50 -8.64 -5.04
C PRO A 85 -8.98 -8.58 -5.03
N ILE A 86 -8.40 -8.37 -3.85
CA ILE A 86 -6.95 -8.29 -3.71
C ILE A 86 -6.50 -8.95 -2.42
N TYR A 87 -5.19 -8.88 -2.15
CA TYR A 87 -4.63 -9.48 -0.94
C TYR A 87 -4.04 -8.40 -0.03
N ILE A 88 -4.26 -8.57 1.27
CA ILE A 88 -3.75 -7.61 2.25
C ILE A 88 -2.84 -8.30 3.27
N GLN A 89 -1.61 -7.80 3.40
CA GLN A 89 -0.66 -8.36 4.35
C GLN A 89 0.49 -7.39 4.60
N PHE A 90 0.90 -7.29 5.86
CA PHE A 90 1.97 -6.39 6.24
C PHE A 90 3.21 -6.63 5.37
N SER A 91 3.95 -5.56 5.09
CA SER A 91 5.15 -5.65 4.28
C SER A 91 6.37 -6.00 5.13
N ASN A 92 7.41 -6.53 4.49
CA ASN A 92 8.63 -6.91 5.18
C ASN A 92 9.44 -5.66 5.56
N HIS A 93 9.45 -4.67 4.69
CA HIS A 93 10.17 -3.43 4.94
C HIS A 93 9.40 -2.53 5.89
N LYS A 94 10.07 -1.50 6.40
CA LYS A 94 9.45 -0.55 7.32
C LYS A 94 9.56 0.87 6.79
N GLU A 95 10.68 1.18 6.15
CA GLU A 95 10.91 2.51 5.59
C GLU A 95 11.14 2.44 4.08
N LEU A 96 10.06 2.50 3.31
CA LEU A 96 10.15 2.45 1.87
C LEU A 96 11.16 3.47 1.33
N LYS A 97 12.14 3.00 0.59
CA LYS A 97 13.16 3.86 0.02
C LYS A 97 13.26 3.69 -1.49
N THR A 98 12.53 4.50 -2.24
CA THR A 98 12.53 4.43 -3.69
C THR A 98 13.37 5.55 -4.29
N ASP A 99 13.82 5.35 -5.53
CA ASP A 99 14.63 6.34 -6.23
C ASP A 99 13.94 6.81 -7.50
N SER A 100 12.72 7.30 -7.36
CA SER A 100 11.95 7.79 -8.50
C SER A 100 11.54 6.63 -9.40
N SER A 101 12.49 6.12 -10.18
CA SER A 101 12.23 5.00 -11.09
C SER A 101 11.23 5.42 -12.17
N PRO A 102 11.21 4.66 -13.26
CA PRO A 102 10.30 4.92 -14.40
C PRO A 102 8.85 4.64 -14.05
N ASN A 103 8.63 3.63 -13.21
CA ASN A 103 7.28 3.26 -12.80
C ASN A 103 6.89 3.97 -11.51
N GLN A 104 7.73 3.83 -10.49
CA GLN A 104 7.47 4.45 -9.20
C GLN A 104 7.23 5.94 -9.35
N ALA A 105 7.85 6.54 -10.37
CA ALA A 105 7.70 7.96 -10.63
C ALA A 105 6.23 8.37 -10.63
N ARG A 106 5.37 7.50 -11.12
CA ARG A 106 3.94 7.77 -11.17
C ARG A 106 3.31 7.62 -9.79
N ALA A 107 3.80 6.63 -9.03
CA ALA A 107 3.28 6.39 -7.69
C ALA A 107 3.49 7.60 -6.79
N GLN A 108 4.61 8.29 -6.97
CA GLN A 108 4.93 9.46 -6.18
C GLN A 108 4.35 10.72 -6.82
N ALA A 109 3.07 10.68 -7.17
CA ALA A 109 2.41 11.82 -7.80
C ALA A 109 1.10 12.15 -7.08
N ALA A 110 0.17 11.21 -7.09
CA ALA A 110 -1.11 11.39 -6.44
C ALA A 110 -0.94 11.79 -4.97
N LEU A 111 0.07 11.23 -4.33
CA LEU A 111 0.35 11.51 -2.93
C LEU A 111 0.47 13.01 -2.70
N GLN A 112 1.15 13.70 -3.62
CA GLN A 112 1.34 15.14 -3.52
C GLN A 112 0.02 15.87 -3.64
N ALA A 113 -0.83 15.42 -4.56
CA ALA A 113 -2.13 16.03 -4.77
C ALA A 113 -2.98 15.98 -3.51
N VAL A 114 -2.90 14.85 -2.80
CA VAL A 114 -3.66 14.67 -1.57
C VAL A 114 -3.19 15.65 -0.49
N ASN A 115 -1.89 15.91 -0.46
CA ASN A 115 -1.32 16.82 0.53
C ASN A 115 -0.31 17.77 -0.13
N SER A 116 -0.70 19.03 -0.27
CA SER A 116 0.15 20.04 -0.88
C SER A 116 -0.44 21.43 -0.73
N VAL A 117 0.34 22.44 -1.08
CA VAL A 117 -0.11 23.83 -0.98
C VAL A 117 -1.17 24.13 -2.03
N GLN A 118 -1.64 25.38 -2.05
CA GLN A 118 -2.66 25.80 -3.01
C GLN A 118 -2.23 25.49 -4.43
N SER A 119 -1.01 25.89 -4.78
CA SER A 119 -0.48 25.65 -6.12
C SER A 119 -1.37 26.33 -7.17
N GLY A 120 -1.32 27.65 -7.21
CA GLY A 120 -2.11 28.39 -8.17
C GLY A 120 -1.34 28.70 -9.44
N ASN A 121 -1.50 27.84 -10.44
CA ASN A 121 -0.82 28.03 -11.72
C ASN A 121 -1.36 27.07 -12.78
N LEU A 122 -1.42 27.54 -14.01
CA LEU A 122 -1.92 26.71 -15.12
C LEU A 122 -0.84 25.75 -15.61
N ALA A 123 -1.03 24.47 -15.32
CA ALA A 123 -0.08 23.45 -15.73
C ALA A 123 1.32 23.77 -15.25
N GLY A 1 11.61 -7.63 -6.90
CA GLY A 1 11.80 -9.06 -6.81
C GLY A 1 11.34 -9.64 -5.49
N ASN A 2 10.04 -9.52 -5.21
CA ASN A 2 9.47 -10.03 -3.98
C ASN A 2 9.06 -11.49 -4.13
N ASP A 3 10.01 -12.40 -3.92
CA ASP A 3 9.75 -13.82 -4.03
C ASP A 3 9.67 -14.47 -2.65
N SER A 4 8.49 -14.97 -2.30
CA SER A 4 8.28 -15.60 -1.00
C SER A 4 8.51 -14.62 0.13
N LYS A 5 8.12 -15.02 1.34
CA LYS A 5 8.28 -14.17 2.51
C LYS A 5 8.90 -14.94 3.67
N LYS A 6 9.46 -14.22 4.63
CA LYS A 6 10.09 -14.84 5.79
C LYS A 6 9.07 -15.02 6.92
N PHE A 7 8.45 -13.93 7.35
CA PHE A 7 7.46 -13.98 8.42
C PHE A 7 6.34 -14.95 8.08
N LYS A 8 6.39 -16.13 8.70
CA LYS A 8 5.38 -17.15 8.46
C LYS A 8 5.03 -17.88 9.76
N GLY A 9 3.74 -18.01 10.04
CA GLY A 9 3.31 -18.69 11.25
C GLY A 9 2.83 -20.10 10.99
N ASP A 10 1.54 -20.34 11.19
CA ASP A 10 0.97 -21.66 10.98
C ASP A 10 0.56 -21.85 9.53
N SER A 11 -0.23 -20.90 9.02
CA SER A 11 -0.70 -20.96 7.63
C SER A 11 -1.28 -19.62 7.20
N ARG A 12 -2.18 -19.08 8.02
CA ARG A 12 -2.81 -17.80 7.72
C ARG A 12 -2.71 -16.85 8.91
N SER A 13 -2.03 -15.73 8.70
CA SER A 13 -1.85 -14.74 9.76
C SER A 13 -1.76 -13.33 9.17
N ALA A 14 -2.33 -12.36 9.88
CA ALA A 14 -2.30 -10.97 9.43
C ALA A 14 -2.05 -10.03 10.61
N GLY A 15 -0.82 -10.04 11.11
CA GLY A 15 -0.47 -9.18 12.22
C GLY A 15 1.03 -8.99 12.36
N VAL A 16 1.51 -7.77 12.14
CA VAL A 16 2.92 -7.46 12.23
C VAL A 16 3.15 -6.02 12.68
N PRO A 17 4.05 -5.84 13.66
CA PRO A 17 4.37 -4.52 14.20
C PRO A 17 5.14 -3.65 13.20
N SER A 18 4.41 -3.10 12.23
CA SER A 18 5.03 -2.26 11.21
C SER A 18 4.04 -1.20 10.73
N ARG A 19 4.41 -0.50 9.66
CA ARG A 19 3.57 0.54 9.10
C ARG A 19 3.34 0.31 7.60
N VAL A 20 4.37 -0.21 6.93
CA VAL A 20 4.29 -0.49 5.50
C VAL A 20 3.50 -1.75 5.23
N ILE A 21 2.61 -1.69 4.24
CA ILE A 21 1.79 -2.84 3.88
C ILE A 21 2.12 -3.33 2.46
N HIS A 22 1.78 -4.57 2.18
CA HIS A 22 2.03 -5.16 0.87
C HIS A 22 0.75 -5.73 0.27
N ILE A 23 0.26 -5.09 -0.80
CA ILE A 23 -0.95 -5.54 -1.46
C ILE A 23 -0.64 -6.26 -2.77
N ARG A 24 -1.32 -7.37 -3.00
CA ARG A 24 -1.11 -8.16 -4.21
C ARG A 24 -2.43 -8.37 -4.96
N LYS A 25 -2.36 -9.10 -6.07
CA LYS A 25 -3.55 -9.37 -6.87
C LYS A 25 -4.25 -8.08 -7.27
N LEU A 26 -3.46 -7.03 -7.49
CA LEU A 26 -4.00 -5.73 -7.88
C LEU A 26 -4.50 -5.75 -9.31
N PRO A 27 -5.49 -4.89 -9.62
CA PRO A 27 -6.06 -4.79 -10.95
C PRO A 27 -5.09 -4.19 -11.97
N ILE A 28 -5.29 -4.52 -13.24
CA ILE A 28 -4.43 -4.01 -14.30
C ILE A 28 -4.51 -2.49 -14.39
N ASP A 29 -5.66 -1.94 -14.05
CA ASP A 29 -5.87 -0.49 -14.08
C ASP A 29 -5.75 0.11 -12.69
N VAL A 30 -4.94 -0.52 -11.84
CA VAL A 30 -4.74 -0.05 -10.48
C VAL A 30 -4.00 1.29 -10.46
N THR A 31 -4.45 2.20 -9.61
CA THR A 31 -3.84 3.51 -9.51
C THR A 31 -3.46 3.82 -8.05
N GLU A 32 -2.73 4.92 -7.86
CA GLU A 32 -2.29 5.32 -6.53
C GLU A 32 -3.49 5.72 -5.68
N GLY A 33 -4.36 6.54 -6.24
CA GLY A 33 -5.55 6.99 -5.52
C GLY A 33 -6.30 5.84 -4.89
N GLU A 34 -6.24 4.67 -5.51
CA GLU A 34 -6.93 3.50 -4.99
C GLU A 34 -6.13 2.84 -3.87
N VAL A 35 -4.90 2.44 -4.18
CA VAL A 35 -4.04 1.80 -3.20
C VAL A 35 -3.94 2.63 -1.93
N ILE A 36 -3.69 3.92 -2.08
CA ILE A 36 -3.59 4.82 -0.94
C ILE A 36 -4.87 4.86 -0.14
N SER A 37 -6.01 4.82 -0.84
CA SER A 37 -7.31 4.84 -0.19
C SER A 37 -7.47 3.65 0.75
N LEU A 38 -6.78 2.55 0.44
CA LEU A 38 -6.85 1.35 1.24
C LEU A 38 -6.47 1.65 2.70
N GLY A 39 -5.65 2.68 2.89
CA GLY A 39 -5.23 3.04 4.23
C GLY A 39 -5.55 4.50 4.56
N LEU A 40 -6.47 5.09 3.80
CA LEU A 40 -6.86 6.48 4.01
C LEU A 40 -7.71 6.63 5.26
N PRO A 41 -8.85 5.92 5.28
CA PRO A 41 -9.78 5.95 6.42
C PRO A 41 -9.22 5.25 7.65
N PHE A 42 -8.22 4.40 7.44
CA PHE A 42 -7.58 3.67 8.54
C PHE A 42 -6.49 4.51 9.19
N GLY A 43 -5.82 5.33 8.39
CA GLY A 43 -4.76 6.17 8.89
C GLY A 43 -4.39 7.29 7.95
N LYS A 44 -3.11 7.40 7.62
CA LYS A 44 -2.63 8.43 6.72
C LYS A 44 -1.43 7.92 5.90
N VAL A 45 -1.70 7.43 4.70
CA VAL A 45 -0.65 6.93 3.83
C VAL A 45 0.42 7.99 3.57
N THR A 46 1.68 7.58 3.64
CA THR A 46 2.79 8.49 3.42
C THR A 46 3.55 8.14 2.15
N ASN A 47 3.69 6.84 1.89
CA ASN A 47 4.39 6.37 0.71
C ASN A 47 3.53 5.39 -0.09
N LEU A 48 4.08 4.90 -1.20
CA LEU A 48 3.36 3.96 -2.05
C LEU A 48 4.27 3.39 -3.12
N LEU A 49 4.58 2.09 -3.00
CA LEU A 49 5.45 1.42 -3.96
C LEU A 49 4.63 0.70 -5.03
N MET A 50 4.12 1.46 -5.98
CA MET A 50 3.31 0.91 -7.06
C MET A 50 4.12 -0.10 -7.88
N LEU A 51 3.73 -1.37 -7.82
CA LEU A 51 4.43 -2.41 -8.56
C LEU A 51 3.53 -2.98 -9.67
N LYS A 52 3.04 -2.11 -10.52
CA LYS A 52 2.18 -2.52 -11.63
C LYS A 52 2.81 -3.67 -12.42
N GLY A 53 4.14 -3.68 -12.46
CA GLY A 53 4.85 -4.71 -13.18
C GLY A 53 4.39 -6.11 -12.80
N LYS A 54 3.99 -6.27 -11.54
CA LYS A 54 3.52 -7.56 -11.04
C LYS A 54 2.20 -7.40 -10.29
N ASN A 55 1.42 -6.40 -10.67
CA ASN A 55 0.14 -6.14 -10.03
C ASN A 55 0.27 -6.15 -8.51
N GLN A 56 1.02 -5.19 -7.99
CA GLN A 56 1.23 -5.08 -6.55
C GLN A 56 1.40 -3.62 -6.14
N ALA A 57 1.43 -3.38 -4.83
CA ALA A 57 1.59 -2.03 -4.30
C ALA A 57 1.84 -2.07 -2.79
N PHE A 58 2.34 -0.95 -2.26
CA PHE A 58 2.62 -0.85 -0.83
C PHE A 58 2.02 0.42 -0.25
N ILE A 59 1.91 0.47 1.08
CA ILE A 59 1.35 1.64 1.75
C ILE A 59 2.05 1.88 3.09
N GLU A 60 2.87 2.92 3.13
CA GLU A 60 3.60 3.27 4.35
C GLU A 60 2.78 4.21 5.24
N MET A 61 2.06 3.63 6.19
CA MET A 61 1.22 4.40 7.10
C MET A 61 2.09 5.30 8.00
N ASN A 62 1.46 6.28 8.63
CA ASN A 62 2.17 7.19 9.51
C ASN A 62 2.49 6.53 10.84
N THR A 63 1.60 5.65 11.29
CA THR A 63 1.79 4.95 12.55
C THR A 63 1.50 3.46 12.40
N GLU A 64 2.00 2.66 13.33
CA GLU A 64 1.80 1.21 13.29
C GLU A 64 0.33 0.87 13.45
N GLU A 65 -0.35 1.59 14.34
CA GLU A 65 -1.77 1.35 14.59
C GLU A 65 -2.56 1.35 13.27
N ALA A 66 -2.42 2.43 12.51
CA ALA A 66 -3.11 2.55 11.24
C ALA A 66 -2.90 1.31 10.37
N ALA A 67 -1.65 0.92 10.20
CA ALA A 67 -1.31 -0.26 9.41
C ALA A 67 -1.86 -1.54 10.04
N ASN A 68 -2.00 -1.51 11.36
CA ASN A 68 -2.52 -2.67 12.09
C ASN A 68 -4.04 -2.62 12.18
N THR A 69 -4.65 -1.73 11.39
CA THR A 69 -6.10 -1.58 11.38
C THR A 69 -6.68 -2.00 10.04
N MET A 70 -5.90 -1.81 8.98
CA MET A 70 -6.35 -2.16 7.63
C MET A 70 -5.97 -3.61 7.30
N VAL A 71 -4.79 -4.02 7.73
CA VAL A 71 -4.31 -5.38 7.48
C VAL A 71 -4.96 -6.37 8.43
N ASN A 72 -5.40 -5.87 9.59
CA ASN A 72 -6.05 -6.72 10.59
C ASN A 72 -7.55 -6.81 10.34
N TYR A 73 -8.09 -5.81 9.66
CA TYR A 73 -9.51 -5.77 9.35
C TYR A 73 -9.81 -6.47 8.03
N TYR A 74 -9.11 -6.06 6.98
CA TYR A 74 -9.30 -6.64 5.66
C TYR A 74 -9.03 -8.14 5.68
N THR A 75 -8.17 -8.57 6.60
CA THR A 75 -7.83 -9.98 6.73
C THR A 75 -9.09 -10.84 6.80
N SER A 76 -10.16 -10.27 7.33
CA SER A 76 -11.42 -11.00 7.45
C SER A 76 -12.36 -10.67 6.29
N VAL A 77 -12.25 -9.45 5.77
CA VAL A 77 -13.07 -9.01 4.65
C VAL A 77 -12.30 -9.09 3.34
N THR A 78 -12.81 -8.41 2.31
CA THR A 78 -12.18 -8.39 1.01
C THR A 78 -12.34 -7.04 0.33
N PRO A 79 -11.27 -6.23 0.34
CA PRO A 79 -11.28 -4.89 -0.27
C PRO A 79 -11.34 -4.96 -1.80
N VAL A 80 -12.52 -4.66 -2.35
CA VAL A 80 -12.71 -4.68 -3.80
C VAL A 80 -12.25 -3.37 -4.42
N LEU A 81 -11.24 -3.45 -5.27
CA LEU A 81 -10.70 -2.27 -5.94
C LEU A 81 -10.89 -2.37 -7.45
N ARG A 82 -11.52 -1.35 -8.04
CA ARG A 82 -11.76 -1.33 -9.47
C ARG A 82 -12.69 -2.45 -9.89
N GLY A 83 -13.47 -2.95 -8.93
CA GLY A 83 -14.40 -4.03 -9.21
C GLY A 83 -13.73 -5.39 -9.16
N GLN A 84 -12.80 -5.56 -8.24
CA GLN A 84 -12.07 -6.82 -8.10
C GLN A 84 -11.34 -6.89 -6.75
N PRO A 85 -11.32 -8.08 -6.15
CA PRO A 85 -10.66 -8.30 -4.85
C PRO A 85 -9.14 -8.21 -4.96
N ILE A 86 -8.47 -8.13 -3.82
CA ILE A 86 -7.02 -8.04 -3.78
C ILE A 86 -6.46 -8.74 -2.54
N TYR A 87 -5.14 -8.62 -2.36
CA TYR A 87 -4.48 -9.24 -1.21
C TYR A 87 -4.00 -8.19 -0.23
N ILE A 88 -4.09 -8.50 1.06
CA ILE A 88 -3.65 -7.58 2.11
C ILE A 88 -2.77 -8.28 3.13
N GLN A 89 -1.58 -7.72 3.36
CA GLN A 89 -0.64 -8.29 4.32
C GLN A 89 0.53 -7.33 4.55
N PHE A 90 0.93 -7.22 5.82
CA PHE A 90 2.05 -6.34 6.19
C PHE A 90 3.26 -6.60 5.31
N SER A 91 3.91 -5.53 4.87
CA SER A 91 5.09 -5.64 4.03
C SER A 91 6.32 -6.01 4.84
N ASN A 92 7.33 -6.54 4.17
CA ASN A 92 8.57 -6.95 4.85
C ASN A 92 9.69 -5.95 4.55
N HIS A 93 9.33 -4.68 4.44
CA HIS A 93 10.31 -3.63 4.17
C HIS A 93 10.35 -2.61 5.30
N LYS A 94 9.19 -2.07 5.65
CA LYS A 94 9.10 -1.09 6.72
C LYS A 94 9.93 0.15 6.40
N GLU A 95 10.02 0.48 5.11
CA GLU A 95 10.79 1.64 4.68
C GLU A 95 10.65 1.84 3.17
N LEU A 96 9.42 2.10 2.73
CA LEU A 96 9.16 2.31 1.30
C LEU A 96 10.04 3.42 0.74
N LYS A 97 10.84 3.08 -0.26
CA LYS A 97 11.74 4.05 -0.89
C LYS A 97 11.90 3.75 -2.37
N THR A 98 11.06 4.37 -3.19
CA THR A 98 11.11 4.17 -4.63
C THR A 98 12.29 4.93 -5.25
N ASP A 99 12.78 4.43 -6.38
CA ASP A 99 13.90 5.06 -7.07
C ASP A 99 13.46 5.63 -8.42
N SER A 100 14.39 6.25 -9.12
CA SER A 100 14.09 6.84 -10.42
C SER A 100 13.41 5.83 -11.34
N SER A 101 12.32 6.25 -11.97
CA SER A 101 11.57 5.38 -12.87
C SER A 101 10.42 6.14 -13.52
N PRO A 102 9.92 5.59 -14.65
CA PRO A 102 8.82 6.21 -15.39
C PRO A 102 7.50 6.12 -14.65
N ASN A 103 7.21 4.94 -14.09
CA ASN A 103 5.97 4.73 -13.34
C ASN A 103 6.18 4.98 -11.85
N GLN A 104 6.92 6.05 -11.54
CA GLN A 104 7.20 6.40 -10.15
C GLN A 104 7.03 7.90 -9.92
N ALA A 105 7.58 8.69 -10.82
CA ALA A 105 7.48 10.15 -10.73
C ALA A 105 6.03 10.58 -10.54
N ARG A 106 5.11 9.87 -11.17
CA ARG A 106 3.69 10.19 -11.07
C ARG A 106 3.08 9.56 -9.83
N ALA A 107 3.55 8.36 -9.49
CA ALA A 107 3.04 7.64 -8.32
C ALA A 107 3.07 8.53 -7.09
N GLN A 108 4.27 8.88 -6.64
CA GLN A 108 4.44 9.72 -5.46
C GLN A 108 3.60 10.99 -5.58
N ALA A 109 3.45 11.49 -6.80
CA ALA A 109 2.67 12.69 -7.05
C ALA A 109 1.29 12.60 -6.42
N ALA A 110 0.63 11.46 -6.64
CA ALA A 110 -0.70 11.24 -6.09
C ALA A 110 -0.74 11.49 -4.60
N LEU A 111 0.36 11.15 -3.92
CA LEU A 111 0.46 11.35 -2.48
C LEU A 111 0.09 12.78 -2.10
N GLN A 112 0.54 13.73 -2.90
CA GLN A 112 0.26 15.15 -2.65
C GLN A 112 -1.08 15.55 -3.26
N ALA A 113 -1.35 15.07 -4.46
CA ALA A 113 -2.60 15.37 -5.15
C ALA A 113 -3.80 15.09 -4.27
N VAL A 114 -3.71 14.04 -3.45
CA VAL A 114 -4.79 13.66 -2.55
C VAL A 114 -4.49 14.10 -1.13
N ASN A 115 -3.54 13.41 -0.49
CA ASN A 115 -3.16 13.72 0.88
C ASN A 115 -4.39 13.77 1.79
N SER A 116 -5.34 12.89 1.53
CA SER A 116 -6.57 12.83 2.32
C SER A 116 -6.26 12.54 3.78
N VAL A 117 -6.46 13.54 4.63
CA VAL A 117 -6.20 13.38 6.07
C VAL A 117 -7.50 13.19 6.83
N GLN A 118 -8.56 13.85 6.39
CA GLN A 118 -9.86 13.75 7.03
C GLN A 118 -10.94 14.42 6.19
N SER A 119 -12.13 14.56 6.78
CA SER A 119 -13.25 15.18 6.09
C SER A 119 -13.63 14.38 4.84
N GLY A 120 -14.09 13.16 5.06
CA GLY A 120 -14.48 12.31 3.95
C GLY A 120 -15.53 12.95 3.07
N ASN A 121 -15.22 13.08 1.78
CA ASN A 121 -16.14 13.69 0.83
C ASN A 121 -15.89 13.17 -0.58
N LEU A 122 -16.96 12.74 -1.24
CA LEU A 122 -16.85 12.22 -2.60
C LEU A 122 -18.21 12.26 -3.31
N ALA A 123 -19.27 11.90 -2.57
CA ALA A 123 -20.61 11.88 -3.13
C ALA A 123 -20.94 13.23 -3.78
N GLY A 1 12.52 -10.95 -8.65
CA GLY A 1 13.96 -10.98 -8.56
C GLY A 1 14.46 -10.62 -7.17
N ASN A 2 14.83 -9.36 -6.99
CA ASN A 2 15.34 -8.89 -5.70
C ASN A 2 14.21 -8.77 -4.69
N ASP A 3 14.22 -9.64 -3.69
CA ASP A 3 13.20 -9.62 -2.65
C ASP A 3 13.69 -10.34 -1.39
N SER A 4 12.96 -10.15 -0.30
CA SER A 4 13.33 -10.78 0.98
C SER A 4 12.42 -11.97 1.27
N LYS A 5 12.67 -12.63 2.40
CA LYS A 5 11.88 -13.78 2.80
C LYS A 5 12.00 -14.03 4.31
N LYS A 6 11.93 -12.95 5.07
CA LYS A 6 12.02 -13.04 6.53
C LYS A 6 10.72 -13.56 7.12
N PHE A 7 9.69 -12.70 7.14
CA PHE A 7 8.40 -13.07 7.68
C PHE A 7 7.63 -13.96 6.69
N LYS A 8 7.40 -15.21 7.09
CA LYS A 8 6.68 -16.15 6.24
C LYS A 8 5.66 -16.94 7.05
N GLY A 9 6.15 -17.69 8.04
CA GLY A 9 5.27 -18.48 8.87
C GLY A 9 4.41 -19.44 8.07
N ASP A 10 3.10 -19.36 8.27
CA ASP A 10 2.16 -20.22 7.56
C ASP A 10 0.88 -19.46 7.20
N SER A 11 -0.04 -20.14 6.53
CA SER A 11 -1.31 -19.54 6.14
C SER A 11 -2.12 -19.11 7.36
N ARG A 12 -3.22 -18.41 7.11
CA ARG A 12 -4.08 -17.94 8.19
C ARG A 12 -3.30 -17.06 9.16
N SER A 13 -2.39 -16.25 8.62
CA SER A 13 -1.59 -15.36 9.44
C SER A 13 -1.48 -13.98 8.80
N ALA A 14 -1.54 -12.94 9.63
CA ALA A 14 -1.45 -11.57 9.13
C ALA A 14 -1.35 -10.58 10.29
N GLY A 15 -0.17 -10.48 10.89
CA GLY A 15 0.03 -9.57 12.01
C GLY A 15 1.49 -9.26 12.25
N VAL A 16 1.88 -8.01 12.02
CA VAL A 16 3.26 -7.59 12.21
C VAL A 16 3.33 -6.12 12.61
N PRO A 17 4.13 -5.83 13.65
CA PRO A 17 4.30 -4.47 14.16
C PRO A 17 5.08 -3.58 13.18
N SER A 18 4.41 -3.17 12.12
CA SER A 18 5.04 -2.32 11.11
C SER A 18 4.07 -1.25 10.62
N ARG A 19 4.47 -0.52 9.59
CA ARG A 19 3.64 0.54 9.02
C ARG A 19 3.44 0.32 7.52
N VAL A 20 4.47 -0.20 6.86
CA VAL A 20 4.41 -0.46 5.43
C VAL A 20 3.59 -1.71 5.12
N ILE A 21 2.51 -1.53 4.37
CA ILE A 21 1.65 -2.64 4.00
C ILE A 21 1.96 -3.14 2.59
N HIS A 22 1.71 -4.42 2.34
CA HIS A 22 1.96 -5.02 1.04
C HIS A 22 0.67 -5.58 0.44
N ILE A 23 0.30 -5.06 -0.74
CA ILE A 23 -0.91 -5.51 -1.41
C ILE A 23 -0.58 -6.25 -2.70
N ARG A 24 -1.32 -7.31 -2.98
CA ARG A 24 -1.11 -8.10 -4.18
C ARG A 24 -2.42 -8.32 -4.93
N LYS A 25 -2.35 -9.09 -6.01
CA LYS A 25 -3.54 -9.37 -6.82
C LYS A 25 -4.25 -8.08 -7.23
N LEU A 26 -3.46 -7.03 -7.44
CA LEU A 26 -4.01 -5.74 -7.83
C LEU A 26 -4.51 -5.77 -9.27
N PRO A 27 -5.49 -4.91 -9.57
CA PRO A 27 -6.08 -4.82 -10.92
C PRO A 27 -5.11 -4.22 -11.93
N ILE A 28 -5.47 -4.32 -13.21
CA ILE A 28 -4.63 -3.78 -14.28
C ILE A 28 -4.71 -2.27 -14.32
N ASP A 29 -5.85 -1.72 -13.93
CA ASP A 29 -6.05 -0.28 -13.92
C ASP A 29 -5.86 0.30 -12.52
N VAL A 30 -5.05 -0.39 -11.71
CA VAL A 30 -4.79 0.04 -10.35
C VAL A 30 -4.02 1.36 -10.33
N THR A 31 -4.40 2.24 -9.41
CA THR A 31 -3.75 3.55 -9.28
C THR A 31 -3.45 3.88 -7.83
N GLU A 32 -2.79 5.00 -7.60
CA GLU A 32 -2.44 5.43 -6.26
C GLU A 32 -3.69 5.80 -5.45
N GLY A 33 -4.60 6.52 -6.09
CA GLY A 33 -5.83 6.93 -5.43
C GLY A 33 -6.55 5.77 -4.78
N GLU A 34 -6.40 4.57 -5.36
CA GLU A 34 -7.05 3.38 -4.83
C GLU A 34 -6.20 2.76 -3.72
N VAL A 35 -4.97 2.40 -4.06
CA VAL A 35 -4.05 1.80 -3.09
C VAL A 35 -3.95 2.65 -1.82
N ILE A 36 -3.66 3.93 -2.00
CA ILE A 36 -3.53 4.85 -0.87
C ILE A 36 -4.83 4.90 -0.07
N SER A 37 -5.96 4.87 -0.76
CA SER A 37 -7.26 4.92 -0.11
C SER A 37 -7.44 3.73 0.82
N LEU A 38 -6.77 2.63 0.52
CA LEU A 38 -6.86 1.43 1.33
C LEU A 38 -6.47 1.72 2.77
N GLY A 39 -5.65 2.74 2.97
CA GLY A 39 -5.21 3.11 4.30
C GLY A 39 -5.51 4.56 4.62
N LEU A 40 -6.42 5.16 3.87
CA LEU A 40 -6.79 6.56 4.08
C LEU A 40 -7.64 6.71 5.34
N PRO A 41 -8.79 6.02 5.36
CA PRO A 41 -9.72 6.06 6.50
C PRO A 41 -9.16 5.36 7.73
N PHE A 42 -8.20 4.47 7.51
CA PHE A 42 -7.58 3.72 8.60
C PHE A 42 -6.47 4.55 9.26
N GLY A 43 -5.77 5.34 8.45
CA GLY A 43 -4.69 6.16 8.96
C GLY A 43 -4.32 7.29 8.01
N LYS A 44 -3.03 7.36 7.67
CA LYS A 44 -2.54 8.39 6.77
C LYS A 44 -1.36 7.88 5.95
N VAL A 45 -1.63 7.43 4.74
CA VAL A 45 -0.58 6.91 3.86
C VAL A 45 0.50 7.98 3.61
N THR A 46 1.75 7.55 3.65
CA THR A 46 2.86 8.46 3.43
C THR A 46 3.66 8.07 2.19
N ASN A 47 3.77 6.77 1.94
CA ASN A 47 4.49 6.27 0.79
C ASN A 47 3.63 5.31 -0.03
N LEU A 48 4.15 4.86 -1.17
CA LEU A 48 3.43 3.94 -2.04
C LEU A 48 4.33 3.40 -3.13
N LEU A 49 4.66 2.11 -3.04
CA LEU A 49 5.52 1.46 -4.02
C LEU A 49 4.70 0.74 -5.07
N MET A 50 4.17 1.51 -6.03
CA MET A 50 3.36 0.94 -7.10
C MET A 50 4.17 -0.05 -7.93
N LEU A 51 3.73 -1.30 -7.94
CA LEU A 51 4.42 -2.35 -8.69
C LEU A 51 3.51 -2.93 -9.76
N LYS A 52 2.97 -2.07 -10.62
CA LYS A 52 2.08 -2.51 -11.69
C LYS A 52 2.71 -3.66 -12.48
N GLY A 53 4.04 -3.65 -12.56
CA GLY A 53 4.74 -4.69 -13.30
C GLY A 53 4.31 -6.09 -12.87
N LYS A 54 3.98 -6.23 -11.60
CA LYS A 54 3.55 -7.52 -11.07
C LYS A 54 2.23 -7.38 -10.30
N ASN A 55 1.43 -6.39 -10.68
CA ASN A 55 0.15 -6.15 -10.03
C ASN A 55 0.30 -6.16 -8.52
N GLN A 56 1.03 -5.18 -8.00
CA GLN A 56 1.24 -5.08 -6.56
C GLN A 56 1.44 -3.62 -6.14
N ALA A 57 1.42 -3.37 -4.84
CA ALA A 57 1.60 -2.03 -4.32
C ALA A 57 1.87 -2.05 -2.82
N PHE A 58 2.33 -0.93 -2.28
CA PHE A 58 2.63 -0.82 -0.86
C PHE A 58 2.03 0.45 -0.27
N ILE A 59 1.93 0.49 1.05
CA ILE A 59 1.38 1.64 1.75
C ILE A 59 2.08 1.89 3.06
N GLU A 60 2.89 2.95 3.11
CA GLU A 60 3.64 3.29 4.32
C GLU A 60 2.81 4.22 5.21
N MET A 61 2.10 3.63 6.17
CA MET A 61 1.27 4.40 7.09
C MET A 61 2.13 5.29 7.98
N ASN A 62 1.49 6.24 8.65
CA ASN A 62 2.20 7.16 9.54
C ASN A 62 2.56 6.48 10.86
N THR A 63 1.68 5.60 11.31
CA THR A 63 1.90 4.87 12.56
C THR A 63 1.60 3.38 12.40
N GLU A 64 2.14 2.57 13.30
CA GLU A 64 1.92 1.13 13.25
C GLU A 64 0.44 0.80 13.41
N GLU A 65 -0.22 1.52 14.30
CA GLU A 65 -1.64 1.30 14.55
C GLU A 65 -2.44 1.32 13.24
N ALA A 66 -2.27 2.40 12.48
CA ALA A 66 -2.97 2.55 11.21
C ALA A 66 -2.79 1.31 10.34
N ALA A 67 -1.55 0.89 10.15
CA ALA A 67 -1.24 -0.28 9.35
C ALA A 67 -1.80 -1.54 9.98
N ASN A 68 -1.93 -1.53 11.30
CA ASN A 68 -2.45 -2.67 12.03
C ASN A 68 -3.97 -2.59 12.18
N THR A 69 -4.58 -1.70 11.39
CA THR A 69 -6.03 -1.52 11.42
C THR A 69 -6.66 -1.96 10.11
N MET A 70 -5.94 -1.76 9.00
CA MET A 70 -6.44 -2.14 7.69
C MET A 70 -6.09 -3.59 7.36
N VAL A 71 -4.88 -3.99 7.74
CA VAL A 71 -4.42 -5.36 7.49
C VAL A 71 -5.10 -6.35 8.44
N ASN A 72 -5.52 -5.86 9.59
CA ASN A 72 -6.18 -6.70 10.58
C ASN A 72 -7.69 -6.75 10.33
N TYR A 73 -8.20 -5.72 9.66
CA TYR A 73 -9.63 -5.66 9.36
C TYR A 73 -9.93 -6.34 8.03
N TYR A 74 -9.19 -5.95 6.99
CA TYR A 74 -9.38 -6.53 5.66
C TYR A 74 -9.16 -8.03 5.68
N THR A 75 -8.31 -8.49 6.60
CA THR A 75 -8.02 -9.92 6.72
C THR A 75 -9.30 -10.74 6.79
N SER A 76 -10.35 -10.14 7.34
CA SER A 76 -11.64 -10.82 7.47
C SER A 76 -12.54 -10.50 6.29
N VAL A 77 -12.39 -9.29 5.75
CA VAL A 77 -13.20 -8.87 4.61
C VAL A 77 -12.41 -8.98 3.30
N THR A 78 -12.90 -8.29 2.27
CA THR A 78 -12.23 -8.32 0.97
C THR A 78 -12.41 -6.99 0.25
N PRO A 79 -11.36 -6.16 0.25
CA PRO A 79 -11.37 -4.85 -0.41
C PRO A 79 -11.40 -4.97 -1.93
N VAL A 80 -12.59 -4.84 -2.51
CA VAL A 80 -12.75 -4.93 -3.96
C VAL A 80 -12.29 -3.65 -4.65
N LEU A 81 -11.26 -3.76 -5.47
CA LEU A 81 -10.73 -2.60 -6.20
C LEU A 81 -10.82 -2.81 -7.70
N ARG A 82 -11.31 -1.79 -8.41
CA ARG A 82 -11.44 -1.87 -9.86
C ARG A 82 -12.37 -3.00 -10.26
N GLY A 83 -13.26 -3.40 -9.35
CA GLY A 83 -14.19 -4.47 -9.62
C GLY A 83 -13.57 -5.84 -9.46
N GLN A 84 -12.62 -5.95 -8.52
CA GLN A 84 -11.95 -7.22 -8.27
C GLN A 84 -11.25 -7.19 -6.92
N PRO A 85 -11.23 -8.35 -6.24
CA PRO A 85 -10.59 -8.49 -4.92
C PRO A 85 -9.08 -8.41 -5.00
N ILE A 86 -8.45 -8.14 -3.85
CA ILE A 86 -7.00 -8.03 -3.79
C ILE A 86 -6.45 -8.72 -2.55
N TYR A 87 -5.14 -8.60 -2.34
CA TYR A 87 -4.49 -9.21 -1.19
C TYR A 87 -4.01 -8.15 -0.20
N ILE A 88 -4.13 -8.45 1.09
CA ILE A 88 -3.71 -7.52 2.13
C ILE A 88 -2.81 -8.21 3.15
N GLN A 89 -1.64 -7.63 3.39
CA GLN A 89 -0.70 -8.21 4.35
C GLN A 89 0.38 -7.19 4.71
N PHE A 90 1.15 -7.49 5.76
CA PHE A 90 2.22 -6.60 6.21
C PHE A 90 3.50 -6.86 5.41
N SER A 91 4.13 -5.78 4.96
CA SER A 91 5.36 -5.88 4.19
C SER A 91 6.55 -6.21 5.09
N ASN A 92 6.51 -5.69 6.32
CA ASN A 92 7.58 -5.93 7.28
C ASN A 92 8.89 -5.32 6.80
N HIS A 93 8.82 -4.06 6.36
CA HIS A 93 10.00 -3.36 5.88
C HIS A 93 10.24 -2.09 6.68
N LYS A 94 9.16 -1.43 7.09
CA LYS A 94 9.26 -0.21 7.87
C LYS A 94 10.05 0.86 7.11
N GLU A 95 9.98 0.80 5.79
CA GLU A 95 10.69 1.76 4.96
C GLU A 95 10.46 1.48 3.48
N LEU A 96 10.27 2.53 2.69
CA LEU A 96 10.04 2.39 1.26
C LEU A 96 10.90 3.38 0.47
N LYS A 97 11.74 2.85 -0.41
CA LYS A 97 12.61 3.68 -1.23
C LYS A 97 12.43 3.36 -2.72
N THR A 98 12.33 4.41 -3.54
CA THR A 98 12.14 4.24 -4.97
C THR A 98 12.97 5.27 -5.74
N ASP A 99 13.19 5.00 -7.03
CA ASP A 99 13.96 5.89 -7.88
C ASP A 99 13.10 6.42 -9.03
N SER A 100 13.73 7.14 -9.95
CA SER A 100 13.03 7.71 -11.09
C SER A 100 12.69 6.62 -12.10
N SER A 101 11.43 6.59 -12.54
CA SER A 101 10.97 5.61 -13.50
C SER A 101 9.62 6.00 -14.09
N PRO A 102 9.29 5.41 -15.25
CA PRO A 102 8.02 5.69 -15.94
C PRO A 102 6.82 5.14 -15.20
N ASN A 103 7.01 3.99 -14.55
CA ASN A 103 5.93 3.35 -13.79
C ASN A 103 5.97 3.79 -12.33
N GLN A 104 7.17 3.97 -11.80
CA GLN A 104 7.33 4.38 -10.41
C GLN A 104 6.87 5.82 -10.20
N ALA A 105 7.11 6.66 -11.21
CA ALA A 105 6.72 8.06 -11.14
C ALA A 105 5.24 8.20 -10.77
N ARG A 106 4.42 7.27 -11.26
CA ARG A 106 3.00 7.30 -10.98
C ARG A 106 2.74 7.27 -9.48
N ALA A 107 3.41 6.36 -8.78
CA ALA A 107 3.26 6.23 -7.34
C ALA A 107 3.44 7.57 -6.64
N GLN A 108 4.42 8.34 -7.11
CA GLN A 108 4.71 9.65 -6.53
C GLN A 108 3.96 10.75 -7.26
N ALA A 109 2.66 10.51 -7.51
CA ALA A 109 1.83 11.47 -8.21
C ALA A 109 0.65 11.91 -7.34
N ALA A 110 0.07 10.96 -6.62
CA ALA A 110 -1.07 11.24 -5.76
C ALA A 110 -0.60 11.75 -4.39
N LEU A 111 0.51 11.21 -3.91
CA LEU A 111 1.06 11.61 -2.63
C LEU A 111 1.26 13.12 -2.56
N GLN A 112 1.98 13.66 -3.54
CA GLN A 112 2.23 15.10 -3.60
C GLN A 112 0.93 15.88 -3.69
N ALA A 113 -0.03 15.33 -4.43
CA ALA A 113 -1.33 15.97 -4.60
C ALA A 113 -2.07 16.07 -3.28
N VAL A 114 -2.34 14.92 -2.67
CA VAL A 114 -3.05 14.87 -1.40
C VAL A 114 -2.36 15.73 -0.35
N ASN A 115 -1.03 15.74 -0.39
CA ASN A 115 -0.25 16.53 0.56
C ASN A 115 0.11 17.88 -0.03
N SER A 116 -0.77 18.85 0.14
CA SER A 116 -0.55 20.20 -0.37
C SER A 116 -0.44 20.18 -1.89
N VAL A 117 -0.24 21.36 -2.48
CA VAL A 117 -0.12 21.49 -3.93
C VAL A 117 0.30 22.89 -4.32
N GLN A 118 1.01 23.01 -5.44
CA GLN A 118 1.47 24.30 -5.93
C GLN A 118 2.03 24.18 -7.35
N SER A 119 1.58 25.06 -8.23
CA SER A 119 2.03 25.05 -9.62
C SER A 119 3.05 26.17 -9.86
N GLY A 120 3.93 25.95 -10.83
CA GLY A 120 4.94 26.93 -11.15
C GLY A 120 6.33 26.33 -11.23
N ASN A 121 6.78 25.71 -10.14
CA ASN A 121 8.09 25.10 -10.09
C ASN A 121 8.05 23.66 -10.60
N LEU A 122 8.60 23.45 -11.80
CA LEU A 122 8.62 22.13 -12.41
C LEU A 122 7.20 21.63 -12.67
N ALA A 123 6.59 22.14 -13.74
CA ALA A 123 5.23 21.74 -14.11
C ALA A 123 5.26 20.54 -15.05
N GLY A 1 10.02 -3.27 -8.23
CA GLY A 1 10.52 -4.63 -8.12
C GLY A 1 11.18 -4.90 -6.78
N ASN A 2 12.30 -5.63 -6.80
CA ASN A 2 13.02 -5.96 -5.58
C ASN A 2 12.11 -6.67 -4.59
N ASP A 3 11.36 -7.65 -5.07
CA ASP A 3 10.46 -8.41 -4.23
C ASP A 3 11.16 -9.62 -3.62
N SER A 4 11.08 -9.76 -2.30
CA SER A 4 11.72 -10.86 -1.60
C SER A 4 11.00 -11.15 -0.29
N LYS A 5 11.00 -12.42 0.11
CA LYS A 5 10.35 -12.84 1.35
C LYS A 5 11.24 -12.54 2.55
N LYS A 6 10.66 -12.61 3.74
CA LYS A 6 11.40 -12.35 4.97
C LYS A 6 10.61 -12.81 6.19
N PHE A 7 9.37 -12.34 6.31
CA PHE A 7 8.51 -12.71 7.43
C PHE A 7 7.82 -14.04 7.16
N LYS A 8 7.72 -14.87 8.20
CA LYS A 8 7.08 -16.17 8.07
C LYS A 8 6.99 -16.85 9.43
N GLY A 9 5.83 -16.77 10.07
CA GLY A 9 5.63 -17.39 11.37
C GLY A 9 4.65 -18.54 11.32
N ASP A 10 4.27 -19.04 12.49
CA ASP A 10 3.33 -20.15 12.57
C ASP A 10 2.08 -19.73 13.33
N SER A 11 2.22 -19.50 14.63
CA SER A 11 1.09 -19.08 15.47
C SER A 11 0.43 -17.83 14.92
N ARG A 12 -0.87 -17.90 14.71
CA ARG A 12 -1.62 -16.77 14.18
C ARG A 12 -1.06 -16.31 12.84
N SER A 13 -1.68 -15.29 12.26
CA SER A 13 -1.24 -14.75 10.97
C SER A 13 -1.81 -13.37 10.73
N ALA A 14 -1.23 -12.64 9.78
CA ALA A 14 -1.68 -11.31 9.45
C ALA A 14 -1.50 -10.36 10.63
N GLY A 15 -0.31 -10.35 11.21
CA GLY A 15 -0.03 -9.48 12.34
C GLY A 15 1.45 -9.21 12.52
N VAL A 16 1.86 -7.97 12.28
CA VAL A 16 3.26 -7.58 12.42
C VAL A 16 3.39 -6.12 12.83
N PRO A 17 4.24 -5.86 13.82
CA PRO A 17 4.48 -4.52 14.34
C PRO A 17 5.23 -3.63 13.33
N SER A 18 4.51 -3.18 12.31
CA SER A 18 5.11 -2.34 11.28
C SER A 18 4.11 -1.29 10.79
N ARG A 19 4.48 -0.58 9.73
CA ARG A 19 3.61 0.44 9.16
C ARG A 19 3.40 0.20 7.67
N VAL A 20 4.42 -0.33 7.00
CA VAL A 20 4.34 -0.61 5.57
C VAL A 20 3.51 -1.85 5.30
N ILE A 21 2.63 -1.77 4.32
CA ILE A 21 1.77 -2.90 3.95
C ILE A 21 2.06 -3.38 2.53
N HIS A 22 1.70 -4.63 2.25
CA HIS A 22 1.93 -5.21 0.94
C HIS A 22 0.62 -5.73 0.34
N ILE A 23 0.23 -5.18 -0.80
CA ILE A 23 -1.00 -5.59 -1.47
C ILE A 23 -0.70 -6.26 -2.80
N ARG A 24 -1.37 -7.38 -3.06
CA ARG A 24 -1.18 -8.12 -4.31
C ARG A 24 -2.51 -8.38 -4.99
N LYS A 25 -2.46 -9.02 -6.16
CA LYS A 25 -3.66 -9.33 -6.92
C LYS A 25 -4.42 -8.06 -7.30
N LEU A 26 -3.68 -6.98 -7.52
CA LEU A 26 -4.28 -5.70 -7.88
C LEU A 26 -4.83 -5.75 -9.31
N PRO A 27 -5.84 -4.89 -9.59
CA PRO A 27 -6.47 -4.82 -10.90
C PRO A 27 -5.54 -4.22 -11.95
N ILE A 28 -5.67 -4.70 -13.19
CA ILE A 28 -4.85 -4.21 -14.29
C ILE A 28 -4.93 -2.69 -14.41
N ASP A 29 -6.09 -2.13 -14.03
CA ASP A 29 -6.29 -0.70 -14.09
C ASP A 29 -6.13 -0.06 -12.71
N VAL A 30 -5.34 -0.70 -11.86
CA VAL A 30 -5.11 -0.21 -10.51
C VAL A 30 -4.39 1.15 -10.54
N THR A 31 -4.74 2.02 -9.59
CA THR A 31 -4.14 3.34 -9.50
C THR A 31 -3.77 3.68 -8.07
N GLU A 32 -2.86 4.64 -7.91
CA GLU A 32 -2.42 5.06 -6.59
C GLU A 32 -3.61 5.52 -5.74
N GLY A 33 -4.49 6.31 -6.34
CA GLY A 33 -5.66 6.80 -5.62
C GLY A 33 -6.42 5.69 -4.93
N GLU A 34 -6.38 4.50 -5.52
CA GLU A 34 -7.09 3.35 -4.95
C GLU A 34 -6.23 2.66 -3.89
N VAL A 35 -4.97 2.40 -4.23
CA VAL A 35 -4.05 1.75 -3.30
C VAL A 35 -3.91 2.54 -2.01
N ILE A 36 -3.63 3.83 -2.14
CA ILE A 36 -3.47 4.70 -0.98
C ILE A 36 -4.75 4.75 -0.15
N SER A 37 -5.89 4.76 -0.84
CA SER A 37 -7.18 4.81 -0.16
C SER A 37 -7.33 3.63 0.80
N LEU A 38 -6.64 2.53 0.49
CA LEU A 38 -6.70 1.34 1.33
C LEU A 38 -6.32 1.66 2.77
N GLY A 39 -5.50 2.70 2.94
CA GLY A 39 -5.08 3.09 4.28
C GLY A 39 -5.36 4.56 4.57
N LEU A 40 -6.30 5.13 3.82
CA LEU A 40 -6.67 6.53 4.00
C LEU A 40 -7.52 6.71 5.25
N PRO A 41 -8.66 6.03 5.29
CA PRO A 41 -9.59 6.10 6.43
C PRO A 41 -9.03 5.41 7.67
N PHE A 42 -8.04 4.56 7.48
CA PHE A 42 -7.41 3.84 8.58
C PHE A 42 -6.31 4.68 9.22
N GLY A 43 -5.64 5.49 8.40
CA GLY A 43 -4.57 6.33 8.90
C GLY A 43 -4.19 7.43 7.93
N LYS A 44 -2.90 7.52 7.61
CA LYS A 44 -2.41 8.53 6.69
C LYS A 44 -1.23 8.00 5.88
N VAL A 45 -1.53 7.44 4.71
CA VAL A 45 -0.49 6.90 3.85
C VAL A 45 0.62 7.92 3.60
N THR A 46 1.83 7.59 4.03
CA THR A 46 2.98 8.47 3.86
C THR A 46 3.75 8.13 2.59
N ASN A 47 3.84 6.85 2.28
CA ASN A 47 4.55 6.40 1.08
C ASN A 47 3.70 5.41 0.28
N LEU A 48 4.17 5.07 -0.91
CA LEU A 48 3.46 4.15 -1.77
C LEU A 48 4.40 3.57 -2.84
N LEU A 49 4.94 2.38 -2.58
CA LEU A 49 5.84 1.74 -3.51
C LEU A 49 5.06 0.91 -4.54
N MET A 50 4.14 1.56 -5.23
CA MET A 50 3.33 0.87 -6.24
C MET A 50 4.20 0.11 -7.22
N LEU A 51 3.62 -0.87 -7.90
CA LEU A 51 4.34 -1.67 -8.87
C LEU A 51 3.45 -2.05 -10.05
N LYS A 52 3.63 -1.35 -11.16
CA LYS A 52 2.85 -1.61 -12.36
C LYS A 52 3.51 -2.67 -13.22
N GLY A 53 4.03 -3.71 -12.58
CA GLY A 53 4.69 -4.78 -13.30
C GLY A 53 4.11 -6.14 -12.96
N LYS A 54 3.67 -6.30 -11.73
CA LYS A 54 3.09 -7.56 -11.27
C LYS A 54 1.83 -7.32 -10.44
N ASN A 55 1.13 -6.24 -10.75
CA ASN A 55 -0.09 -5.89 -10.03
C ASN A 55 0.13 -5.93 -8.52
N GLN A 56 0.96 -5.01 -8.02
CA GLN A 56 1.25 -4.94 -6.61
C GLN A 56 1.50 -3.50 -6.17
N ALA A 57 1.47 -3.26 -4.87
CA ALA A 57 1.69 -1.93 -4.33
C ALA A 57 1.84 -1.96 -2.80
N PHE A 58 2.61 -1.04 -2.26
CA PHE A 58 2.82 -0.96 -0.82
C PHE A 58 2.26 0.35 -0.26
N ILE A 59 2.05 0.37 1.06
CA ILE A 59 1.53 1.55 1.72
C ILE A 59 2.21 1.78 3.08
N GLU A 60 3.03 2.82 3.15
CA GLU A 60 3.73 3.14 4.39
C GLU A 60 2.91 4.08 5.26
N MET A 61 2.17 3.50 6.20
CA MET A 61 1.34 4.28 7.11
C MET A 61 2.19 5.18 8.00
N ASN A 62 1.57 6.19 8.59
CA ASN A 62 2.27 7.12 9.47
C ASN A 62 2.56 6.48 10.83
N THR A 63 1.64 5.61 11.27
CA THR A 63 1.80 4.93 12.54
C THR A 63 1.49 3.44 12.42
N GLU A 64 2.00 2.66 13.36
CA GLU A 64 1.79 1.21 13.35
C GLU A 64 0.30 0.89 13.51
N GLU A 65 -0.38 1.66 14.36
CA GLU A 65 -1.80 1.45 14.60
C GLU A 65 -2.57 1.41 13.29
N ALA A 66 -2.44 2.46 12.49
CA ALA A 66 -3.12 2.54 11.22
C ALA A 66 -2.90 1.29 10.39
N ALA A 67 -1.64 0.88 10.26
CA ALA A 67 -1.29 -0.31 9.50
C ALA A 67 -1.87 -1.57 10.15
N ASN A 68 -2.03 -1.52 11.45
CA ASN A 68 -2.57 -2.66 12.20
C ASN A 68 -4.09 -2.57 12.29
N THR A 69 -4.68 -1.69 11.49
CA THR A 69 -6.13 -1.51 11.46
C THR A 69 -6.71 -1.93 10.12
N MET A 70 -5.93 -1.75 9.06
CA MET A 70 -6.39 -2.11 7.72
C MET A 70 -6.05 -3.56 7.40
N VAL A 71 -4.88 -4.00 7.85
CA VAL A 71 -4.44 -5.37 7.62
C VAL A 71 -5.16 -6.35 8.54
N ASN A 72 -5.57 -5.85 9.71
CA ASN A 72 -6.27 -6.68 10.68
C ASN A 72 -7.77 -6.71 10.39
N TYR A 73 -8.24 -5.70 9.67
CA TYR A 73 -9.66 -5.61 9.33
C TYR A 73 -9.94 -6.29 8.00
N TYR A 74 -9.18 -5.90 6.98
CA TYR A 74 -9.36 -6.47 5.64
C TYR A 74 -9.16 -7.98 5.66
N THR A 75 -8.32 -8.44 6.58
CA THR A 75 -8.04 -9.87 6.71
C THR A 75 -9.33 -10.68 6.76
N SER A 76 -10.39 -10.07 7.29
CA SER A 76 -11.69 -10.73 7.38
C SER A 76 -12.57 -10.38 6.20
N VAL A 77 -12.40 -9.19 5.65
CA VAL A 77 -13.18 -8.73 4.51
C VAL A 77 -12.37 -8.84 3.22
N THR A 78 -12.85 -8.17 2.17
CA THR A 78 -12.17 -8.19 0.89
C THR A 78 -12.26 -6.83 0.19
N PRO A 79 -11.17 -6.06 0.27
CA PRO A 79 -11.09 -4.73 -0.36
C PRO A 79 -11.07 -4.79 -1.88
N VAL A 80 -12.24 -4.98 -2.48
CA VAL A 80 -12.36 -5.06 -3.92
C VAL A 80 -12.03 -3.73 -4.58
N LEU A 81 -11.18 -3.77 -5.60
CA LEU A 81 -10.78 -2.56 -6.32
C LEU A 81 -11.00 -2.72 -7.82
N ARG A 82 -11.82 -1.83 -8.38
CA ARG A 82 -12.11 -1.86 -9.80
C ARG A 82 -12.84 -3.15 -10.18
N GLY A 83 -13.62 -3.67 -9.25
CA GLY A 83 -14.37 -4.89 -9.49
C GLY A 83 -13.48 -6.13 -9.44
N GLN A 84 -12.51 -6.10 -8.53
CA GLN A 84 -11.58 -7.23 -8.39
C GLN A 84 -10.95 -7.24 -7.00
N PRO A 85 -11.03 -8.38 -6.32
CA PRO A 85 -10.47 -8.54 -4.97
C PRO A 85 -8.95 -8.53 -4.97
N ILE A 86 -8.35 -7.96 -3.93
CA ILE A 86 -6.91 -7.88 -3.81
C ILE A 86 -6.42 -8.60 -2.56
N TYR A 87 -5.12 -8.49 -2.28
CA TYR A 87 -4.53 -9.12 -1.11
C TYR A 87 -4.06 -8.07 -0.10
N ILE A 88 -4.10 -8.44 1.18
CA ILE A 88 -3.67 -7.53 2.23
C ILE A 88 -2.78 -8.25 3.25
N GLN A 89 -1.59 -7.69 3.47
CA GLN A 89 -0.65 -8.28 4.42
C GLN A 89 0.55 -7.36 4.63
N PHE A 90 0.96 -7.22 5.89
CA PHE A 90 2.09 -6.37 6.23
C PHE A 90 3.30 -6.68 5.35
N SER A 91 4.01 -5.64 4.94
CA SER A 91 5.19 -5.81 4.09
C SER A 91 6.41 -6.20 4.91
N ASN A 92 6.45 -5.72 6.15
CA ASN A 92 7.57 -6.02 7.04
C ASN A 92 8.87 -5.41 6.53
N HIS A 93 8.80 -4.14 6.13
CA HIS A 93 9.96 -3.44 5.61
C HIS A 93 10.26 -2.18 6.43
N LYS A 94 9.19 -1.54 6.90
CA LYS A 94 9.33 -0.32 7.70
C LYS A 94 10.08 0.76 6.94
N GLU A 95 9.95 0.73 5.62
CA GLU A 95 10.63 1.71 4.76
C GLU A 95 10.28 1.48 3.29
N LEU A 96 10.04 2.57 2.57
CA LEU A 96 9.70 2.49 1.15
C LEU A 96 10.44 3.55 0.36
N LYS A 97 11.22 3.10 -0.63
CA LYS A 97 11.98 4.02 -1.47
C LYS A 97 11.92 3.59 -2.93
N THR A 98 11.32 4.43 -3.78
CA THR A 98 11.20 4.13 -5.19
C THR A 98 12.29 4.83 -6.00
N ASP A 99 12.52 4.35 -7.22
CA ASP A 99 13.54 4.92 -8.09
C ASP A 99 12.92 5.47 -9.37
N SER A 100 13.68 6.29 -10.07
CA SER A 100 13.20 6.89 -11.32
C SER A 100 12.78 5.82 -12.31
N SER A 101 11.68 6.08 -13.04
CA SER A 101 11.17 5.13 -14.01
C SER A 101 9.94 5.68 -14.71
N PRO A 102 9.61 5.12 -15.89
CA PRO A 102 8.45 5.54 -16.67
C PRO A 102 7.12 5.16 -16.01
N ASN A 103 7.13 4.03 -15.31
CA ASN A 103 5.93 3.56 -14.62
C ASN A 103 5.91 4.03 -13.18
N GLN A 104 7.08 4.07 -12.55
CA GLN A 104 7.19 4.51 -11.16
C GLN A 104 7.46 6.00 -11.08
N ALA A 105 6.72 6.78 -11.87
CA ALA A 105 6.88 8.24 -11.88
C ALA A 105 5.54 8.94 -11.68
N ARG A 106 4.50 8.39 -12.29
CA ARG A 106 3.16 8.97 -12.18
C ARG A 106 2.69 8.95 -10.73
N ALA A 107 3.05 7.90 -10.01
CA ALA A 107 2.65 7.76 -8.61
C ALA A 107 3.01 9.01 -7.82
N GLN A 108 4.16 9.60 -8.12
CA GLN A 108 4.62 10.80 -7.43
C GLN A 108 3.54 11.88 -7.47
N ALA A 109 2.82 11.95 -8.58
CA ALA A 109 1.77 12.95 -8.75
C ALA A 109 0.59 12.66 -7.81
N ALA A 110 0.06 11.45 -7.89
CA ALA A 110 -1.06 11.05 -7.05
C ALA A 110 -0.77 11.33 -5.58
N LEU A 111 0.36 10.82 -5.09
CA LEU A 111 0.74 11.01 -3.70
C LEU A 111 0.74 12.49 -3.33
N GLN A 112 1.18 13.33 -4.27
CA GLN A 112 1.22 14.77 -4.04
C GLN A 112 -0.18 15.36 -4.07
N ALA A 113 -1.03 14.83 -4.94
CA ALA A 113 -2.40 15.31 -5.06
C ALA A 113 -3.13 15.21 -3.73
N VAL A 114 -3.11 14.02 -3.12
CA VAL A 114 -3.78 13.80 -1.84
C VAL A 114 -3.35 14.84 -0.82
N ASN A 115 -2.09 15.25 -0.88
CA ASN A 115 -1.55 16.24 0.04
C ASN A 115 -2.24 17.59 -0.15
N SER A 116 -1.89 18.28 -1.24
CA SER A 116 -2.47 19.57 -1.54
C SER A 116 -1.93 20.12 -2.86
N VAL A 117 -2.01 19.29 -3.90
CA VAL A 117 -1.53 19.68 -5.22
C VAL A 117 -2.64 19.60 -6.25
N GLN A 118 -3.51 18.61 -6.09
CA GLN A 118 -4.63 18.41 -7.01
C GLN A 118 -4.12 18.28 -8.45
N SER A 119 -3.83 17.05 -8.86
CA SER A 119 -3.34 16.80 -10.20
C SER A 119 -3.32 15.30 -10.50
N GLY A 120 -3.79 14.93 -11.69
CA GLY A 120 -3.82 13.53 -12.07
C GLY A 120 -4.43 13.32 -13.45
N ASN A 121 -4.13 12.17 -14.05
CA ASN A 121 -4.65 11.85 -15.39
C ASN A 121 -5.00 10.38 -15.49
N LEU A 122 -5.69 10.01 -16.56
CA LEU A 122 -6.08 8.63 -16.78
C LEU A 122 -5.43 8.07 -18.04
N ALA A 123 -5.73 6.81 -18.34
CA ALA A 123 -5.16 6.15 -19.52
C ALA A 123 -6.24 5.91 -20.58
N GLY A 1 13.76 -16.51 -9.84
CA GLY A 1 13.82 -16.83 -8.42
C GLY A 1 13.45 -15.65 -7.55
N ASN A 2 12.22 -15.63 -7.08
CA ASN A 2 11.75 -14.55 -6.22
C ASN A 2 12.47 -14.55 -4.88
N ASP A 3 12.13 -15.51 -4.03
CA ASP A 3 12.75 -15.62 -2.71
C ASP A 3 12.67 -14.30 -1.96
N SER A 4 11.59 -14.11 -1.22
CA SER A 4 11.39 -12.89 -0.44
C SER A 4 11.02 -13.21 1.00
N LYS A 5 9.97 -14.00 1.18
CA LYS A 5 9.51 -14.38 2.50
C LYS A 5 9.06 -13.16 3.30
N LYS A 6 7.74 -12.99 3.43
CA LYS A 6 7.18 -11.87 4.16
C LYS A 6 6.57 -12.33 5.49
N PHE A 7 7.43 -12.71 6.43
CA PHE A 7 6.96 -13.17 7.73
C PHE A 7 6.00 -14.35 7.58
N LYS A 8 6.55 -15.56 7.64
CA LYS A 8 5.74 -16.76 7.51
C LYS A 8 5.60 -17.48 8.86
N GLY A 9 4.39 -17.46 9.41
CA GLY A 9 4.15 -18.10 10.68
C GLY A 9 3.54 -19.48 10.53
N ASP A 10 2.59 -19.81 11.40
CA ASP A 10 1.94 -21.12 11.36
C ASP A 10 1.24 -21.33 10.02
N SER A 11 0.17 -20.58 9.78
CA SER A 11 -0.58 -20.69 8.55
C SER A 11 -1.48 -19.47 8.35
N ARG A 12 -1.12 -18.63 7.39
CA ARG A 12 -1.88 -17.42 7.09
C ARG A 12 -1.88 -16.47 8.28
N SER A 13 -0.82 -15.69 8.42
CA SER A 13 -0.70 -14.74 9.52
C SER A 13 -1.02 -13.32 9.05
N ALA A 14 -1.60 -12.53 9.95
CA ALA A 14 -1.96 -11.15 9.62
C ALA A 14 -1.66 -10.22 10.80
N GLY A 15 -0.41 -10.22 11.24
CA GLY A 15 -0.01 -9.38 12.35
C GLY A 15 1.49 -9.16 12.41
N VAL A 16 1.93 -7.93 12.17
CA VAL A 16 3.34 -7.60 12.19
C VAL A 16 3.56 -6.16 12.65
N PRO A 17 4.51 -5.97 13.57
CA PRO A 17 4.84 -4.64 14.10
C PRO A 17 5.54 -3.76 13.07
N SER A 18 4.76 -3.22 12.14
CA SER A 18 5.30 -2.37 11.09
C SER A 18 4.27 -1.33 10.64
N ARG A 19 4.57 -0.63 9.55
CA ARG A 19 3.68 0.39 9.02
C ARG A 19 3.42 0.17 7.54
N VAL A 20 4.44 -0.31 6.83
CA VAL A 20 4.32 -0.56 5.39
C VAL A 20 3.54 -1.84 5.12
N ILE A 21 2.53 -1.74 4.25
CA ILE A 21 1.71 -2.89 3.90
C ILE A 21 2.03 -3.40 2.51
N HIS A 22 1.70 -4.66 2.25
CA HIS A 22 1.95 -5.27 0.95
C HIS A 22 0.67 -5.85 0.36
N ILE A 23 0.23 -5.29 -0.76
CA ILE A 23 -0.98 -5.74 -1.42
C ILE A 23 -0.66 -6.43 -2.74
N ARG A 24 -1.41 -7.49 -3.06
CA ARG A 24 -1.20 -8.23 -4.30
C ARG A 24 -2.52 -8.45 -5.03
N LYS A 25 -2.45 -9.03 -6.22
CA LYS A 25 -3.63 -9.30 -7.02
C LYS A 25 -4.39 -8.00 -7.32
N LEU A 26 -3.64 -6.91 -7.49
CA LEU A 26 -4.23 -5.62 -7.79
C LEU A 26 -4.82 -5.59 -9.19
N PRO A 27 -5.79 -4.69 -9.41
CA PRO A 27 -6.46 -4.55 -10.71
C PRO A 27 -5.54 -3.95 -11.76
N ILE A 28 -5.73 -4.37 -13.01
CA ILE A 28 -4.92 -3.88 -14.11
C ILE A 28 -4.95 -2.35 -14.18
N ASP A 29 -6.05 -1.77 -13.73
CA ASP A 29 -6.21 -0.32 -13.74
C ASP A 29 -5.99 0.26 -12.33
N VAL A 30 -5.17 -0.42 -11.55
CA VAL A 30 -4.87 0.02 -10.19
C VAL A 30 -4.06 1.32 -10.19
N THR A 31 -4.46 2.25 -9.36
CA THR A 31 -3.77 3.54 -9.26
C THR A 31 -3.55 3.94 -7.80
N GLU A 32 -2.64 4.88 -7.59
CA GLU A 32 -2.32 5.35 -6.24
C GLU A 32 -3.60 5.77 -5.51
N GLY A 33 -4.48 6.48 -6.21
CA GLY A 33 -5.72 6.92 -5.61
C GLY A 33 -6.48 5.79 -4.96
N GLU A 34 -6.35 4.59 -5.50
CA GLU A 34 -7.04 3.42 -4.97
C GLU A 34 -6.20 2.76 -3.89
N VAL A 35 -4.97 2.38 -4.23
CA VAL A 35 -4.07 1.74 -3.29
C VAL A 35 -3.98 2.53 -1.98
N ILE A 36 -3.68 3.82 -2.10
CA ILE A 36 -3.56 4.68 -0.93
C ILE A 36 -4.85 4.69 -0.12
N SER A 37 -5.98 4.69 -0.82
CA SER A 37 -7.28 4.70 -0.16
C SER A 37 -7.41 3.52 0.81
N LEU A 38 -6.70 2.44 0.50
CA LEU A 38 -6.73 1.24 1.35
C LEU A 38 -6.37 1.58 2.79
N GLY A 39 -5.58 2.65 2.96
CA GLY A 39 -5.18 3.06 4.30
C GLY A 39 -5.47 4.51 4.56
N LEU A 40 -6.42 5.07 3.82
CA LEU A 40 -6.80 6.47 3.97
C LEU A 40 -7.66 6.66 5.22
N PRO A 41 -8.81 5.97 5.26
CA PRO A 41 -9.74 6.06 6.39
C PRO A 41 -9.18 5.38 7.64
N PHE A 42 -8.20 4.50 7.45
CA PHE A 42 -7.59 3.79 8.57
C PHE A 42 -6.50 4.64 9.21
N GLY A 43 -5.81 5.44 8.40
CA GLY A 43 -4.74 6.28 8.90
C GLY A 43 -4.39 7.40 7.94
N LYS A 44 -3.10 7.50 7.60
CA LYS A 44 -2.63 8.53 6.69
C LYS A 44 -1.41 8.04 5.91
N VAL A 45 -1.66 7.45 4.74
CA VAL A 45 -0.58 6.95 3.90
C VAL A 45 0.49 8.01 3.69
N THR A 46 1.72 7.69 4.07
CA THR A 46 2.83 8.62 3.92
C THR A 46 3.59 8.36 2.63
N ASN A 47 3.69 7.08 2.25
CA ASN A 47 4.40 6.69 1.04
C ASN A 47 3.64 5.60 0.30
N LEU A 48 3.99 5.38 -0.97
CA LEU A 48 3.35 4.37 -1.78
C LEU A 48 4.33 3.77 -2.79
N LEU A 49 4.58 2.47 -2.65
CA LEU A 49 5.51 1.78 -3.56
C LEU A 49 4.75 0.92 -4.56
N MET A 50 4.45 1.50 -5.72
CA MET A 50 3.72 0.80 -6.76
C MET A 50 4.70 0.20 -7.78
N LEU A 51 4.47 -1.06 -8.14
CA LEU A 51 5.32 -1.76 -9.09
C LEU A 51 4.68 -1.75 -10.48
N LYS A 52 3.37 -1.84 -10.52
CA LYS A 52 2.63 -1.84 -11.79
C LYS A 52 3.25 -2.85 -12.77
N GLY A 53 3.88 -3.89 -12.22
CA GLY A 53 4.50 -4.90 -13.07
C GLY A 53 3.89 -6.27 -12.86
N LYS A 54 3.41 -6.53 -11.64
CA LYS A 54 2.80 -7.81 -11.32
C LYS A 54 1.56 -7.61 -10.44
N ASN A 55 0.90 -6.47 -10.61
CA ASN A 55 -0.30 -6.16 -9.84
C ASN A 55 0.00 -6.17 -8.34
N GLN A 56 0.88 -5.26 -7.91
CA GLN A 56 1.24 -5.15 -6.51
C GLN A 56 1.54 -3.70 -6.13
N ALA A 57 1.40 -3.39 -4.85
CA ALA A 57 1.67 -2.04 -4.36
C ALA A 57 1.77 -2.03 -2.83
N PHE A 58 2.65 -1.18 -2.32
CA PHE A 58 2.85 -1.06 -0.88
C PHE A 58 2.30 0.26 -0.35
N ILE A 59 2.04 0.32 0.94
CA ILE A 59 1.51 1.52 1.57
C ILE A 59 2.18 1.78 2.92
N GLU A 60 3.02 2.80 2.97
CA GLU A 60 3.72 3.15 4.20
C GLU A 60 2.88 4.11 5.06
N MET A 61 2.19 3.54 6.05
CA MET A 61 1.35 4.33 6.93
C MET A 61 2.19 5.25 7.80
N ASN A 62 1.54 6.23 8.43
CA ASN A 62 2.24 7.17 9.30
C ASN A 62 2.59 6.53 10.64
N THR A 63 1.71 5.64 11.11
CA THR A 63 1.93 4.95 12.37
C THR A 63 1.63 3.47 12.24
N GLU A 64 2.07 2.69 13.24
CA GLU A 64 1.85 1.25 13.24
C GLU A 64 0.37 0.93 13.40
N GLU A 65 -0.30 1.71 14.25
CA GLU A 65 -1.73 1.49 14.50
C GLU A 65 -2.51 1.44 13.19
N ALA A 66 -2.38 2.49 12.39
CA ALA A 66 -3.07 2.56 11.11
C ALA A 66 -2.86 1.29 10.29
N ALA A 67 -1.60 0.90 10.16
CA ALA A 67 -1.25 -0.30 9.40
C ALA A 67 -1.81 -1.55 10.07
N ASN A 68 -1.97 -1.50 11.38
CA ASN A 68 -2.50 -2.63 12.13
C ASN A 68 -4.02 -2.54 12.25
N THR A 69 -4.62 -1.67 11.44
CA THR A 69 -6.07 -1.49 11.45
C THR A 69 -6.68 -1.92 10.12
N MET A 70 -5.94 -1.72 9.04
CA MET A 70 -6.41 -2.09 7.71
C MET A 70 -6.07 -3.54 7.39
N VAL A 71 -4.89 -3.98 7.83
CA VAL A 71 -4.45 -5.34 7.60
C VAL A 71 -5.17 -6.32 8.53
N ASN A 72 -5.56 -5.84 9.70
CA ASN A 72 -6.26 -6.67 10.68
C ASN A 72 -7.76 -6.70 10.40
N TYR A 73 -8.24 -5.68 9.69
CA TYR A 73 -9.65 -5.59 9.35
C TYR A 73 -9.95 -6.28 8.03
N TYR A 74 -9.20 -5.91 7.00
CA TYR A 74 -9.38 -6.49 5.66
C TYR A 74 -9.16 -7.99 5.70
N THR A 75 -8.34 -8.45 6.64
CA THR A 75 -8.06 -9.87 6.79
C THR A 75 -9.34 -10.70 6.79
N SER A 76 -10.42 -10.09 7.27
CA SER A 76 -11.71 -10.77 7.34
C SER A 76 -12.58 -10.40 6.14
N VAL A 77 -12.39 -9.20 5.64
CA VAL A 77 -13.16 -8.72 4.49
C VAL A 77 -12.35 -8.83 3.20
N THR A 78 -12.83 -8.17 2.15
CA THR A 78 -12.15 -8.19 0.86
C THR A 78 -12.24 -6.85 0.16
N PRO A 79 -11.16 -6.06 0.25
CA PRO A 79 -11.09 -4.73 -0.38
C PRO A 79 -11.04 -4.81 -1.90
N VAL A 80 -12.21 -4.97 -2.52
CA VAL A 80 -12.31 -5.06 -3.97
C VAL A 80 -11.99 -3.72 -4.61
N LEU A 81 -11.12 -3.75 -5.62
CA LEU A 81 -10.74 -2.54 -6.34
C LEU A 81 -10.97 -2.68 -7.83
N ARG A 82 -11.71 -1.74 -8.40
CA ARG A 82 -12.01 -1.76 -9.83
C ARG A 82 -12.73 -3.06 -10.22
N GLY A 83 -13.53 -3.58 -9.30
CA GLY A 83 -14.27 -4.80 -9.56
C GLY A 83 -13.37 -6.02 -9.53
N GLN A 84 -12.42 -6.03 -8.61
CA GLN A 84 -11.50 -7.16 -8.47
C GLN A 84 -10.90 -7.22 -7.07
N PRO A 85 -10.97 -8.40 -6.45
CA PRO A 85 -10.45 -8.63 -5.10
C PRO A 85 -8.93 -8.58 -5.05
N ILE A 86 -8.38 -8.35 -3.86
CA ILE A 86 -6.94 -8.29 -3.68
C ILE A 86 -6.52 -8.93 -2.36
N TYR A 87 -5.22 -8.94 -2.10
CA TYR A 87 -4.68 -9.52 -0.88
C TYR A 87 -4.10 -8.44 0.02
N ILE A 88 -4.28 -8.62 1.34
CA ILE A 88 -3.76 -7.67 2.31
C ILE A 88 -2.86 -8.35 3.33
N GLN A 89 -1.63 -7.84 3.45
CA GLN A 89 -0.67 -8.40 4.40
C GLN A 89 0.48 -7.44 4.64
N PHE A 90 0.89 -7.32 5.90
CA PHE A 90 1.98 -6.43 6.26
C PHE A 90 3.21 -6.68 5.40
N SER A 91 3.91 -5.61 5.04
CA SER A 91 5.10 -5.71 4.21
C SER A 91 6.35 -5.94 5.06
N ASN A 92 7.46 -6.25 4.41
CA ASN A 92 8.71 -6.50 5.10
C ASN A 92 9.57 -5.23 5.15
N HIS A 93 8.91 -4.09 5.30
CA HIS A 93 9.60 -2.81 5.36
C HIS A 93 8.88 -1.84 6.29
N LYS A 94 9.52 -0.71 6.57
CA LYS A 94 8.94 0.30 7.45
C LYS A 94 8.96 1.68 6.79
N GLU A 95 10.05 1.97 6.08
CA GLU A 95 10.20 3.24 5.39
C GLU A 95 10.34 3.05 3.89
N LEU A 96 9.20 2.97 3.20
CA LEU A 96 9.19 2.78 1.75
C LEU A 96 10.09 3.81 1.07
N LYS A 97 10.98 3.33 0.22
CA LYS A 97 11.90 4.20 -0.51
C LYS A 97 12.04 3.77 -1.97
N THR A 98 11.60 4.62 -2.89
CA THR A 98 11.67 4.33 -4.31
C THR A 98 13.00 4.78 -4.90
N ASP A 99 13.36 4.21 -6.03
CA ASP A 99 14.60 4.56 -6.71
C ASP A 99 14.33 5.11 -8.11
N SER A 100 15.28 5.88 -8.63
CA SER A 100 15.14 6.48 -9.95
C SER A 100 14.80 5.41 -11.00
N SER A 101 13.66 5.58 -11.65
CA SER A 101 13.22 4.63 -12.66
C SER A 101 11.95 5.11 -13.35
N PRO A 102 11.67 4.57 -14.54
CA PRO A 102 10.49 4.94 -15.32
C PRO A 102 9.20 4.44 -14.68
N ASN A 103 9.27 3.28 -14.03
CA ASN A 103 8.11 2.69 -13.38
C ASN A 103 8.17 2.91 -11.87
N GLN A 104 8.63 4.09 -11.46
CA GLN A 104 8.74 4.43 -10.05
C GLN A 104 8.20 5.83 -9.79
N ALA A 105 8.51 6.76 -10.68
CA ALA A 105 8.05 8.13 -10.55
C ALA A 105 6.54 8.20 -10.34
N ARG A 106 5.82 7.29 -11.01
CA ARG A 106 4.37 7.25 -10.91
C ARG A 106 3.93 7.16 -9.45
N ALA A 107 4.65 6.37 -8.66
CA ALA A 107 4.34 6.21 -7.24
C ALA A 107 4.33 7.55 -6.53
N GLN A 108 5.25 8.43 -6.92
CA GLN A 108 5.35 9.76 -6.30
C GLN A 108 4.55 10.79 -7.10
N ALA A 109 3.38 10.38 -7.58
CA ALA A 109 2.52 11.27 -8.36
C ALA A 109 1.34 11.75 -7.54
N ALA A 110 0.44 10.84 -7.20
CA ALA A 110 -0.73 11.17 -6.42
C ALA A 110 -0.35 11.82 -5.09
N LEU A 111 0.69 11.29 -4.46
CA LEU A 111 1.16 11.82 -3.18
C LEU A 111 1.42 13.33 -3.28
N GLN A 112 1.91 13.76 -4.44
CA GLN A 112 2.20 15.17 -4.66
C GLN A 112 0.94 16.01 -4.50
N ALA A 113 -0.18 15.51 -5.01
CA ALA A 113 -1.46 16.21 -4.93
C ALA A 113 -1.97 16.25 -3.50
N VAL A 114 -1.93 15.10 -2.83
CA VAL A 114 -2.39 15.00 -1.45
C VAL A 114 -1.29 15.40 -0.47
N ASN A 115 -0.96 16.68 -0.45
CA ASN A 115 0.08 17.20 0.43
C ASN A 115 -0.12 18.69 0.68
N SER A 116 0.88 19.31 1.32
CA SER A 116 0.83 20.74 1.62
C SER A 116 1.40 21.55 0.47
N VAL A 117 0.92 21.28 -0.74
CA VAL A 117 1.39 22.00 -1.92
C VAL A 117 2.87 21.75 -2.16
N GLN A 118 3.17 20.83 -3.07
CA GLN A 118 4.55 20.50 -3.40
C GLN A 118 4.80 20.66 -4.90
N SER A 119 4.29 21.73 -5.47
CA SER A 119 4.46 21.99 -6.89
C SER A 119 4.97 23.42 -7.13
N GLY A 120 5.04 23.81 -8.40
CA GLY A 120 5.50 25.15 -8.74
C GLY A 120 7.01 25.24 -8.80
N ASN A 121 7.52 25.92 -9.82
CA ASN A 121 8.95 26.08 -9.99
C ASN A 121 9.27 26.92 -11.22
N LEU A 122 8.45 26.77 -12.25
CA LEU A 122 8.63 27.51 -13.50
C LEU A 122 7.29 27.93 -14.09
N ALA A 123 6.67 28.94 -13.46
CA ALA A 123 5.39 29.44 -13.92
C ALA A 123 4.93 30.62 -13.08
N GLY A 1 4.40 -22.36 -8.06
CA GLY A 1 5.28 -21.93 -6.98
C GLY A 1 5.19 -20.45 -6.71
N ASN A 2 6.12 -19.69 -7.28
CA ASN A 2 6.14 -18.25 -7.10
C ASN A 2 6.16 -17.88 -5.62
N ASP A 3 7.04 -18.54 -4.87
CA ASP A 3 7.17 -18.28 -3.44
C ASP A 3 8.41 -17.45 -3.14
N SER A 4 8.32 -16.61 -2.12
CA SER A 4 9.43 -15.75 -1.73
C SER A 4 9.10 -14.98 -0.45
N LYS A 5 10.04 -14.14 -0.01
CA LYS A 5 9.85 -13.34 1.19
C LYS A 5 9.71 -14.24 2.42
N LYS A 6 9.85 -13.64 3.60
CA LYS A 6 9.73 -14.38 4.84
C LYS A 6 8.91 -13.61 5.86
N PHE A 7 8.05 -14.32 6.60
CA PHE A 7 7.20 -13.69 7.61
C PHE A 7 6.42 -12.54 7.01
N LYS A 8 5.47 -12.86 6.14
CA LYS A 8 4.64 -11.84 5.50
C LYS A 8 3.26 -11.80 6.12
N GLY A 9 2.74 -12.97 6.50
CA GLY A 9 1.43 -13.04 7.12
C GLY A 9 0.33 -12.72 6.13
N ASP A 10 0.23 -13.51 5.07
CA ASP A 10 -0.80 -13.31 4.06
C ASP A 10 -1.96 -14.28 4.25
N SER A 11 -1.64 -15.57 4.29
CA SER A 11 -2.65 -16.60 4.47
C SER A 11 -2.87 -16.91 5.94
N ARG A 12 -1.78 -17.15 6.66
CA ARG A 12 -1.85 -17.45 8.09
C ARG A 12 -0.97 -16.49 8.89
N SER A 13 -1.42 -16.16 10.10
CA SER A 13 -0.68 -15.25 10.97
C SER A 13 -0.50 -13.89 10.30
N ALA A 14 -1.59 -13.13 10.22
CA ALA A 14 -1.56 -11.81 9.61
C ALA A 14 -1.43 -10.72 10.67
N GLY A 15 -0.22 -10.52 11.16
CA GLY A 15 0.01 -9.50 12.18
C GLY A 15 1.49 -9.21 12.39
N VAL A 16 1.91 -8.01 12.02
CA VAL A 16 3.31 -7.62 12.17
C VAL A 16 3.42 -6.15 12.61
N PRO A 17 4.26 -5.90 13.62
CA PRO A 17 4.48 -4.56 14.15
C PRO A 17 5.23 -3.66 13.17
N SER A 18 4.52 -3.20 12.14
CA SER A 18 5.12 -2.33 11.13
C SER A 18 4.13 -1.27 10.66
N ARG A 19 4.52 -0.52 9.63
CA ARG A 19 3.66 0.52 9.08
C ARG A 19 3.44 0.32 7.59
N VAL A 20 4.46 -0.21 6.91
CA VAL A 20 4.38 -0.46 5.48
C VAL A 20 3.57 -1.71 5.18
N ILE A 21 2.49 -1.55 4.41
CA ILE A 21 1.64 -2.67 4.06
C ILE A 21 1.91 -3.14 2.63
N HIS A 22 1.72 -4.43 2.39
CA HIS A 22 1.93 -5.00 1.06
C HIS A 22 0.64 -5.56 0.49
N ILE A 23 0.26 -5.06 -0.69
CA ILE A 23 -0.96 -5.50 -1.34
C ILE A 23 -0.65 -6.20 -2.67
N ARG A 24 -1.27 -7.35 -2.88
CA ARG A 24 -1.06 -8.12 -4.10
C ARG A 24 -2.37 -8.35 -4.83
N LYS A 25 -2.31 -9.04 -5.96
CA LYS A 25 -3.50 -9.33 -6.76
C LYS A 25 -4.24 -8.05 -7.12
N LEU A 26 -3.49 -6.99 -7.38
CA LEU A 26 -4.08 -5.71 -7.74
C LEU A 26 -4.67 -5.75 -9.14
N PRO A 27 -5.67 -4.90 -9.40
CA PRO A 27 -6.34 -4.82 -10.70
C PRO A 27 -5.44 -4.23 -11.78
N ILE A 28 -5.84 -4.40 -13.03
CA ILE A 28 -5.07 -3.89 -14.16
C ILE A 28 -5.13 -2.36 -14.21
N ASP A 29 -6.26 -1.80 -13.78
CA ASP A 29 -6.44 -0.35 -13.78
C ASP A 29 -6.18 0.22 -12.39
N VAL A 30 -5.29 -0.43 -11.64
CA VAL A 30 -4.96 0.01 -10.30
C VAL A 30 -4.15 1.32 -10.34
N THR A 31 -4.38 2.16 -9.34
CA THR A 31 -3.68 3.44 -9.26
C THR A 31 -3.41 3.83 -7.80
N GLU A 32 -2.67 4.91 -7.62
CA GLU A 32 -2.35 5.39 -6.27
C GLU A 32 -3.61 5.81 -5.52
N GLY A 33 -4.48 6.54 -6.21
CA GLY A 33 -5.72 6.99 -5.58
C GLY A 33 -6.48 5.85 -4.92
N GLU A 34 -6.33 4.65 -5.46
CA GLU A 34 -7.02 3.48 -4.91
C GLU A 34 -6.19 2.84 -3.80
N VAL A 35 -4.96 2.45 -4.14
CA VAL A 35 -4.07 1.83 -3.17
C VAL A 35 -3.98 2.65 -1.89
N ILE A 36 -3.70 3.94 -2.05
CA ILE A 36 -3.58 4.85 -0.91
C ILE A 36 -4.87 4.86 -0.09
N SER A 37 -6.01 4.83 -0.79
CA SER A 37 -7.30 4.85 -0.12
C SER A 37 -7.45 3.65 0.83
N LEU A 38 -6.76 2.56 0.50
CA LEU A 38 -6.81 1.36 1.32
C LEU A 38 -6.42 1.66 2.76
N GLY A 39 -5.60 2.70 2.95
CA GLY A 39 -5.18 3.08 4.28
C GLY A 39 -5.46 4.54 4.58
N LEU A 40 -6.39 5.12 3.85
CA LEU A 40 -6.75 6.52 4.04
C LEU A 40 -7.61 6.70 5.31
N PRO A 41 -8.75 6.00 5.34
CA PRO A 41 -9.67 6.07 6.48
C PRO A 41 -9.11 5.37 7.72
N PHE A 42 -8.14 4.49 7.51
CA PHE A 42 -7.52 3.75 8.60
C PHE A 42 -6.40 4.59 9.24
N GLY A 43 -5.72 5.37 8.43
CA GLY A 43 -4.64 6.21 8.94
C GLY A 43 -4.28 7.32 7.99
N LYS A 44 -2.99 7.41 7.64
CA LYS A 44 -2.52 8.45 6.74
C LYS A 44 -1.33 7.95 5.92
N VAL A 45 -1.59 7.47 4.71
CA VAL A 45 -0.55 6.95 3.84
C VAL A 45 0.54 8.02 3.62
N THR A 46 1.80 7.58 3.69
CA THR A 46 2.92 8.49 3.50
C THR A 46 3.71 8.12 2.25
N ASN A 47 3.78 6.82 1.96
CA ASN A 47 4.50 6.34 0.78
C ASN A 47 3.64 5.39 -0.04
N LEU A 48 4.20 4.89 -1.14
CA LEU A 48 3.48 3.96 -2.01
C LEU A 48 4.40 3.40 -3.09
N LEU A 49 4.67 2.10 -3.01
CA LEU A 49 5.54 1.44 -3.98
C LEU A 49 4.72 0.72 -5.04
N MET A 50 4.19 1.49 -5.99
CA MET A 50 3.38 0.92 -7.06
C MET A 50 4.19 -0.06 -7.89
N LEU A 51 3.70 -1.29 -7.99
CA LEU A 51 4.39 -2.34 -8.74
C LEU A 51 3.47 -2.93 -9.82
N LYS A 52 2.97 -2.05 -10.68
CA LYS A 52 2.08 -2.48 -11.76
C LYS A 52 2.69 -3.64 -12.54
N GLY A 53 4.02 -3.67 -12.61
CA GLY A 53 4.70 -4.73 -13.31
C GLY A 53 4.22 -6.12 -12.90
N LYS A 54 3.85 -6.25 -11.63
CA LYS A 54 3.37 -7.53 -11.11
C LYS A 54 2.07 -7.35 -10.33
N ASN A 55 1.31 -6.32 -10.71
CA ASN A 55 0.03 -6.04 -10.05
C ASN A 55 0.19 -6.06 -8.54
N GLN A 56 0.96 -5.11 -8.02
CA GLN A 56 1.19 -5.02 -6.58
C GLN A 56 1.41 -3.57 -6.16
N ALA A 57 1.40 -3.34 -4.85
CA ALA A 57 1.61 -1.99 -4.32
C ALA A 57 1.86 -2.04 -2.81
N PHE A 58 2.35 -0.92 -2.27
CA PHE A 58 2.63 -0.83 -0.84
C PHE A 58 2.05 0.45 -0.25
N ILE A 59 1.95 0.50 1.06
CA ILE A 59 1.42 1.66 1.76
C ILE A 59 2.13 1.90 3.09
N GLU A 60 2.92 2.95 3.15
CA GLU A 60 3.66 3.29 4.37
C GLU A 60 2.83 4.21 5.27
N MET A 61 2.11 3.61 6.21
CA MET A 61 1.28 4.37 7.14
C MET A 61 2.14 5.26 8.03
N ASN A 62 1.50 6.22 8.70
CA ASN A 62 2.21 7.14 9.59
C ASN A 62 2.55 6.45 10.91
N THR A 63 1.68 5.56 11.37
CA THR A 63 1.89 4.84 12.61
C THR A 63 1.56 3.36 12.45
N GLU A 64 2.13 2.54 13.32
CA GLU A 64 1.90 1.10 13.28
C GLU A 64 0.41 0.78 13.45
N GLU A 65 -0.25 1.54 14.32
CA GLU A 65 -1.68 1.34 14.58
C GLU A 65 -2.46 1.33 13.28
N ALA A 66 -2.33 2.40 12.50
CA ALA A 66 -3.03 2.52 11.23
C ALA A 66 -2.83 1.28 10.37
N ALA A 67 -1.57 0.87 10.21
CA ALA A 67 -1.25 -0.30 9.42
C ALA A 67 -1.82 -1.57 10.05
N ASN A 68 -1.96 -1.55 11.36
CA ASN A 68 -2.50 -2.70 12.10
C ASN A 68 -4.01 -2.61 12.22
N THR A 69 -4.62 -1.71 11.44
CA THR A 69 -6.06 -1.53 11.46
C THR A 69 -6.68 -1.96 10.14
N MET A 70 -5.94 -1.78 9.05
CA MET A 70 -6.42 -2.14 7.72
C MET A 70 -6.08 -3.60 7.40
N VAL A 71 -4.89 -4.02 7.81
CA VAL A 71 -4.43 -5.39 7.58
C VAL A 71 -5.15 -6.37 8.50
N ASN A 72 -5.57 -5.88 9.66
CA ASN A 72 -6.26 -6.72 10.63
C ASN A 72 -7.75 -6.75 10.35
N TYR A 73 -8.25 -5.73 9.66
CA TYR A 73 -9.66 -5.65 9.32
C TYR A 73 -9.95 -6.31 7.98
N TYR A 74 -9.19 -5.93 6.97
CA TYR A 74 -9.36 -6.49 5.63
C TYR A 74 -9.16 -8.01 5.65
N THR A 75 -8.32 -8.47 6.56
CA THR A 75 -8.04 -9.89 6.69
C THR A 75 -9.33 -10.71 6.73
N SER A 76 -10.39 -10.10 7.25
CA SER A 76 -11.68 -10.77 7.35
C SER A 76 -12.57 -10.43 6.16
N VAL A 77 -12.39 -9.24 5.62
CA VAL A 77 -13.17 -8.79 4.47
C VAL A 77 -12.36 -8.90 3.18
N THR A 78 -12.83 -8.24 2.13
CA THR A 78 -12.15 -8.27 0.84
C THR A 78 -12.27 -6.93 0.13
N PRO A 79 -11.20 -6.12 0.20
CA PRO A 79 -11.14 -4.80 -0.43
C PRO A 79 -11.10 -4.89 -1.95
N VAL A 80 -12.27 -4.92 -2.57
CA VAL A 80 -12.37 -5.00 -4.02
C VAL A 80 -12.00 -3.67 -4.67
N LEU A 81 -11.12 -3.73 -5.66
CA LEU A 81 -10.69 -2.53 -6.37
C LEU A 81 -10.81 -2.71 -7.88
N ARG A 82 -11.50 -1.76 -8.52
CA ARG A 82 -11.70 -1.82 -9.96
C ARG A 82 -12.48 -3.06 -10.37
N GLY A 83 -13.35 -3.52 -9.47
CA GLY A 83 -14.15 -4.70 -9.75
C GLY A 83 -13.34 -5.98 -9.65
N GLN A 84 -12.46 -6.05 -8.67
CA GLN A 84 -11.62 -7.23 -8.48
C GLN A 84 -10.98 -7.22 -7.10
N PRO A 85 -11.00 -8.39 -6.42
CA PRO A 85 -10.42 -8.54 -5.08
C PRO A 85 -8.90 -8.46 -5.09
N ILE A 86 -8.32 -8.12 -3.95
CA ILE A 86 -6.87 -8.02 -3.83
C ILE A 86 -6.37 -8.72 -2.58
N TYR A 87 -5.08 -8.57 -2.29
CA TYR A 87 -4.49 -9.19 -1.12
C TYR A 87 -4.01 -8.12 -0.12
N ILE A 88 -4.09 -8.46 1.17
CA ILE A 88 -3.67 -7.53 2.22
C ILE A 88 -2.77 -8.23 3.23
N GLN A 89 -1.61 -7.65 3.48
CA GLN A 89 -0.65 -8.22 4.43
C GLN A 89 0.42 -7.20 4.79
N PHE A 90 1.17 -7.50 5.85
CA PHE A 90 2.25 -6.61 6.29
C PHE A 90 3.53 -6.87 5.51
N SER A 91 4.18 -5.79 5.08
CA SER A 91 5.42 -5.89 4.31
C SER A 91 6.61 -6.14 5.24
N ASN A 92 6.54 -5.58 6.44
CA ASN A 92 7.61 -5.74 7.41
C ASN A 92 8.90 -5.09 6.92
N HIS A 93 8.76 -3.93 6.30
CA HIS A 93 9.92 -3.19 5.79
C HIS A 93 10.16 -1.92 6.59
N LYS A 94 9.09 -1.30 7.04
CA LYS A 94 9.19 -0.08 7.84
C LYS A 94 9.94 1.01 7.07
N GLU A 95 9.84 0.97 5.74
CA GLU A 95 10.51 1.95 4.89
C GLU A 95 10.24 1.66 3.42
N LEU A 96 10.11 2.73 2.64
CA LEU A 96 9.84 2.60 1.20
C LEU A 96 10.60 3.66 0.41
N LYS A 97 11.14 3.27 -0.74
CA LYS A 97 11.88 4.18 -1.60
C LYS A 97 11.85 3.72 -3.05
N THR A 98 11.39 4.59 -3.94
CA THR A 98 11.31 4.27 -5.36
C THR A 98 12.41 4.96 -6.14
N ASP A 99 13.46 5.39 -5.43
CA ASP A 99 14.58 6.06 -6.06
C ASP A 99 14.10 7.21 -6.94
N SER A 100 15.01 7.77 -7.73
CA SER A 100 14.69 8.87 -8.62
C SER A 100 14.70 8.42 -10.08
N SER A 101 13.58 8.60 -10.77
CA SER A 101 13.47 8.21 -12.17
C SER A 101 12.08 8.53 -12.71
N PRO A 102 11.97 8.59 -14.05
CA PRO A 102 10.70 8.89 -14.72
C PRO A 102 9.69 7.75 -14.59
N ASN A 103 8.42 8.08 -14.78
CA ASN A 103 7.35 7.08 -14.69
C ASN A 103 7.27 6.51 -13.28
N GLN A 104 7.23 7.41 -12.29
CA GLN A 104 7.15 6.98 -10.89
C GLN A 104 6.88 8.18 -9.98
N ALA A 105 7.49 9.32 -10.31
CA ALA A 105 7.31 10.54 -9.52
C ALA A 105 5.83 10.84 -9.31
N ARG A 106 5.02 10.53 -10.32
CA ARG A 106 3.58 10.77 -10.24
C ARG A 106 2.94 9.93 -9.15
N ALA A 107 3.46 8.71 -8.95
CA ALA A 107 2.94 7.82 -7.94
C ALA A 107 2.87 8.51 -6.58
N GLN A 108 4.03 8.71 -5.96
CA GLN A 108 4.10 9.36 -4.65
C GLN A 108 3.33 10.68 -4.66
N ALA A 109 3.35 11.36 -5.81
CA ALA A 109 2.66 12.63 -5.95
C ALA A 109 1.20 12.52 -5.49
N ALA A 110 0.53 11.46 -5.92
CA ALA A 110 -0.86 11.24 -5.55
C ALA A 110 -1.05 11.28 -4.03
N LEU A 111 -0.03 10.79 -3.31
CA LEU A 111 -0.08 10.77 -1.86
C LEU A 111 -0.44 12.15 -1.30
N GLN A 112 0.48 13.09 -1.46
CA GLN A 112 0.27 14.45 -0.98
C GLN A 112 -0.97 15.07 -1.60
N ALA A 113 -1.21 14.75 -2.87
CA ALA A 113 -2.37 15.26 -3.59
C ALA A 113 -3.65 15.00 -2.83
N VAL A 114 -3.71 13.85 -2.17
CA VAL A 114 -4.89 13.46 -1.40
C VAL A 114 -4.93 14.19 -0.06
N ASN A 115 -3.75 14.38 0.54
CA ASN A 115 -3.65 15.06 1.82
C ASN A 115 -3.25 16.52 1.63
N SER A 116 -4.23 17.41 1.65
CA SER A 116 -3.99 18.83 1.48
C SER A 116 -3.39 19.11 0.11
N VAL A 117 -3.44 20.38 -0.30
CA VAL A 117 -2.90 20.79 -1.60
C VAL A 117 -2.41 22.23 -1.56
N GLN A 118 -1.42 22.53 -2.40
CA GLN A 118 -0.86 23.88 -2.46
C GLN A 118 0.14 23.99 -3.60
N SER A 119 -0.32 24.49 -4.75
CA SER A 119 0.54 24.65 -5.91
C SER A 119 -0.05 25.65 -6.89
N GLY A 120 0.54 25.73 -8.09
CA GLY A 120 0.05 26.65 -9.10
C GLY A 120 1.13 27.07 -10.07
N ASN A 121 0.73 27.39 -11.30
CA ASN A 121 1.67 27.80 -12.33
C ASN A 121 0.94 28.35 -13.55
N LEU A 122 1.68 29.04 -14.42
CA LEU A 122 1.10 29.60 -15.63
C LEU A 122 0.01 30.61 -15.29
N ALA A 123 -0.47 31.32 -16.31
CA ALA A 123 -1.53 32.32 -16.11
C ALA A 123 -2.51 32.30 -17.28
N GLY A 1 9.30 -6.44 -4.78
CA GLY A 1 10.21 -7.35 -4.08
C GLY A 1 9.48 -8.34 -3.20
N ASN A 2 9.73 -9.62 -3.42
CA ASN A 2 9.10 -10.68 -2.65
C ASN A 2 10.08 -11.81 -2.35
N ASP A 3 10.48 -11.92 -1.09
CA ASP A 3 11.42 -12.96 -0.67
C ASP A 3 10.80 -13.85 0.40
N SER A 4 11.30 -15.07 0.50
CA SER A 4 10.80 -16.03 1.50
C SER A 4 11.67 -16.02 2.74
N LYS A 5 11.60 -14.95 3.51
CA LYS A 5 12.38 -14.82 4.73
C LYS A 5 11.87 -13.65 5.59
N LYS A 6 12.30 -13.61 6.84
CA LYS A 6 11.90 -12.56 7.76
C LYS A 6 10.39 -12.56 7.96
N PHE A 7 9.93 -13.35 8.94
CA PHE A 7 8.52 -13.44 9.24
C PHE A 7 7.74 -13.99 8.04
N LYS A 8 7.55 -15.30 8.03
CA LYS A 8 6.83 -15.96 6.94
C LYS A 8 5.32 -15.92 7.19
N GLY A 9 4.55 -16.37 6.21
CA GLY A 9 3.10 -16.37 6.33
C GLY A 9 2.40 -16.55 5.01
N ASP A 10 2.22 -17.80 4.60
CA ASP A 10 1.55 -18.10 3.33
C ASP A 10 0.04 -17.98 3.47
N SER A 11 -0.45 -16.75 3.52
CA SER A 11 -1.88 -16.50 3.66
C SER A 11 -2.44 -17.21 4.89
N ARG A 12 -1.72 -17.10 6.01
CA ARG A 12 -2.14 -17.73 7.26
C ARG A 12 -2.26 -16.69 8.37
N SER A 13 -1.14 -16.08 8.72
CA SER A 13 -1.12 -15.07 9.77
C SER A 13 -1.29 -13.67 9.20
N ALA A 14 -1.66 -12.72 10.05
CA ALA A 14 -1.85 -11.34 9.63
C ALA A 14 -1.60 -10.37 10.78
N GLY A 15 -0.36 -10.33 11.25
CA GLY A 15 -0.01 -9.44 12.34
C GLY A 15 1.48 -9.20 12.44
N VAL A 16 1.91 -7.98 12.18
CA VAL A 16 3.32 -7.62 12.25
C VAL A 16 3.50 -6.17 12.71
N PRO A 17 4.42 -5.98 13.67
CA PRO A 17 4.72 -4.65 14.21
C PRO A 17 5.43 -3.75 13.20
N SER A 18 4.66 -3.21 12.26
CA SER A 18 5.22 -2.34 11.23
C SER A 18 4.18 -1.31 10.77
N ARG A 19 4.51 -0.60 9.70
CA ARG A 19 3.60 0.41 9.16
C ARG A 19 3.37 0.19 7.67
N VAL A 20 4.42 -0.26 6.97
CA VAL A 20 4.33 -0.51 5.54
C VAL A 20 3.54 -1.79 5.25
N ILE A 21 2.60 -1.71 4.32
CA ILE A 21 1.79 -2.86 3.95
C ILE A 21 2.12 -3.34 2.54
N HIS A 22 1.81 -4.60 2.27
CA HIS A 22 2.07 -5.18 0.96
C HIS A 22 0.79 -5.75 0.34
N ILE A 23 0.33 -5.14 -0.74
CA ILE A 23 -0.87 -5.58 -1.42
C ILE A 23 -0.54 -6.35 -2.70
N ARG A 24 -1.29 -7.41 -2.97
CA ARG A 24 -1.08 -8.22 -4.16
C ARG A 24 -2.38 -8.42 -4.92
N LYS A 25 -2.29 -9.07 -6.08
CA LYS A 25 -3.46 -9.33 -6.90
C LYS A 25 -4.20 -8.04 -7.22
N LEU A 26 -3.45 -6.98 -7.48
CA LEU A 26 -4.03 -5.69 -7.79
C LEU A 26 -4.62 -5.68 -9.20
N PRO A 27 -5.69 -4.89 -9.40
CA PRO A 27 -6.36 -4.77 -10.70
C PRO A 27 -5.50 -4.04 -11.73
N ILE A 28 -5.90 -4.14 -12.99
CA ILE A 28 -5.17 -3.49 -14.08
C ILE A 28 -5.38 -1.99 -14.05
N ASP A 29 -6.56 -1.57 -13.59
CA ASP A 29 -6.88 -0.15 -13.51
C ASP A 29 -6.40 0.45 -12.19
N VAL A 30 -5.81 -0.39 -11.35
CA VAL A 30 -5.30 0.05 -10.05
C VAL A 30 -4.53 1.36 -10.19
N THR A 31 -4.68 2.23 -9.20
CA THR A 31 -4.00 3.52 -9.21
C THR A 31 -3.71 3.99 -7.79
N GLU A 32 -2.88 5.03 -7.66
CA GLU A 32 -2.52 5.58 -6.37
C GLU A 32 -3.77 5.89 -5.54
N GLY A 33 -4.73 6.56 -6.16
CA GLY A 33 -5.95 6.91 -5.47
C GLY A 33 -6.61 5.70 -4.81
N GLU A 34 -6.45 4.54 -5.42
CA GLU A 34 -7.03 3.31 -4.89
C GLU A 34 -6.13 2.71 -3.81
N VAL A 35 -4.90 2.38 -4.19
CA VAL A 35 -3.94 1.81 -3.25
C VAL A 35 -3.85 2.64 -1.97
N ILE A 36 -3.62 3.93 -2.13
CA ILE A 36 -3.51 4.84 -0.99
C ILE A 36 -4.81 4.87 -0.19
N SER A 37 -5.94 4.81 -0.90
CA SER A 37 -7.24 4.83 -0.24
C SER A 37 -7.40 3.64 0.71
N LEU A 38 -6.71 2.55 0.39
CA LEU A 38 -6.77 1.35 1.20
C LEU A 38 -6.40 1.66 2.65
N GLY A 39 -5.58 2.69 2.85
CA GLY A 39 -5.17 3.07 4.18
C GLY A 39 -5.46 4.52 4.48
N LEU A 40 -6.38 5.11 3.74
CA LEU A 40 -6.75 6.51 3.93
C LEU A 40 -7.60 6.68 5.19
N PRO A 41 -8.75 5.99 5.22
CA PRO A 41 -9.68 6.04 6.35
C PRO A 41 -9.12 5.34 7.59
N PHE A 42 -8.14 4.48 7.38
CA PHE A 42 -7.52 3.75 8.49
C PHE A 42 -6.41 4.58 9.14
N GLY A 43 -5.74 5.38 8.32
CA GLY A 43 -4.67 6.22 8.84
C GLY A 43 -4.29 7.34 7.88
N LYS A 44 -3.00 7.42 7.56
CA LYS A 44 -2.52 8.46 6.65
C LYS A 44 -1.33 7.95 5.83
N VAL A 45 -1.61 7.43 4.64
CA VAL A 45 -0.57 6.91 3.77
C VAL A 45 0.50 7.96 3.51
N THR A 46 1.76 7.57 3.67
CA THR A 46 2.89 8.47 3.46
C THR A 46 3.66 8.11 2.21
N ASN A 47 3.75 6.81 1.93
CA ASN A 47 4.46 6.32 0.76
C ASN A 47 3.59 5.38 -0.06
N LEU A 48 4.13 4.89 -1.17
CA LEU A 48 3.40 3.98 -2.04
C LEU A 48 4.33 3.35 -3.08
N LEU A 49 4.67 2.08 -2.88
CA LEU A 49 5.54 1.36 -3.80
C LEU A 49 4.74 0.63 -4.86
N MET A 50 4.20 1.39 -5.82
CA MET A 50 3.42 0.81 -6.90
C MET A 50 4.23 -0.20 -7.69
N LEU A 51 3.72 -1.42 -7.81
CA LEU A 51 4.41 -2.48 -8.55
C LEU A 51 3.53 -3.03 -9.66
N LYS A 52 3.06 -2.14 -10.54
CA LYS A 52 2.21 -2.55 -11.65
C LYS A 52 2.82 -3.71 -12.42
N GLY A 53 4.15 -3.77 -12.44
CA GLY A 53 4.84 -4.84 -13.13
C GLY A 53 4.32 -6.21 -12.75
N LYS A 54 3.90 -6.35 -11.49
CA LYS A 54 3.37 -7.62 -11.00
C LYS A 54 2.06 -7.41 -10.25
N ASN A 55 1.33 -6.37 -10.64
CA ASN A 55 0.04 -6.07 -10.01
C ASN A 55 0.18 -6.08 -8.49
N GLN A 56 0.98 -5.16 -7.97
CA GLN A 56 1.19 -5.05 -6.52
C GLN A 56 1.39 -3.60 -6.11
N ALA A 57 1.47 -3.38 -4.80
CA ALA A 57 1.66 -2.04 -4.26
C ALA A 57 1.87 -2.06 -2.75
N PHE A 58 2.43 -0.99 -2.21
CA PHE A 58 2.69 -0.89 -0.79
C PHE A 58 2.09 0.39 -0.21
N ILE A 59 1.97 0.44 1.11
CA ILE A 59 1.41 1.61 1.79
C ILE A 59 2.11 1.84 3.13
N GLU A 60 2.94 2.88 3.17
CA GLU A 60 3.67 3.23 4.39
C GLU A 60 2.84 4.17 5.27
N MET A 61 2.11 3.59 6.23
CA MET A 61 1.28 4.38 7.13
C MET A 61 2.15 5.25 8.03
N ASN A 62 1.54 6.28 8.62
CA ASN A 62 2.25 7.20 9.50
C ASN A 62 2.57 6.52 10.84
N THR A 63 1.66 5.66 11.28
CA THR A 63 1.85 4.95 12.54
C THR A 63 1.55 3.46 12.39
N GLU A 64 2.01 2.67 13.35
CA GLU A 64 1.80 1.23 13.32
C GLU A 64 0.32 0.90 13.47
N GLU A 65 -0.36 1.63 14.36
CA GLU A 65 -1.78 1.41 14.59
C GLU A 65 -2.56 1.40 13.29
N ALA A 66 -2.41 2.48 12.52
CA ALA A 66 -3.10 2.61 11.24
C ALA A 66 -2.90 1.36 10.38
N ALA A 67 -1.64 0.96 10.21
CA ALA A 67 -1.31 -0.21 9.42
C ALA A 67 -1.88 -1.48 10.05
N ASN A 68 -2.01 -1.46 11.37
CA ASN A 68 -2.54 -2.61 12.11
C ASN A 68 -4.06 -2.55 12.19
N THR A 69 -4.66 -1.66 11.41
CA THR A 69 -6.11 -1.50 11.40
C THR A 69 -6.70 -1.92 10.06
N MET A 70 -5.92 -1.76 9.00
CA MET A 70 -6.37 -2.12 7.66
C MET A 70 -6.02 -3.57 7.34
N VAL A 71 -4.84 -4.01 7.79
CA VAL A 71 -4.39 -5.37 7.55
C VAL A 71 -5.10 -6.35 8.49
N ASN A 72 -5.52 -5.85 9.65
CA ASN A 72 -6.20 -6.69 10.63
C ASN A 72 -7.70 -6.73 10.34
N TYR A 73 -8.20 -5.72 9.63
CA TYR A 73 -9.61 -5.65 9.29
C TYR A 73 -9.89 -6.34 7.96
N TYR A 74 -9.15 -5.95 6.94
CA TYR A 74 -9.31 -6.53 5.60
C TYR A 74 -9.09 -8.03 5.64
N THR A 75 -8.26 -8.49 6.58
CA THR A 75 -7.96 -9.91 6.71
C THR A 75 -9.24 -10.74 6.74
N SER A 76 -10.32 -10.13 7.25
CA SER A 76 -11.61 -10.82 7.35
C SER A 76 -12.49 -10.48 6.14
N VAL A 77 -12.32 -9.27 5.62
CA VAL A 77 -13.10 -8.82 4.47
C VAL A 77 -12.30 -8.93 3.18
N THR A 78 -12.77 -8.25 2.14
CA THR A 78 -12.09 -8.27 0.85
C THR A 78 -12.21 -6.92 0.15
N PRO A 79 -11.13 -6.12 0.20
CA PRO A 79 -11.09 -4.80 -0.42
C PRO A 79 -11.07 -4.88 -1.94
N VAL A 80 -12.26 -4.85 -2.55
CA VAL A 80 -12.38 -4.92 -4.00
C VAL A 80 -11.97 -3.60 -4.65
N LEU A 81 -11.08 -3.68 -5.62
CA LEU A 81 -10.60 -2.50 -6.32
C LEU A 81 -10.76 -2.66 -7.83
N ARG A 82 -11.37 -1.67 -8.47
CA ARG A 82 -11.58 -1.69 -9.91
C ARG A 82 -12.40 -2.92 -10.31
N GLY A 83 -13.26 -3.37 -9.41
CA GLY A 83 -14.09 -4.53 -9.70
C GLY A 83 -13.31 -5.82 -9.63
N GLN A 84 -12.38 -5.90 -8.68
CA GLN A 84 -11.57 -7.10 -8.51
C GLN A 84 -10.93 -7.13 -7.12
N PRO A 85 -10.97 -8.30 -6.47
CA PRO A 85 -10.40 -8.48 -5.12
C PRO A 85 -8.87 -8.43 -5.13
N ILE A 86 -8.29 -8.07 -4.00
CA ILE A 86 -6.84 -7.99 -3.87
C ILE A 86 -6.35 -8.70 -2.62
N TYR A 87 -5.07 -8.55 -2.32
CA TYR A 87 -4.47 -9.19 -1.15
C TYR A 87 -3.98 -8.15 -0.15
N ILE A 88 -4.06 -8.49 1.13
CA ILE A 88 -3.63 -7.58 2.19
C ILE A 88 -2.74 -8.30 3.18
N GLN A 89 -1.56 -7.74 3.43
CA GLN A 89 -0.61 -8.33 4.37
C GLN A 89 0.57 -7.39 4.63
N PHE A 90 0.96 -7.28 5.89
CA PHE A 90 2.07 -6.41 6.26
C PHE A 90 3.30 -6.68 5.41
N SER A 91 4.04 -5.63 5.09
CA SER A 91 5.25 -5.76 4.27
C SER A 91 6.46 -6.07 5.13
N ASN A 92 7.50 -6.62 4.51
CA ASN A 92 8.72 -6.96 5.22
C ASN A 92 9.49 -5.72 5.64
N HIS A 93 9.44 -4.69 4.80
CA HIS A 93 10.12 -3.44 5.09
C HIS A 93 9.31 -2.58 6.05
N LYS A 94 9.96 -1.60 6.66
CA LYS A 94 9.29 -0.71 7.60
C LYS A 94 9.42 0.74 7.17
N GLU A 95 10.56 1.09 6.58
CA GLU A 95 10.81 2.44 6.12
C GLU A 95 10.99 2.47 4.59
N LEU A 96 9.88 2.49 3.88
CA LEU A 96 9.92 2.51 2.42
C LEU A 96 10.80 3.65 1.92
N LYS A 97 11.77 3.31 1.08
CA LYS A 97 12.68 4.31 0.52
C LYS A 97 12.51 4.43 -0.99
N THR A 98 11.44 5.10 -1.40
CA THR A 98 11.15 5.29 -2.82
C THR A 98 11.66 6.64 -3.31
N ASP A 99 12.45 6.62 -4.38
CA ASP A 99 12.99 7.85 -4.94
C ASP A 99 13.85 7.54 -6.18
N SER A 100 13.40 6.58 -6.97
CA SER A 100 14.13 6.19 -8.17
C SER A 100 13.35 5.14 -8.97
N SER A 101 12.29 5.58 -9.64
CA SER A 101 11.46 4.68 -10.43
C SER A 101 10.42 5.47 -11.23
N PRO A 102 9.88 4.83 -12.28
CA PRO A 102 8.87 5.45 -13.15
C PRO A 102 7.53 5.64 -12.45
N ASN A 103 7.07 4.58 -11.79
CA ASN A 103 5.80 4.63 -11.07
C ASN A 103 5.88 5.58 -9.88
N GLN A 104 7.02 5.59 -9.21
CA GLN A 104 7.23 6.45 -8.05
C GLN A 104 7.10 7.92 -8.43
N ALA A 105 7.56 8.25 -9.64
CA ALA A 105 7.50 9.62 -10.13
C ALA A 105 6.05 10.09 -10.27
N ARG A 106 5.28 9.36 -11.05
CA ARG A 106 3.87 9.69 -11.26
C ARG A 106 3.08 9.58 -9.96
N ALA A 107 3.40 8.56 -9.16
CA ALA A 107 2.72 8.33 -7.90
C ALA A 107 2.73 9.60 -7.04
N GLN A 108 3.81 10.36 -7.12
CA GLN A 108 3.93 11.60 -6.35
C GLN A 108 2.77 12.53 -6.63
N ALA A 109 2.30 12.53 -7.88
CA ALA A 109 1.18 13.38 -8.27
C ALA A 109 -0.01 13.19 -7.33
N ALA A 110 -0.47 11.95 -7.22
CA ALA A 110 -1.60 11.64 -6.35
C ALA A 110 -1.25 11.86 -4.89
N LEU A 111 -0.01 11.54 -4.52
CA LEU A 111 0.45 11.70 -3.15
C LEU A 111 0.38 13.16 -2.72
N GLN A 112 1.21 14.00 -3.33
CA GLN A 112 1.24 15.42 -3.01
C GLN A 112 -0.16 16.03 -3.09
N ALA A 113 -0.95 15.55 -4.04
CA ALA A 113 -2.31 16.04 -4.23
C ALA A 113 -3.09 15.99 -2.92
N VAL A 114 -2.84 14.96 -2.11
CA VAL A 114 -3.51 14.81 -0.83
C VAL A 114 -2.55 15.02 0.33
N ASN A 115 -2.11 16.27 0.50
CA ASN A 115 -1.19 16.61 1.58
C ASN A 115 -1.30 18.09 1.94
N SER A 116 -0.42 18.54 2.84
CA SER A 116 -0.41 19.93 3.27
C SER A 116 1.00 20.48 3.31
N VAL A 117 1.72 20.35 2.20
CA VAL A 117 3.09 20.83 2.11
C VAL A 117 3.36 21.49 0.76
N GLN A 118 3.78 22.76 0.80
CA GLN A 118 4.06 23.51 -0.41
C GLN A 118 2.81 23.61 -1.29
N SER A 119 2.04 24.67 -1.08
CA SER A 119 0.82 24.89 -1.86
C SER A 119 1.15 25.24 -3.30
N GLY A 120 2.16 26.07 -3.48
CA GLY A 120 2.56 26.48 -4.81
C GLY A 120 3.17 27.87 -4.84
N ASN A 121 4.20 28.06 -5.67
CA ASN A 121 4.86 29.34 -5.78
C ASN A 121 5.03 29.74 -7.25
N LEU A 122 4.48 30.90 -7.61
CA LEU A 122 4.57 31.38 -8.98
C LEU A 122 4.07 32.82 -9.08
N ALA A 123 4.77 33.63 -9.88
CA ALA A 123 4.39 35.03 -10.07
C ALA A 123 3.07 35.15 -10.83
N GLY A 1 7.94 -10.44 -9.89
CA GLY A 1 9.17 -11.04 -9.42
C GLY A 1 9.45 -10.74 -7.97
N ASN A 2 8.43 -10.87 -7.14
CA ASN A 2 8.56 -10.62 -5.71
C ASN A 2 7.37 -11.18 -4.93
N ASP A 3 7.63 -12.17 -4.09
CA ASP A 3 6.58 -12.79 -3.29
C ASP A 3 7.18 -13.59 -2.13
N SER A 4 7.19 -12.99 -0.94
CA SER A 4 7.73 -13.65 0.24
C SER A 4 7.25 -12.96 1.51
N LYS A 5 7.22 -13.70 2.61
CA LYS A 5 6.78 -13.17 3.89
C LYS A 5 7.87 -13.32 4.94
N LYS A 6 8.45 -14.52 5.01
CA LYS A 6 9.51 -14.80 5.97
C LYS A 6 9.02 -14.59 7.41
N PHE A 7 7.77 -14.94 7.65
CA PHE A 7 7.17 -14.79 8.98
C PHE A 7 6.35 -16.02 9.35
N LYS A 8 7.02 -17.03 9.90
CA LYS A 8 6.35 -18.26 10.30
C LYS A 8 5.27 -17.98 11.34
N GLY A 9 4.15 -18.70 11.25
CA GLY A 9 3.07 -18.51 12.19
C GLY A 9 1.72 -18.93 11.61
N ASP A 10 1.27 -20.12 11.99
CA ASP A 10 0.00 -20.64 11.51
C ASP A 10 0.00 -20.75 9.99
N SER A 11 -1.14 -21.17 9.43
CA SER A 11 -1.27 -21.32 7.99
C SER A 11 -1.41 -19.96 7.32
N ARG A 12 -2.19 -19.08 7.92
CA ARG A 12 -2.41 -17.74 7.38
C ARG A 12 -2.55 -16.71 8.49
N SER A 13 -1.46 -16.04 8.81
CA SER A 13 -1.46 -15.03 9.87
C SER A 13 -1.56 -13.62 9.28
N ALA A 14 -1.83 -12.65 10.14
CA ALA A 14 -1.96 -11.27 9.70
C ALA A 14 -1.73 -10.30 10.86
N GLY A 15 -0.51 -10.29 11.38
CA GLY A 15 -0.19 -9.41 12.49
C GLY A 15 1.30 -9.18 12.64
N VAL A 16 1.74 -7.95 12.41
CA VAL A 16 3.15 -7.60 12.52
C VAL A 16 3.32 -6.15 12.96
N PRO A 17 4.21 -5.92 13.93
CA PRO A 17 4.49 -4.59 14.46
C PRO A 17 5.23 -3.72 13.46
N SER A 18 4.51 -3.20 12.48
CA SER A 18 5.11 -2.35 11.45
C SER A 18 4.10 -1.31 10.95
N ARG A 19 4.44 -0.63 9.87
CA ARG A 19 3.58 0.38 9.29
C ARG A 19 3.38 0.15 7.79
N VAL A 20 4.43 -0.34 7.14
CA VAL A 20 4.38 -0.61 5.71
C VAL A 20 3.56 -1.87 5.42
N ILE A 21 2.63 -1.76 4.49
CA ILE A 21 1.79 -2.89 4.11
C ILE A 21 2.12 -3.38 2.71
N HIS A 22 1.76 -4.63 2.42
CA HIS A 22 2.01 -5.21 1.11
C HIS A 22 0.73 -5.74 0.49
N ILE A 23 0.33 -5.16 -0.64
CA ILE A 23 -0.88 -5.58 -1.32
C ILE A 23 -0.56 -6.33 -2.61
N ARG A 24 -1.33 -7.37 -2.90
CA ARG A 24 -1.12 -8.17 -4.10
C ARG A 24 -2.44 -8.39 -4.84
N LYS A 25 -2.38 -9.11 -5.95
CA LYS A 25 -3.56 -9.39 -6.75
C LYS A 25 -4.29 -8.10 -7.13
N LEU A 26 -3.53 -7.04 -7.36
CA LEU A 26 -4.10 -5.75 -7.72
C LEU A 26 -4.65 -5.78 -9.15
N PRO A 27 -5.61 -4.88 -9.42
CA PRO A 27 -6.24 -4.78 -10.74
C PRO A 27 -5.29 -4.24 -11.80
N ILE A 28 -5.43 -4.73 -13.03
CA ILE A 28 -4.58 -4.29 -14.13
C ILE A 28 -4.60 -2.76 -14.26
N ASP A 29 -5.72 -2.16 -13.89
CA ASP A 29 -5.87 -0.71 -13.97
C ASP A 29 -5.76 -0.08 -12.59
N VAL A 30 -4.99 -0.71 -11.70
CA VAL A 30 -4.80 -0.22 -10.34
C VAL A 30 -4.12 1.14 -10.36
N THR A 31 -4.58 2.03 -9.49
CA THR A 31 -4.02 3.37 -9.39
C THR A 31 -3.65 3.72 -7.95
N GLU A 32 -2.89 4.79 -7.78
CA GLU A 32 -2.47 5.23 -6.45
C GLU A 32 -3.67 5.56 -5.58
N GLY A 33 -4.62 6.31 -6.14
CA GLY A 33 -5.81 6.69 -5.39
C GLY A 33 -6.49 5.49 -4.75
N GLU A 34 -6.37 4.33 -5.39
CA GLU A 34 -6.99 3.12 -4.87
C GLU A 34 -6.12 2.50 -3.78
N VAL A 35 -4.87 2.22 -4.10
CA VAL A 35 -3.94 1.62 -3.15
C VAL A 35 -3.84 2.47 -1.88
N ILE A 36 -3.55 3.75 -2.06
CA ILE A 36 -3.43 4.67 -0.94
C ILE A 36 -4.71 4.73 -0.13
N SER A 37 -5.85 4.69 -0.81
CA SER A 37 -7.15 4.74 -0.16
C SER A 37 -7.31 3.58 0.81
N LEU A 38 -6.63 2.47 0.52
CA LEU A 38 -6.69 1.29 1.37
C LEU A 38 -6.31 1.62 2.81
N GLY A 39 -5.49 2.66 2.96
CA GLY A 39 -5.08 3.07 4.30
C GLY A 39 -5.34 4.53 4.56
N LEU A 40 -6.27 5.11 3.81
CA LEU A 40 -6.61 6.53 3.97
C LEU A 40 -7.47 6.74 5.21
N PRO A 41 -8.62 6.06 5.26
CA PRO A 41 -9.55 6.17 6.39
C PRO A 41 -9.00 5.49 7.64
N PHE A 42 -8.06 4.57 7.46
CA PHE A 42 -7.46 3.86 8.57
C PHE A 42 -6.34 4.68 9.21
N GLY A 43 -5.64 5.45 8.38
CA GLY A 43 -4.55 6.27 8.88
C GLY A 43 -4.17 7.37 7.92
N LYS A 44 -2.89 7.43 7.56
CA LYS A 44 -2.40 8.45 6.63
C LYS A 44 -1.21 7.93 5.84
N VAL A 45 -1.47 7.40 4.65
CA VAL A 45 -0.42 6.87 3.81
C VAL A 45 0.67 7.91 3.57
N THR A 46 1.93 7.48 3.68
CA THR A 46 3.06 8.38 3.49
C THR A 46 3.85 8.00 2.24
N ASN A 47 3.94 6.70 1.97
CA ASN A 47 4.66 6.20 0.82
C ASN A 47 3.78 5.28 -0.02
N LEU A 48 4.21 5.01 -1.26
CA LEU A 48 3.46 4.15 -2.16
C LEU A 48 4.34 3.71 -3.33
N LEU A 49 4.90 2.50 -3.21
CA LEU A 49 5.75 1.96 -4.27
C LEU A 49 4.99 1.84 -5.58
N MET A 50 3.89 1.10 -5.56
CA MET A 50 3.07 0.91 -6.75
C MET A 50 3.83 0.12 -7.81
N LEU A 51 3.32 -1.05 -8.15
CA LEU A 51 3.95 -1.90 -9.16
C LEU A 51 2.96 -2.26 -10.27
N LYS A 52 2.75 -1.34 -11.20
CA LYS A 52 1.84 -1.56 -12.31
C LYS A 52 2.11 -2.90 -12.97
N GLY A 53 3.31 -3.06 -13.52
CA GLY A 53 3.68 -4.29 -14.18
C GLY A 53 3.98 -5.40 -13.20
N LYS A 54 2.97 -5.81 -12.43
CA LYS A 54 3.14 -6.87 -11.45
C LYS A 54 1.86 -7.07 -10.64
N ASN A 55 1.06 -6.01 -10.53
CA ASN A 55 -0.18 -6.07 -9.78
C ASN A 55 0.08 -6.10 -8.28
N GLN A 56 0.87 -5.15 -7.81
CA GLN A 56 1.20 -5.07 -6.39
C GLN A 56 1.50 -3.64 -5.97
N ALA A 57 1.53 -3.40 -4.67
CA ALA A 57 1.80 -2.06 -4.14
C ALA A 57 1.98 -2.10 -2.63
N PHE A 58 2.63 -1.07 -2.09
CA PHE A 58 2.87 -0.99 -0.65
C PHE A 58 2.31 0.32 -0.08
N ILE A 59 2.07 0.33 1.22
CA ILE A 59 1.54 1.51 1.89
C ILE A 59 2.22 1.74 3.23
N GLU A 60 3.06 2.78 3.28
CA GLU A 60 3.79 3.12 4.49
C GLU A 60 2.97 4.07 5.37
N MET A 61 2.20 3.50 6.28
CA MET A 61 1.37 4.30 7.18
C MET A 61 2.23 5.18 8.08
N ASN A 62 1.60 6.16 8.71
CA ASN A 62 2.31 7.08 9.60
C ASN A 62 2.57 6.44 10.95
N THR A 63 1.64 5.59 11.40
CA THR A 63 1.78 4.91 12.67
C THR A 63 1.46 3.43 12.55
N GLU A 64 1.95 2.63 13.49
CA GLU A 64 1.71 1.20 13.48
C GLU A 64 0.22 0.88 13.62
N GLU A 65 -0.46 1.65 14.46
CA GLU A 65 -1.90 1.45 14.67
C GLU A 65 -2.65 1.42 13.35
N ALA A 66 -2.47 2.47 12.55
CA ALA A 66 -3.13 2.57 11.26
C ALA A 66 -2.92 1.30 10.44
N ALA A 67 -1.67 0.88 10.32
CA ALA A 67 -1.34 -0.33 9.56
C ALA A 67 -1.93 -1.56 10.21
N ASN A 68 -2.10 -1.51 11.52
CA ASN A 68 -2.66 -2.64 12.27
C ASN A 68 -4.19 -2.54 12.34
N THR A 69 -4.75 -1.66 11.51
CA THR A 69 -6.20 -1.48 11.49
C THR A 69 -6.78 -1.89 10.13
N MET A 70 -5.99 -1.70 9.08
CA MET A 70 -6.43 -2.05 7.73
C MET A 70 -6.10 -3.51 7.43
N VAL A 71 -4.94 -3.95 7.89
CA VAL A 71 -4.50 -5.33 7.66
C VAL A 71 -5.24 -6.31 8.57
N ASN A 72 -5.67 -5.81 9.73
CA ASN A 72 -6.39 -6.63 10.69
C ASN A 72 -7.88 -6.65 10.38
N TYR A 73 -8.34 -5.64 9.66
CA TYR A 73 -9.76 -5.53 9.30
C TYR A 73 -10.02 -6.22 7.96
N TYR A 74 -9.25 -5.84 6.94
CA TYR A 74 -9.40 -6.40 5.61
C TYR A 74 -9.21 -7.92 5.64
N THR A 75 -8.39 -8.39 6.57
CA THR A 75 -8.12 -9.81 6.71
C THR A 75 -9.42 -10.61 6.74
N SER A 76 -10.48 -10.00 7.24
CA SER A 76 -11.78 -10.65 7.34
C SER A 76 -12.65 -10.31 6.13
N VAL A 77 -12.45 -9.12 5.58
CA VAL A 77 -13.21 -8.66 4.42
C VAL A 77 -12.40 -8.79 3.15
N THR A 78 -12.85 -8.12 2.09
CA THR A 78 -12.17 -8.17 0.81
C THR A 78 -12.23 -6.82 0.10
N PRO A 79 -11.14 -6.04 0.20
CA PRO A 79 -11.04 -4.72 -0.43
C PRO A 79 -10.98 -4.80 -1.94
N VAL A 80 -12.13 -4.96 -2.57
CA VAL A 80 -12.22 -5.05 -4.03
C VAL A 80 -11.85 -3.71 -4.68
N LEU A 81 -11.07 -3.78 -5.75
CA LEU A 81 -10.65 -2.58 -6.47
C LEU A 81 -10.84 -2.75 -7.97
N ARG A 82 -11.62 -1.87 -8.58
CA ARG A 82 -11.88 -1.93 -10.01
C ARG A 82 -12.59 -3.22 -10.39
N GLY A 83 -13.41 -3.73 -9.47
CA GLY A 83 -14.14 -4.95 -9.73
C GLY A 83 -13.26 -6.18 -9.64
N GLN A 84 -12.33 -6.17 -8.69
CA GLN A 84 -11.41 -7.29 -8.51
C GLN A 84 -10.81 -7.27 -7.11
N PRO A 85 -10.88 -8.42 -6.42
CA PRO A 85 -10.34 -8.56 -5.05
C PRO A 85 -8.81 -8.52 -5.03
N ILE A 86 -8.26 -7.99 -3.95
CA ILE A 86 -6.81 -7.90 -3.80
C ILE A 86 -6.34 -8.62 -2.54
N TYR A 87 -5.06 -8.47 -2.23
CA TYR A 87 -4.49 -9.11 -1.05
C TYR A 87 -4.01 -8.06 -0.05
N ILE A 88 -4.09 -8.41 1.24
CA ILE A 88 -3.68 -7.50 2.31
C ILE A 88 -2.82 -8.23 3.33
N GLN A 89 -1.63 -7.68 3.59
CA GLN A 89 -0.71 -8.27 4.55
C GLN A 89 0.49 -7.35 4.79
N PHE A 90 0.90 -7.23 6.05
CA PHE A 90 2.04 -6.39 6.40
C PHE A 90 3.26 -6.73 5.54
N SER A 91 3.92 -5.69 5.04
CA SER A 91 5.10 -5.88 4.19
C SER A 91 6.32 -6.25 5.03
N ASN A 92 7.38 -6.69 4.36
CA ASN A 92 8.60 -7.08 5.05
C ASN A 92 9.74 -6.10 4.75
N HIS A 93 9.38 -4.83 4.62
CA HIS A 93 10.37 -3.79 4.34
C HIS A 93 10.40 -2.75 5.46
N LYS A 94 9.22 -2.28 5.86
CA LYS A 94 9.11 -1.29 6.92
C LYS A 94 9.94 -0.05 6.59
N GLU A 95 10.01 0.27 5.30
CA GLU A 95 10.78 1.44 4.86
C GLU A 95 10.61 1.64 3.35
N LEU A 96 9.42 2.05 2.94
CA LEU A 96 9.14 2.28 1.52
C LEU A 96 9.95 3.46 0.99
N LYS A 97 10.76 3.21 -0.02
CA LYS A 97 11.59 4.24 -0.62
C LYS A 97 11.88 3.93 -2.09
N THR A 98 11.19 4.64 -2.98
CA THR A 98 11.38 4.43 -4.42
C THR A 98 12.29 5.50 -5.02
N ASP A 99 12.95 5.15 -6.11
CA ASP A 99 13.85 6.09 -6.78
C ASP A 99 13.35 6.42 -8.18
N SER A 100 14.19 7.08 -8.97
CA SER A 100 13.83 7.47 -10.32
C SER A 100 13.33 6.27 -11.11
N SER A 101 12.29 6.50 -11.92
CA SER A 101 11.71 5.43 -12.73
C SER A 101 10.56 5.97 -13.57
N PRO A 102 10.20 5.22 -14.63
CA PRO A 102 9.12 5.60 -15.55
C PRO A 102 7.74 5.49 -14.88
N ASN A 103 7.60 4.52 -13.99
CA ASN A 103 6.34 4.31 -13.28
C ASN A 103 6.42 4.84 -11.85
N GLN A 104 7.10 5.97 -11.69
CA GLN A 104 7.25 6.58 -10.37
C GLN A 104 6.93 8.07 -10.43
N ALA A 105 7.38 8.73 -11.49
CA ALA A 105 7.15 10.16 -11.67
C ALA A 105 5.66 10.49 -11.53
N ARG A 106 4.82 9.65 -12.13
CA ARG A 106 3.38 9.84 -12.08
C ARG A 106 2.84 9.63 -10.67
N ALA A 107 3.43 8.67 -9.96
CA ALA A 107 3.02 8.36 -8.60
C ALA A 107 3.01 9.62 -7.73
N GLN A 108 4.07 10.41 -7.84
CA GLN A 108 4.18 11.65 -7.06
C GLN A 108 2.94 12.51 -7.23
N ALA A 109 2.38 12.50 -8.44
CA ALA A 109 1.19 13.29 -8.74
C ALA A 109 0.07 12.98 -7.76
N ALA A 110 -0.43 11.75 -7.81
CA ALA A 110 -1.51 11.33 -6.92
C ALA A 110 -1.13 11.54 -5.46
N LEU A 111 0.02 11.01 -5.07
CA LEU A 111 0.50 11.14 -3.71
C LEU A 111 0.48 12.60 -3.25
N GLN A 112 0.77 13.51 -4.18
CA GLN A 112 0.78 14.93 -3.87
C GLN A 112 -0.64 15.49 -3.84
N ALA A 113 -1.49 14.97 -4.72
CA ALA A 113 -2.88 15.42 -4.79
C ALA A 113 -3.58 15.21 -3.45
N VAL A 114 -3.34 14.06 -2.83
CA VAL A 114 -3.95 13.74 -1.55
C VAL A 114 -3.67 14.83 -0.51
N ASN A 115 -2.47 15.40 -0.57
CA ASN A 115 -2.07 16.45 0.35
C ASN A 115 -2.90 17.72 0.13
N SER A 116 -2.69 18.35 -1.01
CA SER A 116 -3.41 19.58 -1.35
C SER A 116 -2.99 20.10 -2.72
N VAL A 117 -3.35 19.35 -3.77
CA VAL A 117 -3.01 19.74 -5.13
C VAL A 117 -4.07 19.25 -6.11
N GLN A 118 -4.33 20.05 -7.14
CA GLN A 118 -5.32 19.69 -8.15
C GLN A 118 -5.08 20.47 -9.44
N SER A 119 -4.14 20.00 -10.25
CA SER A 119 -3.82 20.65 -11.51
C SER A 119 -2.85 19.82 -12.33
N GLY A 120 -3.05 19.79 -13.64
CA GLY A 120 -2.18 19.02 -14.51
C GLY A 120 -2.57 17.55 -14.58
N ASN A 121 -2.55 16.99 -15.77
CA ASN A 121 -2.91 15.59 -15.97
C ASN A 121 -2.38 15.08 -17.31
N LEU A 122 -1.20 15.54 -17.70
CA LEU A 122 -0.59 15.13 -18.96
C LEU A 122 0.85 15.62 -19.05
N ALA A 123 1.75 14.74 -19.49
CA ALA A 123 3.15 15.08 -19.62
C ALA A 123 3.90 14.01 -20.41
N GLY A 1 9.85 -12.34 -10.59
CA GLY A 1 8.59 -13.06 -10.64
C GLY A 1 8.62 -14.36 -9.88
N ASN A 2 8.19 -14.33 -8.63
CA ASN A 2 8.16 -15.52 -7.79
C ASN A 2 7.40 -15.27 -6.49
N ASP A 3 6.98 -16.35 -5.84
CA ASP A 3 6.24 -16.24 -4.60
C ASP A 3 7.17 -16.32 -3.40
N SER A 4 7.10 -15.32 -2.52
CA SER A 4 7.94 -15.28 -1.33
C SER A 4 7.10 -15.08 -0.07
N LYS A 5 7.50 -15.74 1.01
CA LYS A 5 6.78 -15.65 2.27
C LYS A 5 7.70 -15.99 3.43
N LYS A 6 7.62 -15.20 4.50
CA LYS A 6 8.44 -15.42 5.69
C LYS A 6 7.83 -14.73 6.91
N PHE A 7 8.43 -14.97 8.08
CA PHE A 7 7.95 -14.37 9.31
C PHE A 7 6.53 -14.83 9.62
N LYS A 8 6.41 -15.75 10.56
CA LYS A 8 5.11 -16.28 10.96
C LYS A 8 4.44 -15.36 11.98
N GLY A 9 3.12 -15.52 12.15
CA GLY A 9 2.38 -14.70 13.08
C GLY A 9 2.32 -15.32 14.47
N ASP A 10 1.80 -14.56 15.43
CA ASP A 10 1.68 -15.04 16.80
C ASP A 10 0.29 -15.62 17.05
N SER A 11 -0.70 -14.75 17.17
CA SER A 11 -2.07 -15.17 17.42
C SER A 11 -2.50 -16.22 16.40
N ARG A 12 -2.71 -15.78 15.16
CA ARG A 12 -3.13 -16.68 14.09
C ARG A 12 -2.41 -16.33 12.78
N SER A 13 -2.66 -15.14 12.27
CA SER A 13 -2.05 -14.69 11.02
C SER A 13 -2.42 -13.24 10.72
N ALA A 14 -1.70 -12.64 9.78
CA ALA A 14 -1.95 -11.26 9.39
C ALA A 14 -1.73 -10.31 10.57
N GLY A 15 -0.51 -10.30 11.08
CA GLY A 15 -0.18 -9.43 12.20
C GLY A 15 1.31 -9.21 12.34
N VAL A 16 1.74 -7.96 12.12
CA VAL A 16 3.15 -7.62 12.22
C VAL A 16 3.33 -6.17 12.68
N PRO A 17 4.22 -5.96 13.65
CA PRO A 17 4.51 -4.63 14.19
C PRO A 17 5.25 -3.74 13.20
N SER A 18 4.52 -3.21 12.23
CA SER A 18 5.10 -2.35 11.20
C SER A 18 4.10 -1.31 10.74
N ARG A 19 4.45 -0.59 9.67
CA ARG A 19 3.59 0.45 9.12
C ARG A 19 3.36 0.23 7.63
N VAL A 20 4.39 -0.26 6.95
CA VAL A 20 4.31 -0.51 5.52
C VAL A 20 3.52 -1.77 5.23
N ILE A 21 2.61 -1.69 4.27
CA ILE A 21 1.79 -2.84 3.89
C ILE A 21 2.10 -3.30 2.47
N HIS A 22 1.75 -4.55 2.17
CA HIS A 22 2.00 -5.10 0.84
C HIS A 22 0.72 -5.69 0.25
N ILE A 23 0.20 -5.05 -0.78
CA ILE A 23 -1.02 -5.50 -1.44
C ILE A 23 -0.70 -6.22 -2.74
N ARG A 24 -1.32 -7.38 -2.94
CA ARG A 24 -1.10 -8.17 -4.14
C ARG A 24 -2.42 -8.39 -4.89
N LYS A 25 -2.34 -9.08 -6.02
CA LYS A 25 -3.52 -9.36 -6.83
C LYS A 25 -4.22 -8.07 -7.23
N LEU A 26 -3.44 -7.02 -7.48
CA LEU A 26 -3.99 -5.74 -7.88
C LEU A 26 -4.48 -5.78 -9.32
N PRO A 27 -5.47 -4.93 -9.63
CA PRO A 27 -6.04 -4.85 -10.99
C PRO A 27 -5.07 -4.23 -11.98
N ILE A 28 -5.27 -4.55 -13.27
CA ILE A 28 -4.42 -4.02 -14.32
C ILE A 28 -4.53 -2.50 -14.42
N ASP A 29 -5.70 -1.98 -14.08
CA ASP A 29 -5.93 -0.54 -14.12
C ASP A 29 -5.82 0.07 -12.73
N VAL A 30 -5.00 -0.54 -11.89
CA VAL A 30 -4.81 -0.06 -10.52
C VAL A 30 -4.08 1.28 -10.52
N THR A 31 -4.55 2.19 -9.66
CA THR A 31 -3.94 3.51 -9.55
C THR A 31 -3.52 3.81 -8.11
N GLU A 32 -2.70 4.83 -7.94
CA GLU A 32 -2.22 5.22 -6.62
C GLU A 32 -3.38 5.66 -5.74
N GLY A 33 -4.23 6.54 -6.26
CA GLY A 33 -5.37 7.02 -5.51
C GLY A 33 -6.17 5.89 -4.89
N GLU A 34 -6.17 4.74 -5.55
CA GLU A 34 -6.91 3.58 -5.06
C GLU A 34 -6.16 2.90 -3.92
N VAL A 35 -4.92 2.50 -4.21
CA VAL A 35 -4.08 1.83 -3.21
C VAL A 35 -3.98 2.66 -1.93
N ILE A 36 -3.69 3.95 -2.08
CA ILE A 36 -3.57 4.84 -0.94
C ILE A 36 -4.87 4.87 -0.13
N SER A 37 -6.00 4.85 -0.83
CA SER A 37 -7.29 4.89 -0.18
C SER A 37 -7.46 3.69 0.76
N LEU A 38 -6.79 2.60 0.44
CA LEU A 38 -6.86 1.38 1.25
C LEU A 38 -6.48 1.68 2.69
N GLY A 39 -5.65 2.70 2.89
CA GLY A 39 -5.23 3.06 4.23
C GLY A 39 -5.53 4.51 4.55
N LEU A 40 -6.46 5.11 3.81
CA LEU A 40 -6.83 6.50 4.02
C LEU A 40 -7.68 6.65 5.29
N PRO A 41 -8.83 5.95 5.31
CA PRO A 41 -9.75 5.99 6.45
C PRO A 41 -9.18 5.28 7.68
N PHE A 42 -8.18 4.43 7.46
CA PHE A 42 -7.55 3.70 8.54
C PHE A 42 -6.45 4.52 9.19
N GLY A 43 -5.78 5.34 8.39
CA GLY A 43 -4.71 6.18 8.91
C GLY A 43 -4.35 7.31 7.97
N LYS A 44 -3.06 7.42 7.65
CA LYS A 44 -2.58 8.46 6.74
C LYS A 44 -1.39 7.96 5.92
N VAL A 45 -1.68 7.45 4.73
CA VAL A 45 -0.63 6.95 3.84
C VAL A 45 0.44 8.00 3.61
N THR A 46 1.70 7.59 3.67
CA THR A 46 2.82 8.49 3.46
C THR A 46 3.60 8.13 2.21
N ASN A 47 3.72 6.83 1.94
CA ASN A 47 4.44 6.35 0.77
C ASN A 47 3.57 5.38 -0.04
N LEU A 48 4.13 4.88 -1.14
CA LEU A 48 3.41 3.96 -2.01
C LEU A 48 4.32 3.39 -3.08
N LEU A 49 4.74 2.14 -2.91
CA LEU A 49 5.62 1.49 -3.88
C LEU A 49 4.81 0.74 -4.92
N MET A 50 4.14 1.47 -5.80
CA MET A 50 3.32 0.87 -6.85
C MET A 50 4.17 -0.07 -7.71
N LEU A 51 3.67 -1.28 -7.92
CA LEU A 51 4.38 -2.27 -8.74
C LEU A 51 3.46 -2.85 -9.81
N LYS A 52 2.91 -1.99 -10.65
CA LYS A 52 2.03 -2.41 -11.72
C LYS A 52 2.65 -3.55 -12.53
N GLY A 53 3.97 -3.55 -12.62
CA GLY A 53 4.66 -4.59 -13.36
C GLY A 53 4.25 -5.98 -12.92
N LYS A 54 3.98 -6.14 -11.63
CA LYS A 54 3.59 -7.44 -11.08
C LYS A 54 2.26 -7.31 -10.33
N ASN A 55 1.45 -6.33 -10.72
CA ASN A 55 0.16 -6.11 -10.08
C ASN A 55 0.29 -6.14 -8.56
N GLN A 56 1.03 -5.16 -8.02
CA GLN A 56 1.22 -5.07 -6.58
C GLN A 56 1.41 -3.62 -6.15
N ALA A 57 1.41 -3.39 -4.83
CA ALA A 57 1.57 -2.05 -4.29
C ALA A 57 1.83 -2.09 -2.79
N PHE A 58 2.27 -0.97 -2.24
CA PHE A 58 2.56 -0.88 -0.81
C PHE A 58 1.99 0.42 -0.22
N ILE A 59 1.88 0.45 1.10
CA ILE A 59 1.35 1.63 1.78
C ILE A 59 2.06 1.85 3.12
N GLU A 60 2.84 2.92 3.19
CA GLU A 60 3.57 3.24 4.41
C GLU A 60 2.76 4.18 5.29
N MET A 61 2.05 3.60 6.26
CA MET A 61 1.22 4.38 7.17
C MET A 61 2.10 5.26 8.07
N ASN A 62 1.49 6.27 8.67
CA ASN A 62 2.21 7.18 9.56
C ASN A 62 2.55 6.50 10.88
N THR A 63 1.66 5.63 11.34
CA THR A 63 1.86 4.91 12.58
C THR A 63 1.57 3.42 12.42
N GLU A 64 2.03 2.62 13.37
CA GLU A 64 1.82 1.19 13.33
C GLU A 64 0.34 0.85 13.49
N GLU A 65 -0.34 1.57 14.38
CA GLU A 65 -1.76 1.35 14.63
C GLU A 65 -2.55 1.37 13.32
N ALA A 66 -2.41 2.44 12.56
CA ALA A 66 -3.10 2.59 11.30
C ALA A 66 -2.91 1.35 10.41
N ALA A 67 -1.65 0.95 10.25
CA ALA A 67 -1.32 -0.22 9.44
C ALA A 67 -1.89 -1.50 10.07
N ASN A 68 -2.03 -1.49 11.39
CA ASN A 68 -2.55 -2.64 12.11
C ASN A 68 -4.08 -2.59 12.19
N THR A 69 -4.67 -1.69 11.42
CA THR A 69 -6.12 -1.54 11.39
C THR A 69 -6.71 -1.96 10.05
N MET A 70 -5.92 -1.78 9.00
CA MET A 70 -6.36 -2.14 7.65
C MET A 70 -5.99 -3.59 7.33
N VAL A 71 -4.80 -4.01 7.74
CA VAL A 71 -4.33 -5.36 7.50
C VAL A 71 -5.00 -6.35 8.46
N ASN A 72 -5.44 -5.85 9.61
CA ASN A 72 -6.08 -6.69 10.61
C ASN A 72 -7.58 -6.77 10.36
N TYR A 73 -8.12 -5.77 9.67
CA TYR A 73 -9.54 -5.72 9.36
C TYR A 73 -9.84 -6.42 8.03
N TYR A 74 -9.12 -6.02 6.99
CA TYR A 74 -9.30 -6.60 5.67
C TYR A 74 -9.05 -8.11 5.70
N THR A 75 -8.20 -8.54 6.62
CA THR A 75 -7.87 -9.96 6.76
C THR A 75 -9.13 -10.81 6.82
N SER A 76 -10.21 -10.22 7.36
CA SER A 76 -11.47 -10.93 7.50
C SER A 76 -12.40 -10.62 6.32
N VAL A 77 -12.27 -9.40 5.79
CA VAL A 77 -13.09 -8.97 4.66
C VAL A 77 -12.32 -9.05 3.36
N THR A 78 -12.82 -8.38 2.32
CA THR A 78 -12.17 -8.38 1.02
C THR A 78 -12.35 -7.03 0.32
N PRO A 79 -11.28 -6.22 0.33
CA PRO A 79 -11.29 -4.89 -0.30
C PRO A 79 -11.33 -4.98 -1.82
N VAL A 80 -12.52 -4.71 -2.38
CA VAL A 80 -12.70 -4.75 -3.83
C VAL A 80 -12.26 -3.44 -4.48
N LEU A 81 -11.29 -3.53 -5.39
CA LEU A 81 -10.79 -2.35 -6.09
C LEU A 81 -10.95 -2.50 -7.59
N ARG A 82 -11.60 -1.51 -8.21
CA ARG A 82 -11.82 -1.53 -9.65
C ARG A 82 -12.72 -2.69 -10.05
N GLY A 83 -13.51 -3.17 -9.09
CA GLY A 83 -14.41 -4.28 -9.36
C GLY A 83 -13.72 -5.62 -9.27
N GLN A 84 -12.79 -5.75 -8.32
CA GLN A 84 -12.05 -7.00 -8.15
C GLN A 84 -11.34 -7.01 -6.80
N PRO A 85 -11.31 -8.19 -6.16
CA PRO A 85 -10.66 -8.36 -4.86
C PRO A 85 -9.13 -8.26 -4.95
N ILE A 86 -8.48 -8.18 -3.80
CA ILE A 86 -7.03 -8.09 -3.76
C ILE A 86 -6.47 -8.77 -2.52
N TYR A 87 -5.16 -8.66 -2.32
CA TYR A 87 -4.50 -9.26 -1.17
C TYR A 87 -4.01 -8.20 -0.19
N ILE A 88 -4.08 -8.51 1.10
CA ILE A 88 -3.65 -7.57 2.13
C ILE A 88 -2.74 -8.26 3.15
N GLN A 89 -1.57 -7.68 3.38
CA GLN A 89 -0.61 -8.24 4.33
C GLN A 89 0.57 -7.29 4.53
N PHE A 90 0.98 -7.14 5.78
CA PHE A 90 2.11 -6.25 6.11
C PHE A 90 3.31 -6.55 5.21
N SER A 91 4.15 -5.54 5.02
CA SER A 91 5.33 -5.68 4.18
C SER A 91 6.59 -5.83 5.03
N ASN A 92 6.41 -6.23 6.28
CA ASN A 92 7.53 -6.40 7.21
C ASN A 92 8.46 -5.20 7.16
N HIS A 93 7.88 -4.01 6.97
CA HIS A 93 8.66 -2.79 6.90
C HIS A 93 7.91 -1.63 7.55
N LYS A 94 8.65 -0.64 8.04
CA LYS A 94 8.06 0.52 8.68
C LYS A 94 8.27 1.78 7.85
N GLU A 95 9.43 1.86 7.20
CA GLU A 95 9.76 3.01 6.36
C GLU A 95 10.20 2.56 4.97
N LEU A 96 9.49 3.06 3.95
CA LEU A 96 9.81 2.72 2.57
C LEU A 96 10.91 3.61 2.02
N LYS A 97 11.94 3.00 1.44
CA LYS A 97 13.06 3.75 0.87
C LYS A 97 13.22 3.43 -0.61
N THR A 98 12.70 4.32 -1.47
CA THR A 98 12.79 4.13 -2.91
C THR A 98 13.81 5.08 -3.52
N ASP A 99 14.27 4.77 -4.73
CA ASP A 99 15.24 5.60 -5.42
C ASP A 99 14.67 6.10 -6.76
N SER A 100 15.51 6.77 -7.53
CA SER A 100 15.10 7.30 -8.82
C SER A 100 14.51 6.20 -9.70
N SER A 101 13.33 6.45 -10.24
CA SER A 101 12.65 5.48 -11.11
C SER A 101 11.45 6.11 -11.80
N PRO A 102 11.01 5.48 -12.89
CA PRO A 102 9.85 5.95 -13.67
C PRO A 102 8.53 5.80 -12.91
N ASN A 103 8.33 4.62 -12.34
CA ASN A 103 7.11 4.35 -11.59
C ASN A 103 7.01 5.25 -10.36
N GLN A 104 8.10 5.35 -9.61
CA GLN A 104 8.14 6.18 -8.42
C GLN A 104 7.72 7.61 -8.74
N ALA A 105 8.14 8.11 -9.89
CA ALA A 105 7.80 9.46 -10.32
C ALA A 105 6.29 9.66 -10.35
N ARG A 106 5.61 8.82 -11.11
CA ARG A 106 4.15 8.92 -11.23
C ARG A 106 3.49 8.89 -9.86
N ALA A 107 3.93 7.97 -9.01
CA ALA A 107 3.39 7.84 -7.67
C ALA A 107 3.43 9.17 -6.92
N GLN A 108 4.54 9.89 -7.08
CA GLN A 108 4.71 11.18 -6.42
C GLN A 108 3.54 12.11 -6.74
N ALA A 109 3.05 12.02 -7.97
CA ALA A 109 1.93 12.86 -8.40
C ALA A 109 0.76 12.76 -7.43
N ALA A 110 0.18 11.57 -7.33
CA ALA A 110 -0.95 11.34 -6.43
C ALA A 110 -0.62 11.81 -5.02
N LEU A 111 0.54 11.42 -4.52
CA LEU A 111 0.97 11.79 -3.18
C LEU A 111 0.98 13.30 -3.02
N GLN A 112 1.38 14.01 -4.07
CA GLN A 112 1.43 15.46 -4.05
C GLN A 112 0.04 16.06 -3.84
N ALA A 113 -0.94 15.50 -4.54
CA ALA A 113 -2.31 15.98 -4.43
C ALA A 113 -2.79 15.97 -2.98
N VAL A 114 -2.56 14.85 -2.29
CA VAL A 114 -2.97 14.74 -0.90
C VAL A 114 -2.21 15.71 -0.02
N ASN A 115 -0.88 15.67 -0.10
CA ASN A 115 -0.04 16.56 0.69
C ASN A 115 1.07 17.17 -0.17
N SER A 116 1.46 18.40 0.16
CA SER A 116 2.51 19.09 -0.57
C SER A 116 2.12 19.23 -2.04
N VAL A 117 1.43 20.32 -2.37
CA VAL A 117 1.01 20.57 -3.74
C VAL A 117 1.37 21.98 -4.18
N GLN A 118 1.91 22.11 -5.38
CA GLN A 118 2.30 23.42 -5.91
C GLN A 118 1.80 23.58 -7.35
N SER A 119 2.41 22.84 -8.27
CA SER A 119 2.03 22.91 -9.68
C SER A 119 1.53 21.55 -10.18
N GLY A 120 0.78 21.58 -11.27
CA GLY A 120 0.25 20.35 -11.84
C GLY A 120 1.02 19.91 -13.08
N ASN A 121 0.32 19.89 -14.22
CA ASN A 121 0.94 19.49 -15.48
C ASN A 121 0.13 20.00 -16.66
N LEU A 122 0.76 20.03 -17.83
CA LEU A 122 0.11 20.49 -19.04
C LEU A 122 -0.28 19.32 -19.94
N ALA A 123 -1.08 18.41 -19.39
CA ALA A 123 -1.52 17.24 -20.14
C ALA A 123 -3.04 17.21 -20.27
#